data_6X1K
#
_entry.id   6X1K
#
_entity_poly.entity_id   1
_entity_poly.type   'polypeptide(L)'
_entity_poly.pdbx_seq_one_letter_code
;MQDGPGTLDVFVAAGWNTDNTIEITGGATYQLSPYIMVKAGYGWNNSSLNRFEFGGGLQYKVTPDLEPYAWAGATYNTDN
TLVPAAGAGFRYKVSPEVKLVVEYGWNNSSLQFLQAGLSYRIQP
;
_entity_poly.pdbx_strand_id   A
#
# COMPACT_ATOMS: atom_id res chain seq x y z
N MET A 1 -3.28 -29.09 2.30
CA MET A 1 -3.51 -27.77 2.94
C MET A 1 -2.28 -27.40 3.77
N GLN A 2 -1.80 -26.17 3.58
CA GLN A 2 -0.63 -25.70 4.32
C GLN A 2 -0.57 -24.17 4.30
N ASP A 3 -0.84 -23.59 3.14
CA ASP A 3 -0.81 -22.14 3.01
C ASP A 3 -1.90 -21.49 3.87
N GLY A 4 -1.65 -21.42 5.17
CA GLY A 4 -2.60 -20.82 6.09
C GLY A 4 -2.24 -19.38 6.39
N PRO A 5 -2.95 -18.78 7.31
CA PRO A 5 -2.71 -17.36 7.71
C PRO A 5 -1.23 -17.08 7.97
N GLY A 6 -0.83 -15.83 7.74
CA GLY A 6 0.57 -15.45 7.94
C GLY A 6 1.34 -15.42 6.63
N THR A 7 0.60 -15.47 5.52
CA THR A 7 1.22 -15.45 4.21
C THR A 7 1.94 -14.13 3.97
N LEU A 8 3.09 -14.20 3.30
CA LEU A 8 3.87 -13.01 3.00
C LEU A 8 3.84 -12.69 1.51
N ASP A 9 3.74 -11.41 1.18
CA ASP A 9 3.70 -10.99 -0.22
C ASP A 9 4.55 -9.74 -0.43
N VAL A 10 5.18 -9.65 -1.60
CA VAL A 10 6.01 -8.50 -1.92
C VAL A 10 5.32 -7.60 -2.94
N PHE A 11 5.39 -6.30 -2.72
CA PHE A 11 4.75 -5.35 -3.63
C PHE A 11 5.46 -4.00 -3.60
N VAL A 12 5.63 -3.40 -4.77
CA VAL A 12 6.28 -2.11 -4.89
C VAL A 12 5.26 -1.04 -5.26
N ALA A 13 5.54 0.21 -4.92
CA ALA A 13 4.64 1.30 -5.24
C ALA A 13 5.41 2.61 -5.30
N ALA A 14 5.49 3.16 -6.50
CA ALA A 14 6.18 4.43 -6.72
C ALA A 14 5.20 5.47 -7.24
N GLY A 15 5.15 6.62 -6.57
CA GLY A 15 4.24 7.69 -6.97
C GLY A 15 4.93 9.06 -6.88
N TRP A 16 4.15 10.10 -7.12
CA TRP A 16 4.69 11.46 -7.07
C TRP A 16 3.63 12.43 -6.56
N ASN A 17 4.08 13.55 -6.00
CA ASN A 17 3.16 14.56 -5.47
C ASN A 17 3.13 15.78 -6.37
N THR A 18 1.99 16.47 -6.40
CA THR A 18 1.84 17.65 -7.23
C THR A 18 3.03 18.58 -7.06
N ASP A 19 3.71 18.47 -5.92
CA ASP A 19 4.87 19.30 -5.65
C ASP A 19 5.97 19.04 -6.68
N ASN A 20 5.70 18.09 -7.59
CA ASN A 20 6.68 17.76 -8.62
C ASN A 20 7.85 17.00 -8.02
N THR A 21 7.54 15.99 -7.20
CA THR A 21 8.59 15.19 -6.56
C THR A 21 8.23 13.71 -6.62
N ILE A 22 9.23 12.87 -6.87
CA ILE A 22 9.02 11.44 -6.94
C ILE A 22 9.42 10.76 -5.62
N GLU A 23 8.64 9.76 -5.22
CA GLU A 23 8.93 9.04 -3.98
C GLU A 23 8.74 7.54 -4.18
N ILE A 24 9.68 6.76 -3.65
CA ILE A 24 9.60 5.31 -3.78
C ILE A 24 9.06 4.69 -2.50
N THR A 25 8.19 3.70 -2.64
CA THR A 25 7.60 3.02 -1.49
C THR A 25 7.40 1.55 -1.78
N GLY A 26 8.05 0.70 -0.98
CA GLY A 26 7.93 -0.75 -1.15
C GLY A 26 8.03 -1.46 0.19
N GLY A 27 7.71 -2.75 0.19
CA GLY A 27 7.76 -3.54 1.41
C GLY A 27 6.99 -4.85 1.25
N ALA A 28 6.42 -5.33 2.34
CA ALA A 28 5.66 -6.58 2.31
C ALA A 28 4.38 -6.44 3.12
N THR A 29 3.50 -7.43 3.02
CA THR A 29 2.23 -7.41 3.74
C THR A 29 1.93 -8.79 4.32
N TYR A 30 1.19 -8.82 5.42
CA TYR A 30 0.83 -10.08 6.06
C TYR A 30 -0.63 -10.43 5.77
N GLN A 31 -0.85 -11.64 5.26
CA GLN A 31 -2.20 -12.09 4.94
C GLN A 31 -2.75 -12.99 6.05
N LEU A 32 -3.56 -12.41 6.93
CA LEU A 32 -4.14 -13.17 8.02
C LEU A 32 -5.52 -13.70 7.64
N SER A 33 -6.24 -12.93 6.85
CA SER A 33 -7.58 -13.34 6.41
C SER A 33 -8.05 -12.47 5.25
N PRO A 34 -9.04 -12.91 4.52
CA PRO A 34 -9.60 -12.15 3.36
C PRO A 34 -10.35 -10.89 3.81
N TYR A 35 -10.53 -10.76 5.11
CA TYR A 35 -11.24 -9.60 5.66
C TYR A 35 -10.30 -8.40 5.78
N ILE A 36 -9.48 -8.40 6.82
CA ILE A 36 -8.54 -7.31 7.04
C ILE A 36 -7.13 -7.71 6.62
N MET A 37 -6.36 -6.75 6.15
CA MET A 37 -4.98 -7.00 5.71
C MET A 37 -4.02 -6.02 6.36
N VAL A 38 -2.78 -6.46 6.56
CA VAL A 38 -1.76 -5.61 7.17
C VAL A 38 -0.74 -5.15 6.13
N LYS A 39 -0.27 -3.91 6.27
CA LYS A 39 0.69 -3.37 5.33
C LYS A 39 1.79 -2.61 6.08
N ALA A 40 3.04 -2.94 5.80
CA ALA A 40 4.17 -2.29 6.45
C ALA A 40 5.33 -2.14 5.48
N GLY A 41 5.85 -0.92 5.37
CA GLY A 41 6.97 -0.65 4.48
C GLY A 41 7.57 0.72 4.74
N TYR A 42 8.48 1.14 3.88
CA TYR A 42 9.13 2.44 4.03
C TYR A 42 9.36 3.09 2.66
N GLY A 43 9.41 4.42 2.64
CA GLY A 43 9.63 5.14 1.39
C GLY A 43 10.26 6.50 1.65
N TRP A 44 10.98 7.02 0.67
CA TRP A 44 11.63 8.32 0.81
C TRP A 44 12.07 8.85 -0.56
N ASN A 45 12.43 10.12 -0.60
CA ASN A 45 12.86 10.74 -1.84
C ASN A 45 14.39 10.84 -1.89
N ASN A 46 15.06 9.81 -1.39
CA ASN A 46 16.52 9.80 -1.38
C ASN A 46 17.06 11.14 -0.91
N SER A 47 17.03 11.36 0.40
CA SER A 47 17.52 12.61 0.97
C SER A 47 17.44 12.57 2.49
N SER A 48 18.24 11.72 3.11
CA SER A 48 18.25 11.59 4.56
C SER A 48 16.85 11.28 5.07
N LEU A 49 16.74 11.11 6.39
CA LEU A 49 15.46 10.80 7.00
C LEU A 49 14.75 9.68 6.23
N ASN A 50 13.49 9.43 6.59
CA ASN A 50 12.72 8.39 5.92
C ASN A 50 11.25 8.46 6.34
N ARG A 51 10.44 7.58 5.78
CA ARG A 51 9.02 7.55 6.11
C ARG A 51 8.52 6.11 6.23
N PHE A 52 8.07 5.75 7.42
CA PHE A 52 7.57 4.40 7.66
C PHE A 52 6.05 4.39 7.69
N GLU A 53 5.45 3.60 6.81
CA GLU A 53 3.99 3.51 6.74
C GLU A 53 3.49 2.32 7.54
N PHE A 54 2.49 2.55 8.37
CA PHE A 54 1.92 1.48 9.19
C PHE A 54 0.40 1.57 9.22
N GLY A 55 -0.26 0.51 8.76
CA GLY A 55 -1.72 0.48 8.74
C GLY A 55 -2.23 -0.86 8.21
N GLY A 56 -3.39 -0.83 7.56
CA GLY A 56 -3.97 -2.05 7.01
C GLY A 56 -4.75 -1.75 5.73
N GLY A 57 -4.96 -2.79 4.92
CA GLY A 57 -5.69 -2.63 3.66
C GLY A 57 -7.10 -3.18 3.78
N LEU A 58 -7.93 -2.90 2.78
CA LEU A 58 -9.31 -3.36 2.78
C LEU A 58 -9.68 -3.92 1.41
N GLN A 59 -10.25 -5.13 1.41
CA GLN A 59 -10.66 -5.77 0.16
C GLN A 59 -12.04 -6.39 0.31
N TYR A 60 -12.67 -6.72 -0.82
CA TYR A 60 -14.01 -7.32 -0.80
C TYR A 60 -14.05 -8.55 -1.70
N LYS A 61 -15.12 -9.34 -1.56
CA LYS A 61 -15.28 -10.54 -2.36
C LYS A 61 -16.38 -10.35 -3.41
N VAL A 62 -15.98 -10.24 -4.66
CA VAL A 62 -16.94 -10.06 -5.75
C VAL A 62 -16.57 -10.93 -6.95
N THR A 63 -15.30 -10.94 -7.29
CA THR A 63 -14.82 -11.73 -8.42
C THR A 63 -13.50 -12.40 -8.05
N PRO A 64 -13.03 -13.31 -8.86
CA PRO A 64 -11.75 -14.03 -8.59
C PRO A 64 -10.64 -13.09 -8.11
N ASP A 65 -10.86 -11.78 -8.25
CA ASP A 65 -9.88 -10.80 -7.82
C ASP A 65 -10.21 -9.41 -8.36
N LEU A 66 -11.26 -8.81 -7.83
CA LEU A 66 -11.66 -7.47 -8.27
C LEU A 66 -12.48 -6.79 -7.18
N GLU A 67 -11.87 -5.81 -6.51
CA GLU A 67 -12.55 -5.11 -5.44
C GLU A 67 -11.81 -3.82 -5.08
N PRO A 68 -12.49 -2.82 -4.58
CA PRO A 68 -11.85 -1.53 -4.18
C PRO A 68 -10.83 -1.74 -3.08
N TYR A 69 -9.82 -0.87 -3.04
CA TYR A 69 -8.77 -0.97 -2.02
C TYR A 69 -8.74 0.27 -1.15
N ALA A 70 -8.70 0.06 0.17
CA ALA A 70 -8.68 1.17 1.12
C ALA A 70 -7.57 0.96 2.14
N TRP A 71 -6.77 2.00 2.36
CA TRP A 71 -5.67 1.94 3.31
C TRP A 71 -5.74 3.09 4.30
N ALA A 72 -5.58 2.78 5.58
CA ALA A 72 -5.64 3.79 6.62
C ALA A 72 -4.52 3.58 7.64
N GLY A 73 -3.95 4.68 8.13
CA GLY A 73 -2.87 4.60 9.10
C GLY A 73 -2.13 5.92 9.21
N ALA A 74 -0.91 5.88 9.75
CA ALA A 74 -0.12 7.09 9.90
C ALA A 74 1.34 6.83 9.50
N THR A 75 2.04 7.89 9.13
CA THR A 75 3.43 7.77 8.72
C THR A 75 4.36 8.15 9.87
N TYR A 76 5.11 7.16 10.36
CA TYR A 76 6.04 7.39 11.46
C TYR A 76 7.45 7.65 10.93
N ASN A 77 7.90 8.90 11.03
CA ASN A 77 9.23 9.25 10.56
C ASN A 77 10.26 9.07 11.66
N THR A 78 11.49 8.76 11.27
CA THR A 78 12.56 8.56 12.24
C THR A 78 12.65 9.75 13.18
N ASP A 79 12.03 10.85 12.82
CA ASP A 79 12.05 12.05 13.64
C ASP A 79 10.99 11.97 14.74
N ASN A 80 10.66 10.75 15.13
CA ASN A 80 9.66 10.53 16.17
C ASN A 80 8.41 11.37 15.90
N THR A 81 8.08 11.50 14.62
CA THR A 81 6.91 12.28 14.21
C THR A 81 5.89 11.39 13.49
N LEU A 82 4.61 11.65 13.76
CA LEU A 82 3.55 10.87 13.13
C LEU A 82 2.60 11.79 12.36
N VAL A 83 2.04 11.27 11.27
CA VAL A 83 1.13 12.05 10.44
C VAL A 83 -0.06 11.21 9.99
N PRO A 84 -1.07 11.08 10.79
CA PRO A 84 -2.28 10.27 10.44
C PRO A 84 -2.89 10.71 9.11
N ALA A 85 -3.28 9.73 8.30
CA ALA A 85 -3.87 10.02 6.99
C ALA A 85 -4.56 8.78 6.42
N ALA A 86 -5.21 8.95 5.28
CA ALA A 86 -5.91 7.84 4.64
C ALA A 86 -5.89 8.00 3.12
N GLY A 87 -6.36 6.98 2.41
CA GLY A 87 -6.39 7.02 0.95
C GLY A 87 -7.27 5.93 0.40
N ALA A 88 -7.54 6.00 -0.91
CA ALA A 88 -8.37 5.00 -1.57
C ALA A 88 -7.78 4.60 -2.91
N GLY A 89 -8.08 3.38 -3.34
CA GLY A 89 -7.55 2.89 -4.62
C GLY A 89 -8.42 1.76 -5.16
N PHE A 90 -7.87 1.02 -6.12
CA PHE A 90 -8.59 -0.10 -6.72
C PHE A 90 -7.66 -1.27 -6.98
N ARG A 91 -8.19 -2.48 -6.83
CA ARG A 91 -7.39 -3.69 -7.04
C ARG A 91 -7.89 -4.44 -8.27
N TYR A 92 -7.08 -4.43 -9.32
CA TYR A 92 -7.43 -5.12 -10.56
C TYR A 92 -6.44 -6.24 -10.86
N LYS A 93 -6.93 -7.32 -11.45
CA LYS A 93 -6.09 -8.46 -11.77
C LYS A 93 -5.56 -8.37 -13.21
N VAL A 94 -4.25 -8.54 -13.36
CA VAL A 94 -3.63 -8.46 -14.68
C VAL A 94 -3.26 -9.87 -15.16
N SER A 95 -2.21 -10.43 -14.57
CA SER A 95 -1.77 -11.77 -14.95
C SER A 95 -2.03 -12.75 -13.79
N PRO A 96 -1.67 -14.00 -13.95
CA PRO A 96 -1.90 -15.03 -12.88
C PRO A 96 -1.09 -14.74 -11.62
N GLU A 97 0.15 -14.28 -11.78
CA GLU A 97 1.02 -13.99 -10.64
C GLU A 97 1.34 -12.51 -10.54
N VAL A 98 0.60 -11.68 -11.28
CA VAL A 98 0.83 -10.24 -11.26
C VAL A 98 -0.49 -9.48 -11.11
N LYS A 99 -0.51 -8.53 -10.17
CA LYS A 99 -1.71 -7.72 -9.93
C LYS A 99 -1.36 -6.25 -9.93
N LEU A 100 -2.30 -5.41 -10.36
CA LEU A 100 -2.08 -3.98 -10.41
C LEU A 100 -2.82 -3.26 -9.28
N VAL A 101 -2.23 -2.18 -8.78
CA VAL A 101 -2.82 -1.42 -7.69
C VAL A 101 -2.66 0.07 -7.95
N VAL A 102 -3.68 0.85 -7.61
CA VAL A 102 -3.63 2.29 -7.79
C VAL A 102 -4.41 2.97 -6.67
N GLU A 103 -3.69 3.64 -5.80
CA GLU A 103 -4.29 4.34 -4.68
C GLU A 103 -3.64 5.70 -4.47
N TYR A 104 -4.39 6.64 -3.90
CA TYR A 104 -3.86 7.97 -3.63
C TYR A 104 -4.00 8.32 -2.16
N GLY A 105 -3.01 9.04 -1.62
CA GLY A 105 -3.03 9.43 -0.22
C GLY A 105 -3.46 10.88 -0.05
N TRP A 106 -4.35 11.13 0.90
CA TRP A 106 -4.84 12.49 1.15
C TRP A 106 -5.42 12.59 2.55
N ASN A 107 -5.52 13.81 3.05
CA ASN A 107 -6.07 14.04 4.39
C ASN A 107 -6.23 15.53 4.65
N ASN A 108 -7.43 15.92 5.08
CA ASN A 108 -7.71 17.33 5.37
C ASN A 108 -7.12 18.23 4.28
N SER A 109 -7.08 19.52 4.55
CA SER A 109 -6.54 20.48 3.59
C SER A 109 -5.11 20.12 3.23
N SER A 110 -4.93 19.45 2.10
CA SER A 110 -3.60 19.05 1.66
C SER A 110 -3.64 18.55 0.22
N LEU A 111 -2.47 18.37 -0.38
CA LEU A 111 -2.38 17.89 -1.75
C LEU A 111 -2.54 16.37 -1.80
N GLN A 112 -3.03 15.87 -2.92
CA GLN A 112 -3.23 14.43 -3.10
C GLN A 112 -2.20 13.86 -4.06
N PHE A 113 -1.53 12.79 -3.64
CA PHE A 113 -0.52 12.15 -4.47
C PHE A 113 -1.07 10.87 -5.08
N LEU A 114 -0.54 10.50 -6.25
CA LEU A 114 -0.97 9.29 -6.93
C LEU A 114 0.11 8.22 -6.86
N GLN A 115 -0.30 6.98 -6.61
CA GLN A 115 0.65 5.87 -6.52
C GLN A 115 0.24 4.71 -7.43
N ALA A 116 1.22 4.14 -8.12
CA ALA A 116 0.96 3.02 -9.02
C ALA A 116 2.05 1.97 -8.88
N GLY A 117 1.63 0.71 -8.74
CA GLY A 117 2.58 -0.38 -8.58
C GLY A 117 1.91 -1.73 -8.81
N LEU A 118 2.57 -2.79 -8.35
CA LEU A 118 2.04 -4.14 -8.51
C LEU A 118 2.38 -5.00 -7.29
N SER A 119 1.76 -6.17 -7.20
CA SER A 119 2.00 -7.08 -6.09
C SER A 119 2.24 -8.49 -6.59
N TYR A 120 2.96 -9.29 -5.79
CA TYR A 120 3.26 -10.67 -6.15
C TYR A 120 3.37 -11.53 -4.91
N ARG A 121 2.71 -12.69 -4.93
CA ARG A 121 2.74 -13.60 -3.80
C ARG A 121 3.95 -14.53 -3.88
N ILE A 122 4.58 -14.78 -2.74
CA ILE A 122 5.76 -15.64 -2.70
C ILE A 122 5.34 -17.09 -2.45
N GLN A 123 4.29 -17.27 -1.64
CA GLN A 123 3.80 -18.60 -1.32
C GLN A 123 2.43 -18.82 -1.97
N PRO A 124 2.04 -20.06 -2.20
CA PRO A 124 0.74 -20.38 -2.81
C PRO A 124 -0.38 -19.45 -2.35
N MET A 1 -1.00 -26.07 4.93
CA MET A 1 0.38 -25.90 4.40
C MET A 1 0.36 -24.91 3.24
N GLN A 2 -0.84 -24.55 2.79
CA GLN A 2 -0.97 -23.62 1.68
C GLN A 2 -2.09 -22.62 1.95
N ASP A 3 -1.93 -21.40 1.46
CA ASP A 3 -2.93 -20.37 1.66
C ASP A 3 -3.31 -20.25 3.14
N GLY A 4 -2.33 -20.51 4.01
CA GLY A 4 -2.57 -20.44 5.45
C GLY A 4 -2.15 -19.08 6.00
N PRO A 5 -2.37 -18.87 7.27
CA PRO A 5 -2.01 -17.59 7.94
C PRO A 5 -0.50 -17.44 8.14
N GLY A 6 -0.05 -16.19 8.28
CA GLY A 6 1.38 -15.93 8.47
C GLY A 6 2.09 -15.86 7.13
N THR A 7 1.32 -15.76 6.05
CA THR A 7 1.91 -15.69 4.71
C THR A 7 2.62 -14.36 4.52
N LEU A 8 3.48 -14.31 3.50
CA LEU A 8 4.24 -13.10 3.21
C LEU A 8 4.11 -12.73 1.74
N ASP A 9 4.06 -11.44 1.45
CA ASP A 9 3.94 -10.97 0.07
C ASP A 9 4.79 -9.73 -0.15
N VAL A 10 5.16 -9.50 -1.41
CA VAL A 10 5.98 -8.34 -1.76
C VAL A 10 5.21 -7.42 -2.70
N PHE A 11 5.29 -6.12 -2.44
CA PHE A 11 4.60 -5.14 -3.27
C PHE A 11 5.39 -3.85 -3.38
N VAL A 12 5.36 -3.24 -4.56
CA VAL A 12 6.07 -1.98 -4.80
C VAL A 12 5.14 -0.97 -5.47
N ALA A 13 5.20 0.27 -5.02
CA ALA A 13 4.37 1.31 -5.58
C ALA A 13 5.01 2.67 -5.35
N ALA A 14 5.43 3.29 -6.43
CA ALA A 14 6.07 4.61 -6.36
C ALA A 14 5.08 5.69 -6.76
N GLY A 15 5.08 6.80 -6.00
CA GLY A 15 4.18 7.90 -6.29
C GLY A 15 4.93 9.23 -6.31
N TRP A 16 4.24 10.29 -6.73
CA TRP A 16 4.84 11.61 -6.79
C TRP A 16 3.88 12.67 -6.27
N ASN A 17 4.44 13.76 -5.75
CA ASN A 17 3.62 14.85 -5.21
C ASN A 17 3.66 16.06 -6.15
N THR A 18 2.58 16.82 -6.17
CA THR A 18 2.50 18.01 -7.02
C THR A 18 3.77 18.85 -6.87
N ASP A 19 4.52 18.62 -5.79
CA ASP A 19 5.74 19.36 -5.54
C ASP A 19 6.82 18.97 -6.56
N ASN A 20 6.42 18.21 -7.57
CA ASN A 20 7.36 17.77 -8.60
C ASN A 20 8.46 16.92 -7.99
N THR A 21 8.07 15.94 -7.18
CA THR A 21 9.03 15.05 -6.52
C THR A 21 8.56 13.60 -6.58
N ILE A 22 9.47 12.70 -6.90
CA ILE A 22 9.13 11.28 -6.97
C ILE A 22 9.56 10.56 -5.70
N GLU A 23 8.74 9.62 -5.25
CA GLU A 23 9.04 8.86 -4.04
C GLU A 23 8.71 7.38 -4.24
N ILE A 24 9.63 6.52 -3.83
CA ILE A 24 9.42 5.08 -3.98
C ILE A 24 8.99 4.47 -2.64
N THR A 25 7.95 3.64 -2.69
CA THR A 25 7.44 3.00 -1.48
C THR A 25 7.27 1.50 -1.70
N GLY A 26 8.02 0.71 -0.95
CA GLY A 26 7.95 -0.74 -1.08
C GLY A 26 8.10 -1.41 0.28
N GLY A 27 7.55 -2.61 0.41
CA GLY A 27 7.63 -3.36 1.65
C GLY A 27 6.99 -4.74 1.52
N ALA A 28 6.45 -5.25 2.62
CA ALA A 28 5.81 -6.56 2.60
C ALA A 28 4.52 -6.54 3.41
N THR A 29 3.55 -7.35 2.99
CA THR A 29 2.26 -7.42 3.68
C THR A 29 2.12 -8.75 4.39
N TYR A 30 1.42 -8.74 5.53
CA TYR A 30 1.22 -9.96 6.31
C TYR A 30 -0.22 -10.47 6.12
N GLN A 31 -0.34 -11.74 5.74
CA GLN A 31 -1.65 -12.34 5.53
C GLN A 31 -2.05 -13.18 6.74
N LEU A 32 -2.93 -12.64 7.58
CA LEU A 32 -3.39 -13.36 8.76
C LEU A 32 -4.77 -13.95 8.53
N SER A 33 -5.66 -13.15 7.94
CA SER A 33 -7.02 -13.60 7.68
C SER A 33 -7.66 -12.74 6.58
N PRO A 34 -8.72 -13.22 5.99
CA PRO A 34 -9.44 -12.48 4.92
C PRO A 34 -10.17 -11.25 5.46
N TYR A 35 -10.18 -11.11 6.78
CA TYR A 35 -10.85 -9.98 7.41
C TYR A 35 -10.14 -8.67 7.07
N ILE A 36 -8.91 -8.53 7.56
CA ILE A 36 -8.13 -7.33 7.30
C ILE A 36 -6.69 -7.67 6.99
N MET A 37 -6.07 -6.89 6.12
CA MET A 37 -4.68 -7.12 5.73
C MET A 37 -3.75 -6.14 6.44
N VAL A 38 -2.53 -6.59 6.73
CA VAL A 38 -1.55 -5.74 7.40
C VAL A 38 -0.46 -5.30 6.44
N LYS A 39 -0.33 -4.00 6.25
CA LYS A 39 0.69 -3.46 5.35
C LYS A 39 1.83 -2.83 6.13
N ALA A 40 3.06 -3.10 5.71
CA ALA A 40 4.23 -2.56 6.38
C ALA A 40 5.36 -2.33 5.38
N GLY A 41 5.92 -1.13 5.39
CA GLY A 41 7.02 -0.79 4.47
C GLY A 41 7.61 0.57 4.81
N TYR A 42 8.27 1.18 3.85
CA TYR A 42 8.88 2.49 4.06
C TYR A 42 9.03 3.24 2.73
N GLY A 43 9.28 4.54 2.81
CA GLY A 43 9.43 5.36 1.63
C GLY A 43 10.70 6.20 1.71
N TRP A 44 11.37 6.38 0.57
CA TRP A 44 12.59 7.17 0.54
C TRP A 44 12.81 7.77 -0.86
N ASN A 45 13.46 8.92 -0.90
CA ASN A 45 13.74 9.59 -2.16
C ASN A 45 15.23 9.61 -2.46
N ASN A 46 15.84 10.79 -2.35
CA ASN A 46 17.27 10.93 -2.59
C ASN A 46 18.07 10.54 -1.35
N SER A 47 17.45 9.77 -0.47
CA SER A 47 18.12 9.33 0.75
C SER A 47 18.33 10.51 1.69
N SER A 48 17.43 10.67 2.66
CA SER A 48 17.53 11.76 3.62
C SER A 48 16.48 11.61 4.70
N LEU A 49 15.21 11.55 4.30
CA LEU A 49 14.12 11.41 5.26
C LEU A 49 13.80 9.93 5.50
N ASN A 50 12.91 9.67 6.46
CA ASN A 50 12.54 8.31 6.78
C ASN A 50 11.03 8.20 6.98
N ARG A 51 10.33 7.73 5.94
CA ARG A 51 8.88 7.59 6.02
C ARG A 51 8.50 6.15 6.32
N PHE A 52 7.85 5.94 7.47
CA PHE A 52 7.43 4.60 7.87
C PHE A 52 5.92 4.47 7.79
N GLU A 53 5.45 3.55 6.96
CA GLU A 53 4.01 3.34 6.80
C GLU A 53 3.56 2.11 7.57
N PHE A 54 2.55 2.27 8.41
CA PHE A 54 2.03 1.16 9.21
C PHE A 54 0.51 1.21 9.27
N GLY A 55 -0.13 0.14 8.81
CA GLY A 55 -1.59 0.09 8.83
C GLY A 55 -2.08 -1.19 8.15
N GLY A 56 -3.23 -1.10 7.48
CA GLY A 56 -3.79 -2.25 6.80
C GLY A 56 -4.62 -1.82 5.59
N GLY A 57 -5.25 -2.78 4.93
CA GLY A 57 -6.06 -2.49 3.76
C GLY A 57 -7.37 -3.28 3.78
N LEU A 58 -8.24 -3.01 2.81
CA LEU A 58 -9.52 -3.70 2.73
C LEU A 58 -9.80 -4.17 1.31
N GLN A 59 -10.38 -5.36 1.19
CA GLN A 59 -10.70 -5.92 -0.11
C GLN A 59 -12.02 -6.68 -0.06
N TYR A 60 -12.58 -6.98 -1.24
CA TYR A 60 -13.85 -7.70 -1.31
C TYR A 60 -13.70 -8.97 -2.16
N LYS A 61 -14.72 -9.82 -2.13
CA LYS A 61 -14.70 -11.06 -2.90
C LYS A 61 -15.84 -11.08 -3.90
N VAL A 62 -15.51 -11.03 -5.19
CA VAL A 62 -16.51 -11.04 -6.24
C VAL A 62 -16.01 -11.79 -7.47
N THR A 63 -14.74 -11.59 -7.79
CA THR A 63 -14.13 -12.24 -8.95
C THR A 63 -12.76 -12.78 -8.57
N PRO A 64 -12.15 -13.57 -9.42
CA PRO A 64 -10.81 -14.14 -9.15
C PRO A 64 -9.84 -13.12 -8.54
N ASP A 65 -10.22 -11.83 -8.61
CA ASP A 65 -9.39 -10.76 -8.06
C ASP A 65 -9.81 -9.41 -8.62
N LEU A 66 -10.92 -8.88 -8.10
CA LEU A 66 -11.42 -7.58 -8.53
C LEU A 66 -12.28 -6.95 -7.45
N GLU A 67 -11.73 -5.94 -6.78
CA GLU A 67 -12.47 -5.27 -5.71
C GLU A 67 -11.80 -3.94 -5.36
N PRO A 68 -12.54 -3.01 -4.81
CA PRO A 68 -11.98 -1.69 -4.41
C PRO A 68 -10.87 -1.84 -3.38
N TYR A 69 -9.98 -0.87 -3.31
CA TYR A 69 -8.87 -0.92 -2.36
C TYR A 69 -8.95 0.22 -1.36
N ALA A 70 -8.81 -0.11 -0.08
CA ALA A 70 -8.86 0.89 0.98
C ALA A 70 -7.55 0.92 1.74
N TRP A 71 -7.16 2.11 2.21
CA TRP A 71 -5.91 2.25 2.96
C TRP A 71 -6.13 3.12 4.20
N ALA A 72 -5.56 2.68 5.32
CA ALA A 72 -5.69 3.41 6.57
C ALA A 72 -4.55 3.07 7.52
N GLY A 73 -3.88 4.10 8.03
CA GLY A 73 -2.76 3.89 8.94
C GLY A 73 -2.15 5.23 9.36
N ALA A 74 -0.92 5.18 9.87
CA ALA A 74 -0.24 6.39 10.30
C ALA A 74 1.20 6.41 9.79
N THR A 75 1.70 7.61 9.48
CA THR A 75 3.05 7.75 8.97
C THR A 75 3.98 8.30 10.06
N TYR A 76 5.27 8.09 9.90
CA TYR A 76 6.25 8.56 10.86
C TYR A 76 7.47 9.14 10.15
N ASN A 77 7.67 10.44 10.31
CA ASN A 77 8.81 11.11 9.68
C ASN A 77 10.01 11.14 10.61
N THR A 78 11.20 11.11 10.03
CA THR A 78 12.42 11.13 10.82
C THR A 78 12.43 12.30 11.79
N ASP A 79 11.53 13.26 11.56
CA ASP A 79 11.43 14.43 12.42
C ASP A 79 10.76 14.06 13.74
N ASN A 80 10.80 12.77 14.08
CA ASN A 80 10.19 12.31 15.32
C ASN A 80 8.74 12.74 15.39
N THR A 81 8.11 12.89 14.22
CA THR A 81 6.71 13.30 14.15
C THR A 81 5.84 12.19 13.58
N LEU A 82 4.62 12.06 14.10
CA LEU A 82 3.70 11.03 13.65
C LEU A 82 2.32 11.63 13.36
N VAL A 83 1.79 11.33 12.18
CA VAL A 83 0.48 11.84 11.80
C VAL A 83 -0.32 10.77 11.07
N PRO A 84 -1.63 10.87 11.07
CA PRO A 84 -2.51 9.87 10.38
C PRO A 84 -2.39 9.96 8.86
N ALA A 85 -2.80 8.89 8.18
CA ALA A 85 -2.73 8.84 6.73
C ALA A 85 -3.77 7.87 6.18
N ALA A 86 -4.47 8.29 5.13
CA ALA A 86 -5.50 7.44 4.53
C ALA A 86 -5.54 7.66 3.02
N GLY A 87 -5.86 6.60 2.28
CA GLY A 87 -5.93 6.68 0.83
C GLY A 87 -7.07 5.82 0.29
N ALA A 88 -7.36 5.97 -0.99
CA ALA A 88 -8.44 5.20 -1.62
C ALA A 88 -8.07 4.86 -3.07
N GLY A 89 -8.37 3.62 -3.46
CA GLY A 89 -8.07 3.18 -4.82
C GLY A 89 -8.79 1.88 -5.15
N PHE A 90 -8.22 1.10 -6.06
CA PHE A 90 -8.83 -0.17 -6.46
C PHE A 90 -7.75 -1.15 -6.89
N ARG A 91 -8.09 -2.44 -6.84
CA ARG A 91 -7.15 -3.49 -7.23
C ARG A 91 -7.72 -4.31 -8.39
N TYR A 92 -7.09 -4.19 -9.55
CA TYR A 92 -7.54 -4.91 -10.73
C TYR A 92 -6.55 -6.03 -11.07
N LYS A 93 -7.07 -7.09 -11.69
CA LYS A 93 -6.22 -8.22 -12.06
C LYS A 93 -5.72 -8.06 -13.49
N VAL A 94 -4.43 -7.75 -13.64
CA VAL A 94 -3.84 -7.56 -14.96
C VAL A 94 -3.08 -8.82 -15.36
N SER A 95 -2.68 -9.61 -14.38
CA SER A 95 -1.93 -10.84 -14.64
C SER A 95 -2.44 -11.98 -13.75
N PRO A 96 -2.12 -13.19 -14.10
CA PRO A 96 -2.55 -14.38 -13.32
C PRO A 96 -1.82 -14.51 -11.98
N GLU A 97 -0.62 -13.92 -11.92
CA GLU A 97 0.18 -13.96 -10.70
C GLU A 97 0.54 -12.55 -10.24
N VAL A 98 0.16 -11.56 -11.04
CA VAL A 98 0.45 -10.16 -10.68
C VAL A 98 -0.79 -9.30 -10.89
N LYS A 99 -0.98 -8.35 -9.99
CA LYS A 99 -2.13 -7.44 -10.07
C LYS A 99 -1.68 -5.99 -9.93
N LEU A 100 -2.35 -5.10 -10.67
CA LEU A 100 -2.00 -3.68 -10.62
C LEU A 100 -2.89 -2.96 -9.61
N VAL A 101 -2.36 -1.89 -9.02
CA VAL A 101 -3.11 -1.11 -8.04
C VAL A 101 -2.87 0.38 -8.26
N VAL A 102 -3.88 1.18 -7.92
CA VAL A 102 -3.77 2.62 -8.06
C VAL A 102 -4.56 3.31 -6.94
N GLU A 103 -3.83 3.92 -6.03
CA GLU A 103 -4.45 4.61 -4.91
C GLU A 103 -3.76 5.96 -4.66
N TYR A 104 -4.56 6.96 -4.29
CA TYR A 104 -4.03 8.29 -4.03
C TYR A 104 -4.00 8.56 -2.53
N GLY A 105 -2.93 9.19 -2.06
CA GLY A 105 -2.79 9.50 -0.64
C GLY A 105 -3.45 10.83 -0.31
N TRP A 106 -4.14 10.87 0.82
CA TRP A 106 -4.83 12.08 1.24
C TRP A 106 -4.72 12.26 2.76
N ASN A 107 -4.64 13.51 3.21
CA ASN A 107 -4.54 13.80 4.64
C ASN A 107 -5.08 15.19 4.94
N ASN A 108 -5.90 15.28 5.98
CA ASN A 108 -6.47 16.57 6.38
C ASN A 108 -5.41 17.65 6.37
N SER A 109 -5.70 18.74 5.66
CA SER A 109 -4.75 19.86 5.59
C SER A 109 -3.35 19.35 5.28
N SER A 110 -3.16 18.88 4.04
CA SER A 110 -1.86 18.37 3.62
C SER A 110 -1.85 18.10 2.12
N LEU A 111 -0.65 17.90 1.58
CA LEU A 111 -0.51 17.64 0.15
C LEU A 111 -0.83 16.18 -0.17
N GLN A 112 -1.40 15.95 -1.35
CA GLN A 112 -1.75 14.59 -1.76
C GLN A 112 -0.82 14.11 -2.87
N PHE A 113 -0.84 12.82 -3.13
CA PHE A 113 0.01 12.24 -4.18
C PHE A 113 -0.64 11.00 -4.78
N LEU A 114 -0.16 10.60 -5.95
CA LEU A 114 -0.69 9.42 -6.63
C LEU A 114 0.30 8.27 -6.57
N GLN A 115 -0.20 7.07 -6.27
CA GLN A 115 0.66 5.89 -6.19
C GLN A 115 0.24 4.85 -7.21
N ALA A 116 1.23 4.17 -7.79
CA ALA A 116 0.96 3.15 -8.79
C ALA A 116 1.99 2.02 -8.70
N GLY A 117 1.55 0.80 -8.96
CA GLY A 117 2.44 -0.35 -8.89
C GLY A 117 1.66 -1.66 -8.92
N LEU A 118 2.32 -2.74 -8.51
CA LEU A 118 1.67 -4.05 -8.50
C LEU A 118 2.14 -4.86 -7.30
N SER A 119 1.47 -5.98 -7.04
CA SER A 119 1.82 -6.84 -5.91
C SER A 119 1.85 -8.31 -6.35
N TYR A 120 2.58 -9.13 -5.60
CA TYR A 120 2.69 -10.55 -5.91
C TYR A 120 2.89 -11.37 -4.65
N ARG A 121 2.13 -12.46 -4.53
CA ARG A 121 2.22 -13.32 -3.36
C ARG A 121 3.48 -14.18 -3.43
N ILE A 122 4.35 -14.02 -2.43
CA ILE A 122 5.59 -14.78 -2.40
C ILE A 122 5.32 -16.26 -2.71
N GLN A 123 4.12 -16.72 -2.37
CA GLN A 123 3.75 -18.10 -2.61
C GLN A 123 2.23 -18.23 -2.76
N PRO A 124 1.74 -19.15 -3.55
CA PRO A 124 0.27 -19.34 -3.75
C PRO A 124 -0.39 -19.93 -2.50
N MET A 1 -10.45 -17.94 0.40
CA MET A 1 -10.07 -19.37 0.65
C MET A 1 -9.08 -19.83 -0.42
N GLN A 2 -7.80 -19.55 -0.17
CA GLN A 2 -6.75 -19.93 -1.12
C GLN A 2 -5.48 -20.30 -0.38
N ASP A 3 -5.30 -19.73 0.80
CA ASP A 3 -4.11 -20.00 1.60
C ASP A 3 -4.40 -19.80 3.09
N GLY A 4 -3.67 -20.52 3.94
CA GLY A 4 -3.86 -20.40 5.37
C GLY A 4 -3.29 -19.09 5.90
N PRO A 5 -3.43 -18.84 7.18
CA PRO A 5 -2.92 -17.60 7.82
C PRO A 5 -1.40 -17.60 7.95
N GLY A 6 -0.81 -16.42 7.87
CA GLY A 6 0.65 -16.30 7.98
C GLY A 6 1.28 -16.12 6.60
N THR A 7 0.45 -15.82 5.61
CA THR A 7 0.94 -15.62 4.25
C THR A 7 1.61 -14.25 4.12
N LEU A 8 2.58 -14.15 3.21
CA LEU A 8 3.28 -12.90 3.00
C LEU A 8 3.56 -12.68 1.51
N ASP A 9 3.45 -11.43 1.08
CA ASP A 9 3.69 -11.11 -0.32
C ASP A 9 4.46 -9.79 -0.45
N VAL A 10 5.21 -9.64 -1.53
CA VAL A 10 5.99 -8.44 -1.76
C VAL A 10 5.32 -7.56 -2.82
N PHE A 11 5.28 -6.26 -2.58
CA PHE A 11 4.66 -5.35 -3.52
C PHE A 11 5.26 -3.95 -3.40
N VAL A 12 5.54 -3.32 -4.55
CA VAL A 12 6.11 -1.98 -4.56
C VAL A 12 5.07 -0.98 -5.05
N ALA A 13 5.22 0.28 -4.65
CA ALA A 13 4.31 1.31 -5.07
C ALA A 13 4.99 2.68 -5.00
N ALA A 14 5.19 3.26 -6.18
CA ALA A 14 5.83 4.56 -6.27
C ALA A 14 4.84 5.60 -6.81
N GLY A 15 4.83 6.78 -6.19
CA GLY A 15 3.93 7.84 -6.61
C GLY A 15 4.62 9.20 -6.60
N TRP A 16 3.89 10.24 -6.97
CA TRP A 16 4.44 11.58 -7.01
C TRP A 16 3.39 12.60 -6.57
N ASN A 17 3.83 13.68 -5.93
CA ASN A 17 2.92 14.72 -5.48
C ASN A 17 2.96 15.92 -6.42
N THR A 18 1.82 16.57 -6.59
CA THR A 18 1.74 17.73 -7.46
C THR A 18 2.79 18.76 -7.08
N ASP A 19 3.40 18.57 -5.91
CA ASP A 19 4.42 19.49 -5.44
C ASP A 19 5.76 19.21 -6.12
N ASN A 20 5.71 18.43 -7.20
CA ASN A 20 6.92 18.09 -7.94
C ASN A 20 7.89 17.33 -7.05
N THR A 21 7.40 16.25 -6.44
CA THR A 21 8.23 15.43 -5.57
C THR A 21 7.93 13.95 -5.77
N ILE A 22 8.99 13.15 -5.89
CA ILE A 22 8.82 11.72 -6.09
C ILE A 22 9.08 10.96 -4.79
N GLU A 23 8.25 9.97 -4.51
CA GLU A 23 8.39 9.18 -3.30
C GLU A 23 8.19 7.69 -3.60
N ILE A 24 9.21 6.89 -3.30
CA ILE A 24 9.14 5.46 -3.53
C ILE A 24 8.83 4.71 -2.24
N THR A 25 7.95 3.72 -2.32
CA THR A 25 7.59 2.94 -1.14
C THR A 25 7.52 1.46 -1.47
N GLY A 26 7.99 0.63 -0.55
CA GLY A 26 7.98 -0.82 -0.75
C GLY A 26 7.95 -1.55 0.58
N GLY A 27 7.21 -2.66 0.61
CA GLY A 27 7.10 -3.46 1.83
C GLY A 27 6.46 -4.81 1.55
N ALA A 28 5.81 -5.37 2.56
CA ALA A 28 5.16 -6.67 2.40
C ALA A 28 3.83 -6.69 3.15
N THR A 29 2.86 -7.41 2.58
CA THR A 29 1.53 -7.50 3.19
C THR A 29 1.35 -8.88 3.84
N TYR A 30 0.82 -8.87 5.06
CA TYR A 30 0.60 -10.11 5.79
C TYR A 30 -0.88 -10.48 5.78
N GLN A 31 -1.18 -11.71 5.34
CA GLN A 31 -2.57 -12.17 5.29
C GLN A 31 -2.86 -13.13 6.43
N LEU A 32 -3.54 -12.63 7.46
CA LEU A 32 -3.88 -13.45 8.61
C LEU A 32 -5.34 -13.89 8.55
N SER A 33 -6.18 -13.04 7.95
CA SER A 33 -7.60 -13.36 7.83
C SER A 33 -8.28 -12.41 6.84
N PRO A 34 -9.44 -12.77 6.36
CA PRO A 34 -10.19 -11.93 5.39
C PRO A 34 -10.73 -10.64 6.02
N TYR A 35 -10.64 -10.58 7.34
CA TYR A 35 -11.13 -9.39 8.06
C TYR A 35 -10.41 -8.14 7.56
N ILE A 36 -9.15 -7.99 7.96
CA ILE A 36 -8.37 -6.82 7.55
C ILE A 36 -6.96 -7.24 7.15
N MET A 37 -6.37 -6.52 6.20
CA MET A 37 -5.04 -6.84 5.73
C MET A 37 -4.01 -5.89 6.36
N VAL A 38 -2.82 -6.42 6.64
CA VAL A 38 -1.77 -5.63 7.25
C VAL A 38 -0.67 -5.32 6.23
N LYS A 39 -0.12 -4.11 6.28
CA LYS A 39 0.93 -3.71 5.36
C LYS A 39 1.94 -2.81 6.06
N ALA A 40 3.22 -3.07 5.83
CA ALA A 40 4.27 -2.27 6.44
C ALA A 40 5.48 -2.18 5.51
N GLY A 41 5.96 -0.95 5.29
CA GLY A 41 7.12 -0.74 4.43
C GLY A 41 7.84 0.55 4.79
N TYR A 42 8.76 0.96 3.92
CA TYR A 42 9.53 2.19 4.16
C TYR A 42 9.48 3.09 2.93
N GLY A 43 9.40 4.39 3.16
CA GLY A 43 9.36 5.36 2.08
C GLY A 43 10.67 6.11 1.95
N TRP A 44 11.25 6.09 0.76
CA TRP A 44 12.52 6.76 0.52
C TRP A 44 12.28 8.08 -0.21
N ASN A 45 13.03 9.12 0.18
CA ASN A 45 12.89 10.42 -0.44
C ASN A 45 14.26 11.08 -0.62
N ASN A 46 14.69 11.82 0.39
CA ASN A 46 15.99 12.49 0.33
C ASN A 46 16.37 13.06 1.70
N SER A 47 17.37 13.94 1.70
CA SER A 47 17.82 14.55 2.95
C SER A 47 18.15 13.47 3.99
N SER A 48 18.24 12.22 3.54
CA SER A 48 18.55 11.12 4.43
C SER A 48 17.32 10.70 5.23
N LEU A 49 16.56 11.69 5.69
CA LEU A 49 15.35 11.42 6.45
C LEU A 49 14.57 10.26 5.82
N ASN A 50 13.80 9.55 6.65
CA ASN A 50 13.01 8.42 6.15
C ASN A 50 11.62 8.43 6.79
N ARG A 51 10.69 7.71 6.16
CA ARG A 51 9.33 7.65 6.68
C ARG A 51 8.80 6.22 6.61
N PHE A 52 8.39 5.68 7.74
CA PHE A 52 7.86 4.32 7.80
C PHE A 52 6.34 4.34 7.85
N GLU A 53 5.71 3.67 6.89
CA GLU A 53 4.25 3.62 6.85
C GLU A 53 3.73 2.36 7.51
N PHE A 54 2.73 2.50 8.37
CA PHE A 54 2.15 1.36 9.07
C PHE A 54 0.63 1.46 9.10
N GLY A 55 -0.03 0.41 8.64
CA GLY A 55 -1.49 0.38 8.62
C GLY A 55 -2.01 -0.91 8.01
N GLY A 56 -3.20 -0.85 7.43
CA GLY A 56 -3.79 -2.03 6.80
C GLY A 56 -4.51 -1.65 5.51
N GLY A 57 -4.96 -2.67 4.78
CA GLY A 57 -5.67 -2.46 3.52
C GLY A 57 -7.06 -3.07 3.55
N LEU A 58 -7.79 -2.93 2.46
CA LEU A 58 -9.15 -3.47 2.38
C LEU A 58 -9.51 -3.87 0.94
N GLN A 59 -10.09 -5.05 0.79
CA GLN A 59 -10.50 -5.56 -0.51
C GLN A 59 -11.71 -6.47 -0.38
N TYR A 60 -12.39 -6.75 -1.49
CA TYR A 60 -13.57 -7.60 -1.45
C TYR A 60 -13.80 -8.30 -2.79
N LYS A 61 -14.40 -9.48 -2.73
CA LYS A 61 -14.68 -10.25 -3.93
C LYS A 61 -16.19 -10.51 -4.06
N VAL A 62 -16.86 -9.67 -4.84
CA VAL A 62 -18.30 -9.81 -5.04
C VAL A 62 -18.65 -9.77 -6.53
N THR A 63 -17.63 -9.64 -7.37
CA THR A 63 -17.85 -9.59 -8.81
C THR A 63 -16.86 -10.52 -9.51
N PRO A 64 -17.02 -10.76 -10.79
CA PRO A 64 -16.12 -11.65 -11.55
C PRO A 64 -14.65 -11.38 -11.21
N ASP A 65 -14.40 -10.26 -10.52
CA ASP A 65 -13.05 -9.89 -10.13
C ASP A 65 -12.97 -8.38 -9.88
N LEU A 66 -13.18 -7.98 -8.63
CA LEU A 66 -13.13 -6.57 -8.28
C LEU A 66 -12.78 -6.42 -6.80
N GLU A 67 -11.55 -5.99 -6.53
CA GLU A 67 -11.11 -5.81 -5.17
C GLU A 67 -10.83 -4.34 -4.86
N PRO A 68 -11.81 -3.62 -4.37
CA PRO A 68 -11.62 -2.18 -4.02
C PRO A 68 -10.41 -2.00 -3.12
N TYR A 69 -9.87 -0.79 -3.08
CA TYR A 69 -8.70 -0.53 -2.24
C TYR A 69 -9.02 0.51 -1.18
N ALA A 70 -8.67 0.19 0.05
CA ALA A 70 -8.90 1.09 1.17
C ALA A 70 -7.86 0.84 2.26
N TRP A 71 -7.12 1.89 2.61
CA TRP A 71 -6.09 1.75 3.63
C TRP A 71 -6.10 2.96 4.57
N ALA A 72 -5.52 2.77 5.76
CA ALA A 72 -5.44 3.84 6.74
C ALA A 72 -4.32 3.58 7.73
N GLY A 73 -3.70 4.64 8.23
CA GLY A 73 -2.61 4.52 9.19
C GLY A 73 -1.86 5.83 9.34
N ALA A 74 -0.64 5.76 9.85
CA ALA A 74 0.17 6.95 10.05
C ALA A 74 1.62 6.68 9.65
N THR A 75 2.30 7.73 9.17
CA THR A 75 3.69 7.59 8.75
C THR A 75 4.61 8.22 9.80
N TYR A 76 5.44 7.37 10.42
CA TYR A 76 6.38 7.84 11.43
C TYR A 76 7.68 8.28 10.80
N ASN A 77 8.00 9.56 10.91
CA ASN A 77 9.23 10.09 10.34
C ASN A 77 10.38 9.95 11.33
N THR A 78 11.60 9.79 10.81
CA THR A 78 12.77 9.64 11.65
C THR A 78 12.78 10.70 12.75
N ASP A 79 12.12 11.82 12.47
CA ASP A 79 12.06 12.92 13.44
C ASP A 79 11.10 12.58 14.57
N ASN A 80 10.95 11.28 14.85
CA ASN A 80 10.04 10.85 15.90
C ASN A 80 8.69 11.56 15.79
N THR A 81 8.34 11.96 14.56
CA THR A 81 7.08 12.64 14.32
C THR A 81 6.07 11.69 13.69
N LEU A 82 4.81 12.11 13.69
CA LEU A 82 3.73 11.30 13.11
C LEU A 82 2.87 12.14 12.17
N VAL A 83 2.37 11.50 11.13
CA VAL A 83 1.54 12.20 10.15
C VAL A 83 0.37 11.31 9.70
N PRO A 84 -0.71 11.29 10.43
CA PRO A 84 -1.90 10.45 10.07
C PRO A 84 -2.35 10.71 8.63
N ALA A 85 -2.68 9.63 7.92
CA ALA A 85 -3.14 9.76 6.53
C ALA A 85 -4.12 8.65 6.19
N ALA A 86 -4.67 8.72 4.99
CA ALA A 86 -5.64 7.71 4.54
C ALA A 86 -5.94 7.91 3.06
N GLY A 87 -6.01 6.79 2.33
CA GLY A 87 -6.29 6.85 0.90
C GLY A 87 -7.26 5.74 0.49
N ALA A 88 -7.60 5.69 -0.79
CA ALA A 88 -8.51 4.68 -1.29
C ALA A 88 -8.36 4.53 -2.81
N GLY A 89 -8.48 3.30 -3.29
CA GLY A 89 -8.35 3.04 -4.73
C GLY A 89 -9.03 1.73 -5.11
N PHE A 90 -8.39 0.99 -6.02
CA PHE A 90 -8.94 -0.28 -6.46
C PHE A 90 -7.82 -1.20 -6.94
N ARG A 91 -8.14 -2.49 -7.09
CA ARG A 91 -7.14 -3.46 -7.54
C ARG A 91 -7.76 -4.41 -8.56
N TYR A 92 -7.13 -4.48 -9.74
CA TYR A 92 -7.61 -5.35 -10.80
C TYR A 92 -6.63 -6.49 -11.04
N LYS A 93 -7.15 -7.71 -11.15
CA LYS A 93 -6.31 -8.88 -11.39
C LYS A 93 -5.93 -8.98 -12.85
N VAL A 94 -4.68 -8.66 -13.17
CA VAL A 94 -4.20 -8.73 -14.54
C VAL A 94 -3.59 -10.10 -14.83
N SER A 95 -2.99 -10.71 -13.80
CA SER A 95 -2.38 -12.02 -13.95
C SER A 95 -2.48 -12.81 -12.65
N PRO A 96 -2.30 -14.11 -12.72
CA PRO A 96 -2.37 -14.98 -11.51
C PRO A 96 -1.16 -14.82 -10.59
N GLU A 97 -0.13 -14.14 -11.09
CA GLU A 97 1.09 -13.92 -10.32
C GLU A 97 1.40 -12.43 -10.20
N VAL A 98 0.65 -11.61 -10.93
CA VAL A 98 0.86 -10.17 -10.89
C VAL A 98 -0.46 -9.42 -10.75
N LYS A 99 -0.48 -8.40 -9.90
CA LYS A 99 -1.68 -7.61 -9.68
C LYS A 99 -1.39 -6.12 -9.86
N LEU A 100 -2.42 -5.35 -10.20
CA LEU A 100 -2.26 -3.92 -10.40
C LEU A 100 -2.98 -3.14 -9.30
N VAL A 101 -2.36 -2.04 -8.86
CA VAL A 101 -2.95 -1.22 -7.82
C VAL A 101 -2.77 0.27 -8.14
N VAL A 102 -3.85 1.03 -7.96
CA VAL A 102 -3.81 2.46 -8.22
C VAL A 102 -4.74 3.16 -7.25
N GLU A 103 -4.16 3.91 -6.32
CA GLU A 103 -4.94 4.63 -5.32
C GLU A 103 -4.35 6.01 -5.04
N TYR A 104 -5.21 6.93 -4.62
CA TYR A 104 -4.77 8.29 -4.32
C TYR A 104 -4.66 8.49 -2.81
N GLY A 105 -3.55 9.08 -2.39
CA GLY A 105 -3.33 9.34 -0.97
C GLY A 105 -3.60 10.79 -0.62
N TRP A 106 -4.35 11.00 0.46
CA TRP A 106 -4.68 12.35 0.90
C TRP A 106 -5.10 12.36 2.36
N ASN A 107 -5.21 13.55 2.94
CA ASN A 107 -5.59 13.68 4.34
C ASN A 107 -6.40 14.96 4.55
N ASN A 108 -7.53 14.82 5.25
CA ASN A 108 -8.39 15.97 5.52
C ASN A 108 -8.65 16.76 4.24
N SER A 109 -7.80 17.75 3.98
CA SER A 109 -7.96 18.57 2.79
C SER A 109 -6.59 19.01 2.27
N SER A 110 -5.65 18.07 2.22
CA SER A 110 -4.31 18.38 1.75
C SER A 110 -4.13 17.91 0.30
N LEU A 111 -3.03 18.33 -0.32
CA LEU A 111 -2.75 17.94 -1.70
C LEU A 111 -2.96 16.44 -1.89
N GLN A 112 -3.29 16.05 -3.11
CA GLN A 112 -3.51 14.63 -3.42
C GLN A 112 -2.38 14.08 -4.28
N PHE A 113 -1.90 12.90 -3.92
CA PHE A 113 -0.81 12.26 -4.66
C PHE A 113 -1.27 10.95 -5.29
N LEU A 114 -0.69 10.61 -6.43
CA LEU A 114 -1.04 9.38 -7.13
C LEU A 114 0.09 8.37 -7.02
N GLN A 115 -0.27 7.10 -6.76
CA GLN A 115 0.73 6.06 -6.63
C GLN A 115 0.28 4.79 -7.36
N ALA A 116 1.21 4.19 -8.09
CA ALA A 116 0.92 2.97 -8.84
C ALA A 116 1.98 1.91 -8.56
N GLY A 117 1.63 0.65 -8.79
CA GLY A 117 2.57 -0.44 -8.57
C GLY A 117 1.89 -1.79 -8.75
N LEU A 118 2.52 -2.84 -8.24
CA LEU A 118 1.97 -4.18 -8.36
C LEU A 118 2.40 -5.06 -7.19
N SER A 119 1.78 -6.23 -7.07
CA SER A 119 2.10 -7.16 -5.99
C SER A 119 2.43 -8.54 -6.55
N TYR A 120 3.19 -9.32 -5.78
CA TYR A 120 3.57 -10.65 -6.21
C TYR A 120 3.43 -11.65 -5.06
N ARG A 121 2.76 -12.77 -5.33
CA ARG A 121 2.57 -13.79 -4.30
C ARG A 121 3.78 -14.71 -4.22
N ILE A 122 4.22 -14.99 -3.00
CA ILE A 122 5.38 -15.85 -2.80
C ILE A 122 5.57 -16.16 -1.31
N GLN A 123 4.80 -17.11 -0.81
CA GLN A 123 4.88 -17.50 0.59
C GLN A 123 5.49 -18.90 0.73
N PRO A 124 6.09 -19.21 1.86
CA PRO A 124 6.71 -20.54 2.09
C PRO A 124 5.67 -21.65 2.20
N MET A 1 -7.88 -23.44 -2.78
CA MET A 1 -7.80 -22.78 -1.46
C MET A 1 -6.58 -23.29 -0.71
N GLN A 2 -5.50 -22.53 -0.76
CA GLN A 2 -4.27 -22.92 -0.06
C GLN A 2 -3.63 -21.71 0.60
N ASP A 3 -3.71 -20.55 -0.06
CA ASP A 3 -3.12 -19.33 0.48
C ASP A 3 -3.87 -18.89 1.73
N GLY A 4 -3.74 -19.67 2.80
CA GLY A 4 -4.43 -19.35 4.05
C GLY A 4 -3.63 -18.31 4.84
N PRO A 5 -4.10 -17.97 6.01
CA PRO A 5 -3.44 -16.97 6.90
C PRO A 5 -1.94 -17.25 7.06
N GLY A 6 -1.18 -16.19 7.32
CA GLY A 6 0.27 -16.34 7.49
C GLY A 6 0.99 -16.26 6.15
N THR A 7 0.27 -15.82 5.12
CA THR A 7 0.86 -15.73 3.79
C THR A 7 1.73 -14.48 3.68
N LEU A 8 2.74 -14.53 2.81
CA LEU A 8 3.65 -13.41 2.62
C LEU A 8 3.64 -12.97 1.16
N ASP A 9 3.54 -11.66 0.94
CA ASP A 9 3.52 -11.12 -0.41
C ASP A 9 4.33 -9.83 -0.49
N VAL A 10 4.99 -9.61 -1.62
CA VAL A 10 5.80 -8.41 -1.81
C VAL A 10 5.20 -7.55 -2.92
N PHE A 11 5.31 -6.24 -2.77
CA PHE A 11 4.78 -5.32 -3.78
C PHE A 11 5.54 -3.99 -3.76
N VAL A 12 5.59 -3.35 -4.92
CA VAL A 12 6.27 -2.06 -5.05
C VAL A 12 5.26 -0.94 -5.24
N ALA A 13 5.71 0.29 -5.00
CA ALA A 13 4.84 1.45 -5.17
C ALA A 13 5.67 2.69 -5.43
N ALA A 14 5.55 3.21 -6.64
CA ALA A 14 6.28 4.40 -7.04
C ALA A 14 5.38 5.37 -7.78
N GLY A 15 5.41 6.63 -7.38
CA GLY A 15 4.57 7.65 -8.02
C GLY A 15 5.20 9.03 -7.89
N TRP A 16 4.34 10.06 -7.85
CA TRP A 16 4.82 11.43 -7.72
C TRP A 16 3.74 12.31 -7.13
N ASN A 17 4.15 13.48 -6.62
CA ASN A 17 3.21 14.42 -6.02
C ASN A 17 3.07 15.66 -6.89
N THR A 18 1.91 16.30 -6.81
CA THR A 18 1.65 17.50 -7.60
C THR A 18 2.84 18.46 -7.52
N ASP A 19 3.54 18.42 -6.39
CA ASP A 19 4.69 19.29 -6.19
C ASP A 19 5.81 18.93 -7.17
N ASN A 20 5.53 17.96 -8.04
CA ASN A 20 6.52 17.52 -9.01
C ASN A 20 7.64 16.74 -8.34
N THR A 21 7.31 16.09 -7.23
CA THR A 21 8.31 15.32 -6.49
C THR A 21 8.15 13.82 -6.78
N ILE A 22 9.25 13.08 -6.67
CA ILE A 22 9.22 11.66 -6.93
C ILE A 22 9.24 10.88 -5.61
N GLU A 23 8.20 10.08 -5.39
CA GLU A 23 8.10 9.28 -4.17
C GLU A 23 8.30 7.80 -4.48
N ILE A 24 8.90 7.09 -3.54
CA ILE A 24 9.15 5.65 -3.72
C ILE A 24 8.77 4.89 -2.46
N THR A 25 8.07 3.77 -2.65
CA THR A 25 7.65 2.95 -1.51
C THR A 25 7.73 1.46 -1.88
N GLY A 26 8.24 0.66 -0.95
CA GLY A 26 8.35 -0.77 -1.17
C GLY A 26 8.40 -1.52 0.15
N GLY A 27 7.78 -2.71 0.17
CA GLY A 27 7.75 -3.52 1.38
C GLY A 27 6.97 -4.80 1.16
N ALA A 28 6.33 -5.30 2.22
CA ALA A 28 5.55 -6.53 2.13
C ALA A 28 4.29 -6.43 2.99
N THR A 29 3.41 -7.41 2.85
CA THR A 29 2.18 -7.43 3.63
C THR A 29 1.87 -8.85 4.10
N TYR A 30 1.24 -8.95 5.27
CA TYR A 30 0.90 -10.25 5.84
C TYR A 30 -0.59 -10.51 5.67
N GLN A 31 -0.92 -11.59 4.96
CA GLN A 31 -2.32 -11.95 4.74
C GLN A 31 -2.84 -12.81 5.88
N LEU A 32 -3.71 -12.24 6.70
CA LEU A 32 -4.27 -12.97 7.83
C LEU A 32 -5.68 -13.45 7.50
N SER A 33 -6.42 -12.64 6.76
CA SER A 33 -7.78 -12.99 6.38
C SER A 33 -8.28 -12.08 5.26
N PRO A 34 -9.32 -12.47 4.58
CA PRO A 34 -9.90 -11.68 3.46
C PRO A 34 -10.59 -10.40 3.95
N TYR A 35 -10.87 -10.36 5.26
CA TYR A 35 -11.53 -9.20 5.85
C TYR A 35 -10.60 -8.00 5.86
N ILE A 36 -9.46 -8.15 6.52
CA ILE A 36 -8.48 -7.06 6.60
C ILE A 36 -7.06 -7.61 6.54
N MET A 37 -6.17 -6.86 5.90
CA MET A 37 -4.78 -7.28 5.77
C MET A 37 -3.85 -6.29 6.48
N VAL A 38 -2.61 -6.70 6.69
CA VAL A 38 -1.63 -5.84 7.36
C VAL A 38 -0.60 -5.32 6.36
N LYS A 39 -0.53 -3.99 6.22
CA LYS A 39 0.41 -3.37 5.30
C LYS A 39 1.55 -2.70 6.07
N ALA A 40 2.78 -3.00 5.66
CA ALA A 40 3.94 -2.42 6.32
C ALA A 40 5.09 -2.25 5.32
N GLY A 41 5.64 -1.04 5.26
CA GLY A 41 6.74 -0.76 4.34
C GLY A 41 7.45 0.53 4.72
N TYR A 42 8.30 1.02 3.83
CA TYR A 42 9.04 2.26 4.07
C TYR A 42 9.06 3.13 2.82
N GLY A 43 8.86 4.43 3.03
CA GLY A 43 8.85 5.37 1.91
C GLY A 43 10.10 6.24 1.92
N TRP A 44 10.81 6.27 0.79
CA TRP A 44 12.03 7.06 0.69
C TRP A 44 11.80 8.28 -0.22
N ASN A 45 12.42 9.39 0.14
CA ASN A 45 12.29 10.62 -0.64
C ASN A 45 13.50 10.83 -1.55
N ASN A 46 14.32 11.82 -1.20
CA ASN A 46 15.51 12.11 -1.99
C ASN A 46 16.67 12.48 -1.08
N SER A 47 16.39 13.29 -0.06
CA SER A 47 17.42 13.71 0.88
C SER A 47 18.08 12.50 1.52
N SER A 48 17.78 12.28 2.81
CA SER A 48 18.36 11.15 3.53
C SER A 48 17.37 10.62 4.57
N LEU A 49 16.36 11.43 4.88
CA LEU A 49 15.35 11.04 5.86
C LEU A 49 14.56 9.84 5.34
N ASN A 50 13.75 9.26 6.22
CA ASN A 50 12.93 8.10 5.85
C ASN A 50 11.59 8.15 6.56
N ARG A 51 10.66 7.31 6.12
CA ARG A 51 9.33 7.25 6.72
C ARG A 51 8.89 5.81 6.93
N PHE A 52 7.90 5.62 7.78
CA PHE A 52 7.39 4.28 8.07
C PHE A 52 5.86 4.27 8.07
N GLU A 53 5.28 3.54 7.12
CA GLU A 53 3.84 3.45 7.01
C GLU A 53 3.33 2.15 7.62
N PHE A 54 2.37 2.27 8.54
CA PHE A 54 1.80 1.09 9.19
C PHE A 54 0.28 1.22 9.29
N GLY A 55 -0.42 0.22 8.77
CA GLY A 55 -1.87 0.22 8.80
C GLY A 55 -2.43 -1.08 8.25
N GLY A 56 -3.60 -1.00 7.61
CA GLY A 56 -4.22 -2.18 7.03
C GLY A 56 -4.92 -1.85 5.71
N GLY A 57 -4.98 -2.84 4.83
CA GLY A 57 -5.62 -2.63 3.53
C GLY A 57 -7.03 -3.22 3.51
N LEU A 58 -7.80 -2.88 2.49
CA LEU A 58 -9.16 -3.39 2.38
C LEU A 58 -9.48 -3.77 0.94
N GLN A 59 -10.05 -4.96 0.76
CA GLN A 59 -10.41 -5.46 -0.56
C GLN A 59 -11.67 -6.32 -0.47
N TYR A 60 -12.29 -6.58 -1.62
CA TYR A 60 -13.51 -7.39 -1.63
C TYR A 60 -13.52 -8.34 -2.83
N LYS A 61 -13.95 -9.57 -2.58
CA LYS A 61 -14.02 -10.58 -3.64
C LYS A 61 -15.45 -11.09 -3.79
N VAL A 62 -16.20 -10.49 -4.71
CA VAL A 62 -17.58 -10.89 -4.94
C VAL A 62 -17.97 -10.73 -6.40
N THR A 63 -16.98 -10.42 -7.24
CA THR A 63 -17.22 -10.24 -8.66
C THR A 63 -16.14 -10.96 -9.46
N PRO A 64 -16.33 -11.17 -10.74
CA PRO A 64 -15.31 -11.86 -11.57
C PRO A 64 -13.90 -11.33 -11.31
N ASP A 65 -13.82 -10.22 -10.58
CA ASP A 65 -12.55 -9.60 -10.22
C ASP A 65 -12.76 -8.13 -9.90
N LEU A 66 -13.07 -7.84 -8.64
CA LEU A 66 -13.29 -6.46 -8.21
C LEU A 66 -13.03 -6.34 -6.71
N GLU A 67 -11.91 -5.70 -6.37
CA GLU A 67 -11.55 -5.54 -4.97
C GLU A 67 -11.10 -4.09 -4.70
N PRO A 68 -11.99 -3.24 -4.24
CA PRO A 68 -11.62 -1.83 -3.95
C PRO A 68 -10.40 -1.77 -3.04
N TYR A 69 -9.85 -0.57 -2.87
CA TYR A 69 -8.67 -0.41 -2.02
C TYR A 69 -8.89 0.66 -0.95
N ALA A 70 -8.58 0.32 0.28
CA ALA A 70 -8.73 1.25 1.40
C ALA A 70 -7.61 1.06 2.40
N TRP A 71 -6.88 2.13 2.67
CA TRP A 71 -5.76 2.08 3.62
C TRP A 71 -5.96 3.09 4.74
N ALA A 72 -5.74 2.64 5.98
CA ALA A 72 -5.88 3.51 7.14
C ALA A 72 -4.77 3.25 8.14
N GLY A 73 -4.08 4.31 8.55
CA GLY A 73 -2.99 4.18 9.51
C GLY A 73 -2.28 5.51 9.72
N ALA A 74 -1.06 5.45 10.24
CA ALA A 74 -0.28 6.66 10.49
C ALA A 74 1.11 6.54 9.85
N THR A 75 1.85 7.63 9.87
CA THR A 75 3.19 7.63 9.28
C THR A 75 4.17 8.37 10.19
N TYR A 76 5.22 7.66 10.61
CA TYR A 76 6.22 8.27 11.49
C TYR A 76 7.47 8.64 10.69
N ASN A 77 7.72 9.95 10.62
CA ASN A 77 8.88 10.44 9.88
C ASN A 77 10.12 10.45 10.77
N THR A 78 11.28 10.29 10.16
CA THR A 78 12.53 10.27 10.91
C THR A 78 12.65 11.52 11.79
N ASP A 79 12.00 12.60 11.36
CA ASP A 79 12.04 13.85 12.11
C ASP A 79 11.15 13.75 13.35
N ASN A 80 10.84 12.52 13.75
CA ASN A 80 9.99 12.30 14.92
C ASN A 80 8.60 12.91 14.70
N THR A 81 8.19 12.97 13.44
CA THR A 81 6.88 13.52 13.11
C THR A 81 5.85 12.42 12.95
N LEU A 82 4.80 12.48 13.75
CA LEU A 82 3.73 11.47 13.70
C LEU A 82 2.40 12.11 13.32
N VAL A 83 1.85 11.69 12.19
CA VAL A 83 0.58 12.23 11.73
C VAL A 83 -0.26 11.14 11.07
N PRO A 84 -1.56 11.31 11.02
CA PRO A 84 -2.47 10.29 10.40
C PRO A 84 -2.32 10.24 8.88
N ALA A 85 -2.80 9.16 8.28
CA ALA A 85 -2.70 9.00 6.83
C ALA A 85 -3.95 8.30 6.30
N ALA A 86 -4.48 8.81 5.19
CA ALA A 86 -5.67 8.22 4.58
C ALA A 86 -5.53 8.16 3.07
N GLY A 87 -5.85 7.02 2.48
CA GLY A 87 -5.74 6.84 1.04
C GLY A 87 -6.88 5.97 0.52
N ALA A 88 -7.12 6.03 -0.79
CA ALA A 88 -8.18 5.24 -1.40
C ALA A 88 -7.84 4.89 -2.84
N GLY A 89 -8.10 3.65 -3.23
CA GLY A 89 -7.80 3.20 -4.59
C GLY A 89 -8.60 1.96 -4.93
N PHE A 90 -8.14 1.23 -5.95
CA PHE A 90 -8.81 0.01 -6.38
C PHE A 90 -7.80 -1.07 -6.74
N ARG A 91 -8.27 -2.30 -6.86
CA ARG A 91 -7.39 -3.42 -7.19
C ARG A 91 -7.98 -4.25 -8.33
N TYR A 92 -7.26 -4.31 -9.44
CA TYR A 92 -7.71 -5.06 -10.60
C TYR A 92 -6.61 -5.98 -11.09
N LYS A 93 -6.82 -7.29 -10.97
CA LYS A 93 -5.83 -8.26 -11.39
C LYS A 93 -5.69 -8.25 -12.91
N VAL A 94 -4.46 -8.02 -13.37
CA VAL A 94 -4.20 -7.98 -14.81
C VAL A 94 -3.78 -9.35 -15.31
N SER A 95 -3.12 -10.12 -14.44
CA SER A 95 -2.66 -11.45 -14.80
C SER A 95 -2.90 -12.42 -13.64
N PRO A 96 -2.88 -13.70 -13.91
CA PRO A 96 -3.10 -14.74 -12.87
C PRO A 96 -1.94 -14.82 -11.88
N GLU A 97 -0.85 -14.12 -12.17
CA GLU A 97 0.32 -14.11 -11.31
C GLU A 97 0.69 -12.69 -10.89
N VAL A 98 0.34 -11.73 -11.73
CA VAL A 98 0.64 -10.32 -11.46
C VAL A 98 -0.64 -9.53 -11.25
N LYS A 99 -0.62 -8.62 -10.28
CA LYS A 99 -1.78 -7.78 -10.00
C LYS A 99 -1.41 -6.31 -10.04
N LEU A 100 -2.33 -5.48 -10.55
CA LEU A 100 -2.09 -4.05 -10.65
C LEU A 100 -2.89 -3.29 -9.59
N VAL A 101 -2.32 -2.20 -9.10
CA VAL A 101 -2.99 -1.39 -8.08
C VAL A 101 -2.80 0.10 -8.37
N VAL A 102 -3.77 0.91 -7.96
CA VAL A 102 -3.70 2.35 -8.16
C VAL A 102 -4.37 3.04 -6.99
N GLU A 103 -3.58 3.70 -6.18
CA GLU A 103 -4.10 4.41 -5.02
C GLU A 103 -3.38 5.74 -4.82
N TYR A 104 -4.07 6.70 -4.20
CA TYR A 104 -3.51 8.01 -3.95
C TYR A 104 -3.57 8.34 -2.46
N GLY A 105 -2.49 8.93 -1.95
CA GLY A 105 -2.45 9.30 -0.53
C GLY A 105 -2.99 10.71 -0.32
N TRP A 106 -3.78 10.87 0.74
CA TRP A 106 -4.36 12.17 1.05
C TRP A 106 -4.45 12.37 2.56
N ASN A 107 -4.09 13.57 3.02
CA ASN A 107 -4.14 13.87 4.45
C ASN A 107 -4.48 15.35 4.67
N ASN A 108 -5.50 15.59 5.47
CA ASN A 108 -5.91 16.97 5.76
C ASN A 108 -6.05 17.77 4.47
N SER A 109 -6.26 19.06 4.61
CA SER A 109 -6.41 19.94 3.43
C SER A 109 -5.05 20.24 2.82
N SER A 110 -4.61 19.36 1.92
CA SER A 110 -3.32 19.55 1.26
C SER A 110 -3.29 18.81 -0.07
N LEU A 111 -2.27 19.08 -0.87
CA LEU A 111 -2.12 18.44 -2.17
C LEU A 111 -2.14 16.91 -2.02
N GLN A 112 -2.56 16.23 -3.07
CA GLN A 112 -2.62 14.77 -3.05
C GLN A 112 -1.54 14.17 -3.93
N PHE A 113 -1.45 12.85 -3.95
CA PHE A 113 -0.45 12.16 -4.76
C PHE A 113 -1.00 10.86 -5.33
N LEU A 114 -0.48 10.46 -6.48
CA LEU A 114 -0.93 9.24 -7.14
C LEU A 114 0.26 8.33 -7.43
N GLN A 115 0.06 7.02 -7.29
CA GLN A 115 1.14 6.07 -7.54
C GLN A 115 0.57 4.71 -7.95
N ALA A 116 1.38 3.95 -8.70
CA ALA A 116 0.97 2.62 -9.16
C ALA A 116 1.93 1.58 -8.61
N GLY A 117 1.37 0.43 -8.20
CA GLY A 117 2.18 -0.64 -7.64
C GLY A 117 1.79 -1.99 -8.24
N LEU A 118 2.55 -3.02 -7.89
CA LEU A 118 2.28 -4.36 -8.40
C LEU A 118 2.41 -5.39 -7.28
N SER A 119 1.50 -6.34 -7.25
CA SER A 119 1.52 -7.37 -6.22
C SER A 119 2.11 -8.67 -6.77
N TYR A 120 2.92 -9.33 -5.96
CA TYR A 120 3.55 -10.58 -6.37
C TYR A 120 3.49 -11.61 -5.25
N ARG A 121 2.69 -12.66 -5.45
CA ARG A 121 2.55 -13.70 -4.44
C ARG A 121 3.69 -14.71 -4.56
N ILE A 122 4.24 -15.11 -3.42
CA ILE A 122 5.34 -16.07 -3.40
C ILE A 122 4.79 -17.49 -3.30
N GLN A 123 4.33 -17.86 -2.12
CA GLN A 123 3.80 -19.20 -1.90
C GLN A 123 2.72 -19.17 -0.81
N PRO A 124 1.82 -20.13 -0.80
CA PRO A 124 0.74 -20.20 0.22
C PRO A 124 1.27 -20.54 1.61
N MET A 1 -6.32 -25.75 -0.77
CA MET A 1 -5.12 -25.61 -1.63
C MET A 1 -4.02 -24.88 -0.87
N GLN A 2 -3.56 -25.50 0.22
CA GLN A 2 -2.50 -24.91 1.03
C GLN A 2 -2.85 -23.48 1.39
N ASP A 3 -1.99 -22.54 1.00
CA ASP A 3 -2.22 -21.13 1.29
C ASP A 3 -2.74 -20.96 2.72
N GLY A 4 -1.81 -20.92 3.67
CA GLY A 4 -2.18 -20.75 5.07
C GLY A 4 -2.07 -19.29 5.50
N PRO A 5 -2.51 -18.97 6.68
CA PRO A 5 -2.46 -17.59 7.22
C PRO A 5 -1.04 -17.16 7.59
N GLY A 6 -0.79 -15.86 7.52
CA GLY A 6 0.53 -15.33 7.85
C GLY A 6 1.42 -15.27 6.61
N THR A 7 0.79 -15.41 5.44
CA THR A 7 1.52 -15.35 4.19
C THR A 7 2.32 -14.06 4.08
N LEU A 8 3.35 -14.07 3.22
CA LEU A 8 4.18 -12.89 3.03
C LEU A 8 4.36 -12.60 1.54
N ASP A 9 4.19 -11.34 1.16
CA ASP A 9 4.33 -10.95 -0.23
C ASP A 9 5.04 -9.61 -0.34
N VAL A 10 5.73 -9.41 -1.46
CA VAL A 10 6.45 -8.16 -1.70
C VAL A 10 5.70 -7.30 -2.71
N PHE A 11 5.70 -5.98 -2.48
CA PHE A 11 5.00 -5.08 -3.40
C PHE A 11 5.64 -3.69 -3.36
N VAL A 12 5.70 -3.05 -4.53
CA VAL A 12 6.27 -1.72 -4.65
C VAL A 12 5.17 -0.70 -4.91
N ALA A 13 5.41 0.55 -4.52
CA ALA A 13 4.42 1.60 -4.74
C ALA A 13 5.12 2.95 -4.78
N ALA A 14 5.10 3.57 -5.95
CA ALA A 14 5.73 4.88 -6.12
C ALA A 14 4.67 5.97 -6.12
N GLY A 15 4.91 7.02 -5.34
CA GLY A 15 3.97 8.13 -5.24
C GLY A 15 4.48 9.35 -5.98
N TRP A 16 3.55 10.19 -6.45
CA TRP A 16 3.92 11.39 -7.18
C TRP A 16 3.04 12.57 -6.75
N ASN A 17 3.66 13.64 -6.29
CA ASN A 17 2.91 14.82 -5.86
C ASN A 17 2.87 15.86 -6.96
N THR A 18 1.77 16.60 -7.04
CA THR A 18 1.62 17.63 -8.06
C THR A 18 2.82 18.57 -8.04
N ASP A 19 3.50 18.63 -6.91
CA ASP A 19 4.68 19.49 -6.78
C ASP A 19 5.83 18.96 -7.62
N ASN A 20 5.54 17.95 -8.44
CA ASN A 20 6.56 17.36 -9.30
C ASN A 20 7.62 16.64 -8.46
N THR A 21 7.18 16.09 -7.33
CA THR A 21 8.09 15.37 -6.44
C THR A 21 7.93 13.86 -6.62
N ILE A 22 9.04 13.14 -6.58
CA ILE A 22 9.01 11.69 -6.74
C ILE A 22 9.17 11.00 -5.39
N GLU A 23 8.49 9.87 -5.22
CA GLU A 23 8.57 9.13 -3.97
C GLU A 23 8.73 7.63 -4.25
N ILE A 24 9.46 6.94 -3.38
CA ILE A 24 9.68 5.51 -3.55
C ILE A 24 9.39 4.77 -2.25
N THR A 25 8.48 3.80 -2.31
CA THR A 25 8.12 3.03 -1.14
C THR A 25 8.01 1.54 -1.48
N GLY A 26 8.70 0.71 -0.70
CA GLY A 26 8.67 -0.73 -0.93
C GLY A 26 8.77 -1.50 0.38
N GLY A 27 8.06 -2.61 0.46
CA GLY A 27 8.08 -3.43 1.67
C GLY A 27 7.32 -4.74 1.46
N ALA A 28 6.73 -5.25 2.54
CA ALA A 28 5.97 -6.49 2.45
C ALA A 28 4.67 -6.37 3.24
N THR A 29 3.79 -7.36 3.08
CA THR A 29 2.51 -7.35 3.77
C THR A 29 2.17 -8.75 4.31
N TYR A 30 1.38 -8.80 5.37
CA TYR A 30 0.99 -10.07 5.96
C TYR A 30 -0.45 -10.40 5.62
N GLN A 31 -0.66 -11.54 4.98
CA GLN A 31 -2.00 -11.96 4.60
C GLN A 31 -2.56 -12.96 5.59
N LEU A 32 -3.38 -12.48 6.52
CA LEU A 32 -3.98 -13.35 7.53
C LEU A 32 -5.30 -13.90 7.03
N SER A 33 -5.95 -13.17 6.12
CA SER A 33 -7.23 -13.60 5.56
C SER A 33 -7.74 -12.58 4.55
N PRO A 34 -8.67 -12.97 3.72
CA PRO A 34 -9.24 -12.06 2.68
C PRO A 34 -10.12 -10.97 3.30
N TYR A 35 -10.34 -11.06 4.60
CA TYR A 35 -11.16 -10.09 5.29
C TYR A 35 -10.38 -8.80 5.56
N ILE A 36 -9.20 -8.95 6.16
CA ILE A 36 -8.37 -7.80 6.47
C ILE A 36 -6.89 -8.11 6.22
N MET A 37 -6.13 -7.09 5.83
CA MET A 37 -4.71 -7.27 5.56
C MET A 37 -3.90 -6.15 6.20
N VAL A 38 -2.67 -6.47 6.60
CA VAL A 38 -1.80 -5.48 7.23
C VAL A 38 -0.69 -5.06 6.28
N LYS A 39 -0.48 -3.74 6.17
CA LYS A 39 0.55 -3.20 5.31
C LYS A 39 1.73 -2.70 6.12
N ALA A 40 2.94 -3.04 5.67
CA ALA A 40 4.14 -2.61 6.37
C ALA A 40 5.31 -2.45 5.39
N GLY A 41 5.99 -1.31 5.48
CA GLY A 41 7.13 -1.05 4.59
C GLY A 41 7.85 0.23 5.01
N TYR A 42 8.65 0.77 4.09
CA TYR A 42 9.40 1.99 4.37
C TYR A 42 9.36 2.93 3.17
N GLY A 43 9.04 4.18 3.43
CA GLY A 43 8.97 5.18 2.36
C GLY A 43 10.21 6.06 2.35
N TRP A 44 10.80 6.22 1.17
CA TRP A 44 12.00 7.04 1.03
C TRP A 44 11.67 8.38 0.39
N ASN A 45 12.18 9.46 0.97
CA ASN A 45 11.92 10.80 0.45
C ASN A 45 13.20 11.62 0.47
N ASN A 46 14.21 11.15 1.20
CA ASN A 46 15.47 11.86 1.30
C ASN A 46 16.62 10.88 1.57
N SER A 47 17.84 11.34 1.35
CA SER A 47 19.01 10.50 1.57
C SER A 47 19.64 10.80 2.93
N SER A 48 18.83 10.75 3.98
CA SER A 48 19.32 11.03 5.31
C SER A 48 18.34 10.51 6.37
N LEU A 49 17.05 10.76 6.14
CA LEU A 49 16.02 10.32 7.06
C LEU A 49 15.32 9.08 6.53
N ASN A 50 14.14 8.78 7.08
CA ASN A 50 13.38 7.61 6.66
C ASN A 50 11.92 7.75 7.06
N ARG A 51 11.06 6.95 6.44
CA ARG A 51 9.64 6.99 6.75
C ARG A 51 9.08 5.58 6.92
N PHE A 52 8.41 5.36 8.05
CA PHE A 52 7.83 4.04 8.33
C PHE A 52 6.32 4.06 8.07
N GLU A 53 5.89 3.28 7.08
CA GLU A 53 4.47 3.21 6.75
C GLU A 53 3.81 2.03 7.45
N PHE A 54 2.78 2.32 8.23
CA PHE A 54 2.07 1.28 8.95
C PHE A 54 0.57 1.56 8.96
N GLY A 55 -0.22 0.57 8.55
CA GLY A 55 -1.67 0.73 8.51
C GLY A 55 -2.35 -0.59 8.16
N GLY A 56 -3.53 -0.50 7.55
CA GLY A 56 -4.28 -1.70 7.18
C GLY A 56 -4.92 -1.52 5.81
N GLY A 57 -5.39 -2.63 5.24
CA GLY A 57 -6.04 -2.60 3.93
C GLY A 57 -7.39 -3.29 3.97
N LEU A 58 -8.27 -2.92 3.04
CA LEU A 58 -9.60 -3.51 2.98
C LEU A 58 -9.95 -3.90 1.55
N GLN A 59 -10.55 -5.09 1.39
CA GLN A 59 -10.93 -5.58 0.07
C GLN A 59 -12.20 -6.42 0.16
N TYR A 60 -12.83 -6.66 -0.98
CA TYR A 60 -14.06 -7.45 -1.03
C TYR A 60 -13.87 -8.68 -1.91
N LYS A 61 -14.78 -9.63 -1.77
CA LYS A 61 -14.71 -10.87 -2.55
C LYS A 61 -15.98 -11.04 -3.39
N VAL A 62 -15.85 -10.90 -4.70
CA VAL A 62 -16.99 -11.05 -5.59
C VAL A 62 -16.57 -11.74 -6.89
N THR A 63 -15.35 -11.48 -7.33
CA THR A 63 -14.83 -12.08 -8.55
C THR A 63 -13.43 -12.63 -8.30
N PRO A 64 -12.88 -13.36 -9.23
CA PRO A 64 -11.53 -13.96 -9.08
C PRO A 64 -10.53 -12.97 -8.47
N ASP A 65 -10.91 -11.68 -8.47
CA ASP A 65 -10.04 -10.63 -7.91
C ASP A 65 -10.46 -9.25 -8.44
N LEU A 66 -11.51 -8.69 -7.86
CA LEU A 66 -11.98 -7.37 -8.27
C LEU A 66 -12.75 -6.73 -7.13
N GLU A 67 -12.14 -5.73 -6.50
CA GLU A 67 -12.78 -5.05 -5.38
C GLU A 67 -12.06 -3.75 -5.06
N PRO A 68 -12.76 -2.75 -4.54
CA PRO A 68 -12.12 -1.45 -4.18
C PRO A 68 -11.03 -1.64 -3.12
N TYR A 69 -10.09 -0.70 -3.09
CA TYR A 69 -8.99 -0.77 -2.12
C TYR A 69 -9.03 0.42 -1.18
N ALA A 70 -8.90 0.15 0.12
CA ALA A 70 -8.91 1.21 1.13
C ALA A 70 -7.63 1.17 1.94
N TRP A 71 -7.10 2.35 2.27
CA TRP A 71 -5.86 2.45 3.04
C TRP A 71 -6.04 3.40 4.21
N ALA A 72 -5.58 2.97 5.39
CA ALA A 72 -5.69 3.79 6.59
C ALA A 72 -4.52 3.53 7.52
N GLY A 73 -3.84 4.60 7.94
CA GLY A 73 -2.70 4.47 8.83
C GLY A 73 -1.95 5.79 8.95
N ALA A 74 -0.70 5.73 9.42
CA ALA A 74 0.11 6.93 9.57
C ALA A 74 1.57 6.61 9.29
N THR A 75 2.33 7.66 8.94
CA THR A 75 3.75 7.48 8.64
C THR A 75 4.61 7.94 9.81
N TYR A 76 5.43 7.04 10.34
CA TYR A 76 6.30 7.37 11.46
C TYR A 76 7.71 7.66 10.98
N ASN A 77 8.10 8.93 11.04
CA ASN A 77 9.44 9.32 10.61
C ASN A 77 10.46 9.07 11.71
N THR A 78 11.69 8.78 11.31
CA THR A 78 12.76 8.53 12.28
C THR A 78 12.76 9.59 13.37
N ASP A 79 12.24 10.77 13.04
CA ASP A 79 12.19 11.86 14.00
C ASP A 79 10.99 11.70 14.94
N ASN A 80 10.59 10.46 15.16
CA ASN A 80 9.46 10.18 16.04
C ASN A 80 8.28 11.10 15.70
N THR A 81 8.14 11.42 14.42
CA THR A 81 7.05 12.29 13.98
C THR A 81 5.92 11.47 13.35
N LEU A 82 4.71 11.71 13.81
CA LEU A 82 3.55 10.99 13.29
C LEU A 82 2.76 11.87 12.32
N VAL A 83 2.31 11.28 11.22
CA VAL A 83 1.56 12.03 10.23
C VAL A 83 0.44 11.16 9.65
N PRO A 84 -0.70 11.10 10.30
CA PRO A 84 -1.85 10.29 9.82
C PRO A 84 -2.22 10.60 8.37
N ALA A 85 -2.79 9.62 7.68
CA ALA A 85 -3.17 9.81 6.29
C ALA A 85 -4.17 8.73 5.86
N ALA A 86 -5.05 9.09 4.93
CA ALA A 86 -6.05 8.15 4.44
C ALA A 86 -6.36 8.42 2.97
N GLY A 87 -6.53 7.34 2.21
CA GLY A 87 -6.82 7.47 0.79
C GLY A 87 -7.66 6.28 0.29
N ALA A 88 -7.87 6.23 -1.02
CA ALA A 88 -8.65 5.14 -1.61
C ALA A 88 -8.03 4.69 -2.93
N GLY A 89 -8.36 3.48 -3.35
CA GLY A 89 -7.82 2.95 -4.60
C GLY A 89 -8.70 1.83 -5.14
N PHE A 90 -8.18 1.12 -6.14
CA PHE A 90 -8.93 0.02 -6.74
C PHE A 90 -8.02 -1.20 -6.94
N ARG A 91 -8.58 -2.39 -6.70
CA ARG A 91 -7.81 -3.62 -6.85
C ARG A 91 -8.18 -4.32 -8.14
N TYR A 92 -7.26 -4.33 -9.10
CA TYR A 92 -7.49 -4.97 -10.39
C TYR A 92 -6.34 -5.92 -10.72
N LYS A 93 -6.68 -7.19 -10.92
CA LYS A 93 -5.68 -8.19 -11.24
C LYS A 93 -5.52 -8.33 -12.76
N VAL A 94 -4.30 -8.19 -13.24
CA VAL A 94 -4.03 -8.30 -14.68
C VAL A 94 -3.49 -9.69 -15.00
N SER A 95 -2.85 -10.31 -14.02
CA SER A 95 -2.28 -11.64 -14.21
C SER A 95 -2.25 -12.40 -12.88
N PRO A 96 -2.10 -13.69 -12.94
CA PRO A 96 -2.05 -14.55 -11.72
C PRO A 96 -0.77 -14.34 -10.91
N GLU A 97 0.30 -13.98 -11.61
CA GLU A 97 1.59 -13.75 -10.97
C GLU A 97 1.87 -12.27 -10.83
N VAL A 98 0.99 -11.44 -11.39
CA VAL A 98 1.16 -10.00 -11.34
C VAL A 98 -0.15 -9.32 -10.94
N LYS A 99 -0.09 -8.48 -9.91
CA LYS A 99 -1.28 -7.76 -9.44
C LYS A 99 -1.11 -6.26 -9.65
N LEU A 100 -2.12 -5.64 -10.25
CA LEU A 100 -2.07 -4.21 -10.51
C LEU A 100 -2.92 -3.46 -9.49
N VAL A 101 -2.38 -2.36 -8.96
CA VAL A 101 -3.10 -1.56 -7.97
C VAL A 101 -2.95 -0.08 -8.28
N VAL A 102 -3.95 0.71 -7.91
CA VAL A 102 -3.93 2.14 -8.13
C VAL A 102 -4.65 2.85 -7.00
N GLU A 103 -3.89 3.54 -6.17
CA GLU A 103 -4.46 4.26 -5.04
C GLU A 103 -3.85 5.67 -4.94
N TYR A 104 -4.62 6.59 -4.36
CA TYR A 104 -4.17 7.97 -4.20
C TYR A 104 -4.37 8.43 -2.76
N GLY A 105 -3.34 9.07 -2.20
CA GLY A 105 -3.41 9.56 -0.83
C GLY A 105 -4.23 10.83 -0.75
N TRP A 106 -4.90 11.03 0.37
CA TRP A 106 -5.72 12.22 0.56
C TRP A 106 -5.75 12.63 2.03
N ASN A 107 -5.88 13.93 2.28
CA ASN A 107 -5.92 14.44 3.64
C ASN A 107 -7.03 15.47 3.81
N ASN A 108 -7.34 15.82 5.05
CA ASN A 108 -8.39 16.78 5.33
C ASN A 108 -8.15 18.08 4.55
N SER A 109 -8.85 18.22 3.43
CA SER A 109 -8.70 19.42 2.61
C SER A 109 -7.22 19.77 2.44
N SER A 110 -6.58 19.18 1.44
CA SER A 110 -5.17 19.45 1.18
C SER A 110 -4.72 18.76 -0.10
N LEU A 111 -3.54 19.14 -0.57
CA LEU A 111 -3.00 18.55 -1.80
C LEU A 111 -3.13 17.04 -1.78
N GLN A 112 -3.21 16.44 -2.96
CA GLN A 112 -3.35 14.99 -3.08
C GLN A 112 -2.21 14.41 -3.92
N PHE A 113 -2.15 13.09 -4.00
CA PHE A 113 -1.10 12.43 -4.77
C PHE A 113 -1.59 11.07 -5.27
N LEU A 114 -1.00 10.60 -6.37
CA LEU A 114 -1.38 9.31 -6.94
C LEU A 114 -0.28 8.28 -6.70
N GLN A 115 -0.67 7.01 -6.55
CA GLN A 115 0.29 5.95 -6.32
C GLN A 115 -0.03 4.74 -7.19
N ALA A 116 0.96 4.29 -7.97
CA ALA A 116 0.79 3.14 -8.84
C ALA A 116 1.89 2.12 -8.59
N GLY A 117 1.50 0.86 -8.47
CA GLY A 117 2.47 -0.20 -8.22
C GLY A 117 1.85 -1.58 -8.44
N LEU A 118 2.51 -2.61 -7.92
CA LEU A 118 2.01 -3.98 -8.07
C LEU A 118 2.51 -4.86 -6.92
N SER A 119 1.94 -6.05 -6.81
CA SER A 119 2.33 -6.99 -5.76
C SER A 119 2.66 -8.35 -6.35
N TYR A 120 3.44 -9.13 -5.61
CA TYR A 120 3.83 -10.46 -6.07
C TYR A 120 3.83 -11.45 -4.91
N ARG A 121 3.17 -12.59 -5.11
CA ARG A 121 3.10 -13.62 -4.07
C ARG A 121 4.25 -14.60 -4.21
N ILE A 122 4.81 -15.01 -3.07
CA ILE A 122 5.92 -15.95 -3.08
C ILE A 122 5.42 -17.39 -3.01
N GLN A 123 4.43 -17.62 -2.15
CA GLN A 123 3.86 -18.95 -1.99
C GLN A 123 2.43 -18.99 -2.56
N PRO A 124 1.97 -20.11 -3.05
CA PRO A 124 0.60 -20.24 -3.62
C PRO A 124 -0.47 -20.16 -2.54
N MET A 1 -7.40 -27.31 -1.64
CA MET A 1 -7.13 -25.85 -1.63
C MET A 1 -6.30 -25.49 -0.40
N GLN A 2 -5.87 -24.24 -0.32
CA GLN A 2 -5.06 -23.79 0.80
C GLN A 2 -5.24 -22.28 1.02
N ASP A 3 -4.14 -21.54 0.89
CA ASP A 3 -4.18 -20.10 1.07
C ASP A 3 -4.53 -19.75 2.51
N GLY A 4 -3.99 -20.53 3.45
CA GLY A 4 -4.25 -20.29 4.86
C GLY A 4 -3.64 -18.97 5.32
N PRO A 5 -3.87 -18.61 6.55
CA PRO A 5 -3.34 -17.34 7.13
C PRO A 5 -1.84 -17.40 7.40
N GLY A 6 -1.19 -16.25 7.36
CA GLY A 6 0.25 -16.19 7.60
C GLY A 6 1.02 -16.04 6.29
N THR A 7 0.30 -15.71 5.22
CA THR A 7 0.93 -15.55 3.92
C THR A 7 1.73 -14.25 3.87
N LEU A 8 2.72 -14.21 3.00
CA LEU A 8 3.57 -13.02 2.85
C LEU A 8 3.82 -12.72 1.39
N ASP A 9 3.75 -11.45 1.01
CA ASP A 9 3.98 -11.05 -0.37
C ASP A 9 4.77 -9.74 -0.42
N VAL A 10 5.38 -9.48 -1.58
CA VAL A 10 6.15 -8.26 -1.76
C VAL A 10 5.54 -7.42 -2.89
N PHE A 11 5.57 -6.11 -2.73
CA PHE A 11 5.01 -5.22 -3.74
C PHE A 11 5.67 -3.85 -3.69
N VAL A 12 5.91 -3.27 -4.87
CA VAL A 12 6.53 -1.95 -4.97
C VAL A 12 5.49 -0.95 -5.45
N ALA A 13 5.69 0.32 -5.10
CA ALA A 13 4.77 1.36 -5.50
C ALA A 13 5.48 2.72 -5.51
N ALA A 14 5.63 3.26 -6.71
CA ALA A 14 6.29 4.55 -6.88
C ALA A 14 5.31 5.54 -7.50
N GLY A 15 5.24 6.75 -6.92
CA GLY A 15 4.33 7.76 -7.43
C GLY A 15 4.94 9.15 -7.34
N TRP A 16 4.10 10.17 -7.50
CA TRP A 16 4.57 11.56 -7.43
C TRP A 16 3.46 12.46 -6.92
N ASN A 17 3.85 13.65 -6.46
CA ASN A 17 2.87 14.62 -5.95
C ASN A 17 2.73 15.79 -6.91
N THR A 18 1.54 16.40 -6.92
CA THR A 18 1.29 17.54 -7.80
C THR A 18 2.43 18.54 -7.72
N ASP A 19 3.26 18.42 -6.68
CA ASP A 19 4.38 19.32 -6.51
C ASP A 19 5.59 18.85 -7.32
N ASN A 20 5.35 17.94 -8.25
CA ASN A 20 6.41 17.41 -9.09
C ASN A 20 7.47 16.73 -8.24
N THR A 21 7.04 16.10 -7.15
CA THR A 21 7.97 15.42 -6.26
C THR A 21 7.97 13.91 -6.53
N ILE A 22 9.10 13.27 -6.28
CA ILE A 22 9.23 11.84 -6.51
C ILE A 22 9.20 11.08 -5.20
N GLU A 23 8.41 10.00 -5.16
CA GLU A 23 8.30 9.20 -3.94
C GLU A 23 8.31 7.72 -4.29
N ILE A 24 9.09 6.95 -3.53
CA ILE A 24 9.20 5.51 -3.76
C ILE A 24 9.10 4.75 -2.44
N THR A 25 8.26 3.73 -2.42
CA THR A 25 8.08 2.93 -1.22
C THR A 25 8.00 1.44 -1.56
N GLY A 26 8.59 0.61 -0.71
CA GLY A 26 8.59 -0.84 -0.94
C GLY A 26 8.44 -1.59 0.37
N GLY A 27 7.55 -2.59 0.38
CA GLY A 27 7.32 -3.38 1.58
C GLY A 27 6.62 -4.68 1.24
N ALA A 28 5.81 -5.18 2.18
CA ALA A 28 5.08 -6.42 1.96
C ALA A 28 3.71 -6.37 2.65
N THR A 29 2.89 -7.36 2.38
CA THR A 29 1.56 -7.42 2.96
C THR A 29 1.29 -8.82 3.54
N TYR A 30 0.64 -8.86 4.70
CA TYR A 30 0.32 -10.12 5.34
C TYR A 30 -1.16 -10.47 5.16
N GLN A 31 -1.42 -11.65 4.61
CA GLN A 31 -2.79 -12.08 4.38
C GLN A 31 -3.22 -13.06 5.47
N LEU A 32 -4.14 -12.62 6.32
CA LEU A 32 -4.64 -13.46 7.41
C LEU A 32 -6.10 -13.86 7.15
N SER A 33 -6.84 -12.97 6.51
CA SER A 33 -8.24 -13.23 6.21
C SER A 33 -8.80 -12.16 5.28
N PRO A 34 -9.91 -12.42 4.64
CA PRO A 34 -10.56 -11.45 3.71
C PRO A 34 -11.14 -10.25 4.44
N TYR A 35 -11.11 -10.31 5.76
CA TYR A 35 -11.64 -9.21 6.57
C TYR A 35 -10.66 -8.04 6.61
N ILE A 36 -9.72 -8.08 7.56
CA ILE A 36 -8.74 -7.03 7.69
C ILE A 36 -7.39 -7.46 7.11
N MET A 37 -6.77 -6.58 6.34
CA MET A 37 -5.49 -6.87 5.73
C MET A 37 -4.38 -6.04 6.36
N VAL A 38 -3.15 -6.55 6.33
CA VAL A 38 -2.02 -5.84 6.90
C VAL A 38 -1.11 -5.29 5.80
N LYS A 39 -0.67 -4.05 5.98
CA LYS A 39 0.21 -3.42 5.00
C LYS A 39 1.27 -2.57 5.68
N ALA A 40 2.52 -2.76 5.29
CA ALA A 40 3.62 -1.99 5.87
C ALA A 40 4.79 -1.89 4.90
N GLY A 41 5.62 -0.88 5.08
CA GLY A 41 6.77 -0.68 4.20
C GLY A 41 7.58 0.54 4.64
N TYR A 42 8.45 1.02 3.75
CA TYR A 42 9.28 2.17 4.05
C TYR A 42 9.38 3.09 2.84
N GLY A 43 9.03 4.36 3.04
CA GLY A 43 9.09 5.34 1.96
C GLY A 43 10.41 6.10 1.98
N TRP A 44 10.76 6.70 0.86
CA TRP A 44 11.99 7.46 0.75
C TRP A 44 11.90 8.50 -0.37
N ASN A 45 12.21 9.75 -0.03
CA ASN A 45 12.16 10.83 -1.01
C ASN A 45 13.47 10.92 -1.77
N ASN A 46 14.28 11.93 -1.44
CA ASN A 46 15.56 12.12 -2.10
C ASN A 46 16.55 12.80 -1.16
N SER A 47 16.05 13.74 -0.36
CA SER A 47 16.90 14.46 0.58
C SER A 47 17.04 13.66 1.89
N SER A 48 17.63 12.48 1.80
CA SER A 48 17.81 11.65 2.97
C SER A 48 16.48 11.43 3.69
N LEU A 49 16.53 11.42 5.02
CA LEU A 49 15.33 11.22 5.82
C LEU A 49 14.69 9.88 5.50
N ASN A 50 13.57 9.58 6.16
CA ASN A 50 12.88 8.32 5.95
C ASN A 50 11.46 8.39 6.50
N ARG A 51 10.58 7.54 5.97
CA ARG A 51 9.19 7.51 6.43
C ARG A 51 8.71 6.08 6.57
N PHE A 52 8.32 5.71 7.79
CA PHE A 52 7.82 4.36 8.05
C PHE A 52 6.30 4.34 8.10
N GLU A 53 5.70 3.56 7.21
CA GLU A 53 4.24 3.46 7.16
C GLU A 53 3.78 2.14 7.77
N PHE A 54 2.63 2.19 8.45
CA PHE A 54 2.08 1.00 9.08
C PHE A 54 0.57 1.11 9.22
N GLY A 55 -0.14 0.08 8.76
CA GLY A 55 -1.59 0.08 8.85
C GLY A 55 -2.17 -1.11 8.08
N GLY A 56 -3.42 -0.97 7.65
CA GLY A 56 -4.09 -2.03 6.90
C GLY A 56 -5.05 -1.46 5.88
N GLY A 57 -5.74 -2.35 5.16
CA GLY A 57 -6.70 -1.91 4.15
C GLY A 57 -7.93 -2.82 4.14
N LEU A 58 -8.91 -2.46 3.31
CA LEU A 58 -10.14 -3.24 3.21
C LEU A 58 -10.19 -3.98 1.88
N GLN A 59 -10.69 -5.22 1.92
CA GLN A 59 -10.79 -6.04 0.71
C GLN A 59 -12.16 -6.72 0.67
N TYR A 60 -12.53 -7.23 -0.51
CA TYR A 60 -13.81 -7.91 -0.67
C TYR A 60 -13.65 -9.19 -1.49
N LYS A 61 -14.69 -10.02 -1.48
CA LYS A 61 -14.68 -11.26 -2.23
C LYS A 61 -15.82 -11.31 -3.23
N VAL A 62 -15.49 -11.09 -4.50
CA VAL A 62 -16.51 -11.10 -5.56
C VAL A 62 -16.00 -11.84 -6.79
N THR A 63 -14.73 -11.62 -7.13
CA THR A 63 -14.13 -12.27 -8.28
C THR A 63 -12.76 -12.83 -7.89
N PRO A 64 -12.13 -13.59 -8.76
CA PRO A 64 -10.81 -14.20 -8.46
C PRO A 64 -9.87 -13.23 -7.76
N ASP A 65 -10.18 -11.93 -7.83
CA ASP A 65 -9.37 -10.90 -7.19
C ASP A 65 -9.62 -9.53 -7.84
N LEU A 66 -10.76 -8.93 -7.52
CA LEU A 66 -11.09 -7.62 -8.07
C LEU A 66 -12.08 -6.89 -7.17
N GLU A 67 -11.60 -5.90 -6.43
CA GLU A 67 -12.45 -5.14 -5.54
C GLU A 67 -11.74 -3.87 -5.09
N PRO A 68 -12.48 -2.86 -4.69
CA PRO A 68 -11.88 -1.58 -4.23
C PRO A 68 -10.93 -1.80 -3.06
N TYR A 69 -9.93 -0.94 -2.93
CA TYR A 69 -8.96 -1.06 -1.85
C TYR A 69 -8.99 0.16 -0.93
N ALA A 70 -9.03 -0.09 0.37
CA ALA A 70 -9.07 0.99 1.35
C ALA A 70 -7.74 1.07 2.09
N TRP A 71 -7.38 2.27 2.54
CA TRP A 71 -6.12 2.46 3.24
C TRP A 71 -6.31 3.39 4.44
N ALA A 72 -5.71 3.02 5.57
CA ALA A 72 -5.82 3.82 6.78
C ALA A 72 -4.72 3.45 7.77
N GLY A 73 -3.99 4.45 8.24
CA GLY A 73 -2.89 4.21 9.18
C GLY A 73 -2.16 5.51 9.51
N ALA A 74 -0.95 5.37 10.03
CA ALA A 74 -0.15 6.54 10.39
C ALA A 74 1.29 6.38 9.91
N THR A 75 2.06 7.46 9.95
CA THR A 75 3.44 7.42 9.53
C THR A 75 4.33 8.21 10.49
N TYR A 76 5.60 7.85 10.53
CA TYR A 76 6.54 8.54 11.42
C TYR A 76 7.87 8.80 10.70
N ASN A 77 8.24 10.07 10.59
CA ASN A 77 9.48 10.43 9.92
C ASN A 77 10.62 10.55 10.93
N THR A 78 11.84 10.26 10.48
CA THR A 78 13.01 10.34 11.35
C THR A 78 13.05 11.68 12.06
N ASP A 79 12.36 12.66 11.51
CA ASP A 79 12.34 14.00 12.10
C ASP A 79 11.43 14.01 13.33
N ASN A 80 11.21 12.84 13.92
CA ASN A 80 10.36 12.73 15.10
C ASN A 80 8.97 13.29 14.82
N THR A 81 8.59 13.30 13.54
CA THR A 81 7.29 13.81 13.14
C THR A 81 6.33 12.65 12.87
N LEU A 82 5.17 12.68 13.53
CA LEU A 82 4.17 11.64 13.35
C LEU A 82 2.80 12.25 13.10
N VAL A 83 2.14 11.80 12.04
CA VAL A 83 0.81 12.30 11.70
C VAL A 83 -0.03 11.21 11.05
N PRO A 84 -1.33 11.32 11.09
CA PRO A 84 -2.24 10.31 10.48
C PRO A 84 -2.20 10.35 8.96
N ALA A 85 -2.61 9.26 8.33
CA ALA A 85 -2.63 9.19 6.87
C ALA A 85 -3.64 8.16 6.39
N ALA A 86 -4.38 8.51 5.33
CA ALA A 86 -5.38 7.60 4.78
C ALA A 86 -5.64 7.93 3.32
N GLY A 87 -6.33 7.02 2.63
CA GLY A 87 -6.64 7.21 1.22
C GLY A 87 -7.49 6.07 0.69
N ALA A 88 -7.51 5.92 -0.64
CA ALA A 88 -8.29 4.86 -1.26
C ALA A 88 -7.65 4.43 -2.58
N GLY A 89 -7.97 3.22 -3.02
CA GLY A 89 -7.42 2.71 -4.26
C GLY A 89 -8.28 1.55 -4.80
N PHE A 90 -7.68 0.74 -5.66
CA PHE A 90 -8.39 -0.39 -6.24
C PHE A 90 -7.42 -1.48 -6.68
N ARG A 91 -7.80 -2.73 -6.43
CA ARG A 91 -6.96 -3.87 -6.79
C ARG A 91 -7.52 -4.59 -8.00
N TYR A 92 -6.83 -4.48 -9.13
CA TYR A 92 -7.27 -5.14 -10.36
C TYR A 92 -6.37 -6.32 -10.68
N LYS A 93 -6.98 -7.48 -10.92
CA LYS A 93 -6.23 -8.68 -11.25
C LYS A 93 -5.91 -8.75 -12.73
N VAL A 94 -4.63 -8.86 -13.05
CA VAL A 94 -4.19 -8.93 -14.44
C VAL A 94 -3.65 -10.33 -14.75
N SER A 95 -2.86 -10.87 -13.83
CA SER A 95 -2.29 -12.21 -14.01
C SER A 95 -2.27 -12.97 -12.70
N PRO A 96 -2.13 -14.27 -12.76
CA PRO A 96 -2.09 -15.14 -11.55
C PRO A 96 -0.81 -14.94 -10.73
N GLU A 97 0.15 -14.24 -11.32
CA GLU A 97 1.43 -13.98 -10.65
C GLU A 97 1.71 -12.49 -10.57
N VAL A 98 0.91 -11.70 -11.29
CA VAL A 98 1.08 -10.25 -11.29
C VAL A 98 -0.26 -9.55 -11.11
N LYS A 99 -0.28 -8.53 -10.27
CA LYS A 99 -1.50 -7.78 -10.01
C LYS A 99 -1.22 -6.28 -10.01
N LEU A 100 -2.06 -5.52 -10.70
CA LEU A 100 -1.88 -4.07 -10.77
C LEU A 100 -2.64 -3.39 -9.64
N VAL A 101 -2.05 -2.32 -9.11
CA VAL A 101 -2.67 -1.57 -8.02
C VAL A 101 -2.51 -0.07 -8.24
N VAL A 102 -3.53 0.69 -7.85
CA VAL A 102 -3.49 2.13 -7.98
C VAL A 102 -4.24 2.78 -6.83
N GLU A 103 -3.48 3.42 -5.95
CA GLU A 103 -4.06 4.09 -4.79
C GLU A 103 -3.54 5.51 -4.68
N TYR A 104 -4.33 6.39 -4.06
CA TYR A 104 -3.94 7.78 -3.89
C TYR A 104 -4.01 8.18 -2.42
N GLY A 105 -2.92 8.71 -1.90
CA GLY A 105 -2.87 9.13 -0.50
C GLY A 105 -3.49 10.51 -0.33
N TRP A 106 -4.11 10.73 0.83
CA TRP A 106 -4.74 12.01 1.11
C TRP A 106 -4.91 12.21 2.61
N ASN A 107 -5.09 13.46 3.02
CA ASN A 107 -5.26 13.76 4.44
C ASN A 107 -5.80 15.18 4.62
N ASN A 108 -6.38 15.44 5.79
CA ASN A 108 -6.93 16.76 6.07
C ASN A 108 -5.98 17.86 5.58
N SER A 109 -6.51 18.75 4.75
CA SER A 109 -5.71 19.85 4.21
C SER A 109 -4.34 19.34 3.79
N SER A 110 -4.32 18.30 2.96
CA SER A 110 -3.06 17.73 2.49
C SER A 110 -3.16 17.36 1.01
N LEU A 111 -2.11 17.68 0.26
CA LEU A 111 -2.08 17.38 -1.16
C LEU A 111 -2.31 15.89 -1.41
N GLN A 112 -2.85 15.55 -2.58
CA GLN A 112 -3.11 14.16 -2.92
C GLN A 112 -2.14 13.67 -3.98
N PHE A 113 -1.50 12.54 -3.73
CA PHE A 113 -0.54 11.97 -4.67
C PHE A 113 -1.08 10.67 -5.26
N LEU A 114 -0.60 10.33 -6.45
CA LEU A 114 -1.04 9.10 -7.11
C LEU A 114 0.09 8.07 -7.11
N GLN A 115 -0.24 6.84 -6.72
CA GLN A 115 0.75 5.77 -6.66
C GLN A 115 0.36 4.62 -7.60
N ALA A 116 1.36 4.08 -8.29
CA ALA A 116 1.13 2.98 -9.21
C ALA A 116 2.23 1.94 -9.08
N GLY A 117 1.85 0.67 -8.99
CA GLY A 117 2.82 -0.41 -8.85
C GLY A 117 2.17 -1.77 -9.05
N LEU A 118 2.86 -2.82 -8.60
CA LEU A 118 2.34 -4.17 -8.74
C LEU A 118 2.73 -5.01 -7.53
N SER A 119 2.10 -6.19 -7.40
CA SER A 119 2.38 -7.08 -6.28
C SER A 119 2.47 -8.53 -6.76
N TYR A 120 3.21 -9.35 -6.03
CA TYR A 120 3.36 -10.76 -6.39
C TYR A 120 3.59 -11.60 -5.14
N ARG A 121 3.13 -12.84 -5.19
CA ARG A 121 3.28 -13.75 -4.05
C ARG A 121 4.61 -14.49 -4.14
N ILE A 122 5.25 -14.69 -2.99
CA ILE A 122 6.53 -15.39 -2.95
C ILE A 122 6.35 -16.83 -2.48
N GLN A 123 5.19 -17.12 -1.89
CA GLN A 123 4.90 -18.46 -1.40
C GLN A 123 3.44 -18.81 -1.65
N PRO A 124 3.11 -20.08 -1.72
CA PRO A 124 1.71 -20.54 -1.96
C PRO A 124 0.81 -20.25 -0.76
N MET A 1 -5.23 -26.31 -1.39
CA MET A 1 -5.23 -24.90 -0.91
C MET A 1 -3.91 -24.60 -0.23
N GLN A 2 -3.31 -23.46 -0.56
CA GLN A 2 -2.04 -23.06 0.04
C GLN A 2 -2.05 -21.58 0.39
N ASP A 3 -3.02 -20.85 -0.16
CA ASP A 3 -3.13 -19.42 0.10
C ASP A 3 -3.92 -19.17 1.38
N GLY A 4 -3.42 -19.71 2.49
CA GLY A 4 -4.10 -19.54 3.77
C GLY A 4 -3.34 -18.55 4.65
N PRO A 5 -3.81 -18.34 5.86
CA PRO A 5 -3.17 -17.39 6.82
C PRO A 5 -1.66 -17.62 6.92
N GLY A 6 -0.95 -16.57 7.33
CA GLY A 6 0.50 -16.66 7.46
C GLY A 6 1.19 -16.47 6.11
N THR A 7 0.43 -16.01 5.13
CA THR A 7 0.97 -15.79 3.80
C THR A 7 1.97 -14.64 3.80
N LEU A 8 2.86 -14.62 2.81
CA LEU A 8 3.87 -13.58 2.72
C LEU A 8 4.05 -13.15 1.27
N ASP A 9 3.81 -11.86 1.00
CA ASP A 9 3.95 -11.33 -0.35
C ASP A 9 4.60 -9.96 -0.32
N VAL A 10 5.39 -9.66 -1.35
CA VAL A 10 6.07 -8.37 -1.44
C VAL A 10 5.40 -7.49 -2.50
N PHE A 11 5.41 -6.18 -2.25
CA PHE A 11 4.80 -5.25 -3.18
C PHE A 11 5.48 -3.89 -3.11
N VAL A 12 5.54 -3.20 -4.26
CA VAL A 12 6.16 -1.88 -4.32
C VAL A 12 5.10 -0.81 -4.52
N ALA A 13 5.49 0.45 -4.28
CA ALA A 13 4.57 1.56 -4.45
C ALA A 13 5.35 2.84 -4.69
N ALA A 14 5.23 3.36 -5.90
CA ALA A 14 5.93 4.59 -6.28
C ALA A 14 4.97 5.54 -6.99
N GLY A 15 4.93 6.78 -6.54
CA GLY A 15 4.06 7.78 -7.15
C GLY A 15 4.70 9.16 -7.11
N TRP A 16 3.87 10.19 -7.30
CA TRP A 16 4.36 11.56 -7.28
C TRP A 16 3.25 12.51 -6.83
N ASN A 17 3.64 13.73 -6.45
CA ASN A 17 2.68 14.73 -6.00
C ASN A 17 2.75 15.97 -6.89
N THR A 18 1.60 16.62 -7.07
CA THR A 18 1.56 17.83 -7.90
C THR A 18 2.69 18.78 -7.55
N ASP A 19 3.31 18.54 -6.40
CA ASP A 19 4.41 19.39 -5.95
C ASP A 19 5.69 19.02 -6.69
N ASN A 20 5.55 18.24 -7.75
CA ASN A 20 6.71 17.83 -8.53
C ASN A 20 7.65 16.98 -7.69
N THR A 21 7.11 16.35 -6.66
CA THR A 21 7.91 15.50 -5.78
C THR A 21 7.64 14.03 -6.05
N ILE A 22 8.69 13.22 -6.00
CA ILE A 22 8.56 11.79 -6.26
C ILE A 22 8.59 11.01 -4.94
N GLU A 23 7.54 10.23 -4.71
CA GLU A 23 7.45 9.42 -3.49
C GLU A 23 7.77 7.96 -3.78
N ILE A 24 8.54 7.34 -2.88
CA ILE A 24 8.92 5.95 -3.04
C ILE A 24 8.52 5.14 -1.80
N THR A 25 7.88 3.99 -2.03
CA THR A 25 7.45 3.14 -0.94
C THR A 25 7.51 1.67 -1.34
N GLY A 26 7.82 0.80 -0.38
CA GLY A 26 7.91 -0.62 -0.65
C GLY A 26 8.14 -1.41 0.64
N GLY A 27 7.78 -2.69 0.63
CA GLY A 27 7.97 -3.53 1.80
C GLY A 27 7.24 -4.87 1.62
N ALA A 28 6.79 -5.43 2.74
CA ALA A 28 6.08 -6.71 2.71
C ALA A 28 4.75 -6.60 3.45
N THR A 29 3.89 -7.60 3.27
CA THR A 29 2.59 -7.60 3.92
C THR A 29 2.19 -9.02 4.32
N TYR A 30 1.48 -9.14 5.44
CA TYR A 30 1.04 -10.45 5.92
C TYR A 30 -0.45 -10.65 5.63
N GLN A 31 -0.77 -11.76 4.97
CA GLN A 31 -2.16 -12.06 4.65
C GLN A 31 -2.74 -13.05 5.64
N LEU A 32 -3.56 -12.55 6.56
CA LEU A 32 -4.18 -13.40 7.57
C LEU A 32 -5.58 -13.80 7.14
N SER A 33 -6.42 -12.81 6.84
CA SER A 33 -7.79 -13.08 6.41
C SER A 33 -8.22 -12.06 5.36
N PRO A 34 -9.26 -12.36 4.63
CA PRO A 34 -9.79 -11.45 3.56
C PRO A 34 -10.45 -10.20 4.15
N TYR A 35 -10.58 -10.17 5.48
CA TYR A 35 -11.20 -9.03 6.14
C TYR A 35 -10.27 -7.82 6.11
N ILE A 36 -9.14 -7.92 6.81
CA ILE A 36 -8.18 -6.84 6.85
C ILE A 36 -6.76 -7.36 6.66
N MET A 37 -5.96 -6.65 5.87
CA MET A 37 -4.58 -7.06 5.62
C MET A 37 -3.62 -6.18 6.41
N VAL A 38 -2.39 -6.68 6.59
CA VAL A 38 -1.38 -5.93 7.32
C VAL A 38 -0.31 -5.38 6.37
N LYS A 39 -0.23 -4.06 6.27
CA LYS A 39 0.75 -3.42 5.40
C LYS A 39 1.88 -2.82 6.21
N ALA A 40 3.12 -3.09 5.79
CA ALA A 40 4.29 -2.57 6.48
C ALA A 40 5.47 -2.42 5.52
N GLY A 41 6.08 -1.25 5.52
CA GLY A 41 7.22 -0.99 4.64
C GLY A 41 7.90 0.32 5.00
N TYR A 42 8.87 0.73 4.18
CA TYR A 42 9.59 1.97 4.42
C TYR A 42 9.36 2.95 3.27
N GLY A 43 9.68 4.21 3.51
CA GLY A 43 9.50 5.25 2.50
C GLY A 43 10.75 6.10 2.37
N TRP A 44 11.05 6.53 1.14
CA TRP A 44 12.22 7.35 0.90
C TRP A 44 11.89 8.48 -0.08
N ASN A 45 12.63 9.58 0.03
CA ASN A 45 12.40 10.73 -0.85
C ASN A 45 13.65 11.59 -0.93
N ASN A 46 13.69 12.48 -1.92
CA ASN A 46 14.84 13.36 -2.10
C ASN A 46 15.28 13.94 -0.76
N SER A 47 14.39 13.90 0.22
CA SER A 47 14.70 14.43 1.55
C SER A 47 14.17 13.49 2.63
N SER A 48 14.20 13.97 3.87
CA SER A 48 13.72 13.17 4.99
C SER A 48 14.57 11.92 5.16
N LEU A 49 15.23 11.81 6.32
CA LEU A 49 16.08 10.66 6.59
C LEU A 49 15.40 9.37 6.15
N ASN A 50 14.51 8.85 6.99
CA ASN A 50 13.81 7.61 6.65
C ASN A 50 12.34 7.71 7.06
N ARG A 51 11.51 6.87 6.47
CA ARG A 51 10.07 6.87 6.78
C ARG A 51 9.57 5.44 6.96
N PHE A 52 8.54 5.29 7.79
CA PHE A 52 7.96 3.98 8.05
C PHE A 52 6.44 4.05 8.00
N GLU A 53 5.85 3.39 7.01
CA GLU A 53 4.40 3.38 6.86
C GLU A 53 3.81 2.10 7.46
N PHE A 54 2.69 2.25 8.15
CA PHE A 54 2.03 1.10 8.76
C PHE A 54 0.52 1.33 8.85
N GLY A 55 -0.24 0.34 8.40
CA GLY A 55 -1.70 0.45 8.42
C GLY A 55 -2.34 -0.86 8.00
N GLY A 56 -3.56 -0.76 7.44
CA GLY A 56 -4.26 -1.96 6.97
C GLY A 56 -4.97 -1.68 5.65
N GLY A 57 -5.14 -2.73 4.86
CA GLY A 57 -5.80 -2.61 3.57
C GLY A 57 -7.23 -3.16 3.62
N LEU A 58 -8.03 -2.83 2.61
CA LEU A 58 -9.41 -3.29 2.56
C LEU A 58 -9.72 -3.87 1.17
N GLN A 59 -10.28 -5.08 1.16
CA GLN A 59 -10.63 -5.73 -0.10
C GLN A 59 -11.88 -6.58 0.07
N TYR A 60 -12.49 -6.97 -1.04
CA TYR A 60 -13.69 -7.78 -1.00
C TYR A 60 -13.61 -8.94 -1.99
N LYS A 61 -14.38 -10.00 -1.74
CA LYS A 61 -14.38 -11.16 -2.61
C LYS A 61 -15.72 -11.28 -3.35
N VAL A 62 -15.72 -10.89 -4.62
CA VAL A 62 -16.93 -10.95 -5.43
C VAL A 62 -16.62 -11.53 -6.82
N THR A 63 -15.42 -11.29 -7.29
CA THR A 63 -15.00 -11.77 -8.60
C THR A 63 -13.60 -12.38 -8.49
N PRO A 64 -13.17 -13.14 -9.46
CA PRO A 64 -11.82 -13.78 -9.42
C PRO A 64 -10.74 -12.81 -8.93
N ASP A 65 -11.08 -11.52 -8.87
CA ASP A 65 -10.14 -10.50 -8.40
C ASP A 65 -10.57 -9.11 -8.89
N LEU A 66 -11.60 -8.56 -8.26
CA LEU A 66 -12.09 -7.22 -8.63
C LEU A 66 -12.81 -6.60 -7.44
N GLU A 67 -12.17 -5.62 -6.81
CA GLU A 67 -12.76 -4.97 -5.65
C GLU A 67 -12.02 -3.66 -5.34
N PRO A 68 -12.70 -2.69 -4.76
CA PRO A 68 -12.05 -1.39 -4.40
C PRO A 68 -10.97 -1.58 -3.34
N TYR A 69 -10.05 -0.62 -3.26
CA TYR A 69 -8.97 -0.69 -2.29
C TYR A 69 -9.04 0.47 -1.30
N ALA A 70 -8.92 0.16 -0.02
CA ALA A 70 -8.97 1.18 1.02
C ALA A 70 -7.85 0.97 2.02
N TRP A 71 -7.02 2.00 2.20
CA TRP A 71 -5.90 1.92 3.14
C TRP A 71 -5.93 3.10 4.11
N ALA A 72 -5.54 2.83 5.36
CA ALA A 72 -5.52 3.88 6.38
C ALA A 72 -4.40 3.62 7.38
N GLY A 73 -3.58 4.64 7.61
CA GLY A 73 -2.48 4.51 8.55
C GLY A 73 -1.71 5.82 8.67
N ALA A 74 -0.48 5.74 9.18
CA ALA A 74 0.34 6.93 9.34
C ALA A 74 1.82 6.60 9.11
N THR A 75 2.60 7.62 8.77
CA THR A 75 4.03 7.42 8.53
C THR A 75 4.85 7.95 9.70
N TYR A 76 5.65 7.06 10.29
CA TYR A 76 6.48 7.46 11.42
C TYR A 76 7.93 7.68 10.97
N ASN A 77 8.37 8.93 11.03
CA ASN A 77 9.73 9.27 10.63
C ASN A 77 10.66 9.27 11.83
N THR A 78 11.92 8.94 11.59
CA THR A 78 12.91 8.90 12.67
C THR A 78 12.93 10.22 13.44
N ASP A 79 12.42 11.27 12.79
CA ASP A 79 12.38 12.59 13.42
C ASP A 79 11.25 12.64 14.45
N ASN A 80 10.76 11.48 14.86
CA ASN A 80 9.68 11.41 15.84
C ASN A 80 8.45 12.14 15.30
N THR A 81 8.30 12.14 13.99
CA THR A 81 7.15 12.80 13.37
C THR A 81 6.10 11.78 12.94
N LEU A 82 4.85 12.23 12.86
CA LEU A 82 3.76 11.36 12.46
C LEU A 82 2.91 12.03 11.38
N VAL A 83 2.41 11.22 10.45
CA VAL A 83 1.58 11.74 9.37
C VAL A 83 0.39 10.82 9.11
N PRO A 84 -0.69 10.96 9.84
CA PRO A 84 -1.90 10.11 9.67
C PRO A 84 -2.80 10.62 8.54
N ALA A 85 -3.12 9.74 7.61
CA ALA A 85 -3.98 10.11 6.49
C ALA A 85 -4.68 8.88 5.92
N ALA A 86 -5.54 9.10 4.93
CA ALA A 86 -6.28 8.00 4.31
C ALA A 86 -6.22 8.11 2.79
N GLY A 87 -6.41 6.98 2.11
CA GLY A 87 -6.38 6.97 0.66
C GLY A 87 -7.36 5.95 0.10
N ALA A 88 -7.72 6.12 -1.18
CA ALA A 88 -8.67 5.21 -1.82
C ALA A 88 -8.14 4.80 -3.20
N GLY A 89 -8.14 3.50 -3.46
CA GLY A 89 -7.66 2.99 -4.74
C GLY A 89 -8.55 1.87 -5.25
N PHE A 90 -8.07 1.16 -6.27
CA PHE A 90 -8.82 0.06 -6.85
C PHE A 90 -7.92 -1.14 -7.09
N ARG A 91 -8.50 -2.34 -6.97
CA ARG A 91 -7.74 -3.57 -7.16
C ARG A 91 -8.15 -4.25 -8.47
N TYR A 92 -7.25 -4.23 -9.45
CA TYR A 92 -7.52 -4.83 -10.75
C TYR A 92 -6.58 -5.99 -11.00
N LYS A 93 -7.03 -6.95 -11.80
CA LYS A 93 -6.22 -8.13 -12.12
C LYS A 93 -5.42 -7.90 -13.39
N VAL A 94 -4.22 -8.47 -13.45
CA VAL A 94 -3.35 -8.33 -14.61
C VAL A 94 -2.66 -9.65 -14.92
N SER A 95 -2.28 -10.37 -13.87
CA SER A 95 -1.61 -11.65 -14.03
C SER A 95 -1.87 -12.55 -12.82
N PRO A 96 -1.65 -13.83 -12.96
CA PRO A 96 -1.88 -14.80 -11.85
C PRO A 96 -0.83 -14.68 -10.74
N GLU A 97 0.35 -14.18 -11.10
CA GLU A 97 1.43 -14.01 -10.13
C GLU A 97 1.64 -12.54 -9.80
N VAL A 98 0.98 -11.66 -10.54
CA VAL A 98 1.10 -10.22 -10.31
C VAL A 98 -0.26 -9.55 -10.29
N LYS A 99 -0.36 -8.45 -9.56
CA LYS A 99 -1.62 -7.71 -9.47
C LYS A 99 -1.37 -6.21 -9.63
N LEU A 100 -2.36 -5.50 -10.16
CA LEU A 100 -2.24 -4.07 -10.35
C LEU A 100 -3.01 -3.30 -9.28
N VAL A 101 -2.42 -2.20 -8.81
CA VAL A 101 -3.05 -1.38 -7.78
C VAL A 101 -2.87 0.10 -8.08
N VAL A 102 -3.89 0.89 -7.75
CA VAL A 102 -3.83 2.33 -7.97
C VAL A 102 -4.58 3.04 -6.87
N GLU A 103 -3.84 3.73 -6.02
CA GLU A 103 -4.43 4.47 -4.91
C GLU A 103 -3.79 5.84 -4.76
N TYR A 104 -4.55 6.78 -4.20
CA TYR A 104 -4.06 8.14 -4.00
C TYR A 104 -4.27 8.57 -2.55
N GLY A 105 -3.27 9.23 -1.98
CA GLY A 105 -3.36 9.68 -0.59
C GLY A 105 -4.02 11.06 -0.52
N TRP A 106 -4.71 11.32 0.58
CA TRP A 106 -5.38 12.60 0.76
C TRP A 106 -5.65 12.86 2.25
N ASN A 107 -5.86 14.12 2.60
CA ASN A 107 -6.13 14.48 3.98
C ASN A 107 -7.12 15.63 4.05
N ASN A 108 -7.57 15.95 5.26
CA ASN A 108 -8.53 17.04 5.46
C ASN A 108 -8.14 18.25 4.61
N SER A 109 -8.78 18.40 3.47
CA SER A 109 -8.51 19.52 2.57
C SER A 109 -7.00 19.78 2.49
N SER A 110 -6.36 19.20 1.49
CA SER A 110 -4.93 19.36 1.32
C SER A 110 -4.45 18.66 0.04
N LEU A 111 -3.30 19.09 -0.47
CA LEU A 111 -2.76 18.50 -1.69
C LEU A 111 -2.80 16.98 -1.61
N GLN A 112 -2.88 16.34 -2.77
CA GLN A 112 -2.94 14.88 -2.85
C GLN A 112 -1.90 14.35 -3.82
N PHE A 113 -1.77 13.02 -3.88
CA PHE A 113 -0.81 12.40 -4.78
C PHE A 113 -1.30 11.03 -5.23
N LEU A 114 -0.84 10.60 -6.40
CA LEU A 114 -1.25 9.31 -6.95
C LEU A 114 -0.03 8.39 -7.05
N GLN A 115 -0.27 7.08 -6.88
CA GLN A 115 0.82 6.12 -6.96
C GLN A 115 0.29 4.75 -7.39
N ALA A 116 1.14 3.99 -8.07
CA ALA A 116 0.77 2.66 -8.54
C ALA A 116 1.67 1.60 -7.92
N GLY A 117 1.07 0.55 -7.39
CA GLY A 117 1.83 -0.53 -6.76
C GLY A 117 1.46 -1.89 -7.36
N LEU A 118 2.34 -2.87 -7.17
CA LEU A 118 2.09 -4.20 -7.70
C LEU A 118 2.42 -5.26 -6.65
N SER A 119 1.53 -6.22 -6.49
CA SER A 119 1.73 -7.29 -5.51
C SER A 119 2.37 -8.51 -6.16
N TYR A 120 3.21 -9.20 -5.41
CA TYR A 120 3.90 -10.39 -5.92
C TYR A 120 3.72 -11.55 -4.95
N ARG A 121 3.14 -12.64 -5.45
CA ARG A 121 2.92 -13.83 -4.62
C ARG A 121 4.23 -14.56 -4.37
N ILE A 122 4.73 -14.48 -3.14
CA ILE A 122 5.98 -15.14 -2.79
C ILE A 122 5.91 -15.66 -1.36
N GLN A 123 5.31 -16.83 -1.17
CA GLN A 123 5.20 -17.43 0.15
C GLN A 123 6.08 -18.66 0.27
N PRO A 124 6.36 -19.10 1.47
CA PRO A 124 7.21 -20.30 1.71
C PRO A 124 6.52 -21.60 1.27
N MET A 1 -7.08 -24.73 2.24
CA MET A 1 -7.98 -24.25 1.15
C MET A 1 -7.13 -23.80 -0.03
N GLN A 2 -6.63 -22.57 0.04
CA GLN A 2 -5.81 -22.02 -1.03
C GLN A 2 -4.54 -21.40 -0.45
N ASP A 3 -4.67 -20.68 0.66
CA ASP A 3 -3.53 -20.04 1.29
C ASP A 3 -3.69 -20.05 2.82
N GLY A 4 -2.59 -20.29 3.51
CA GLY A 4 -2.62 -20.31 4.97
C GLY A 4 -2.32 -18.93 5.55
N PRO A 5 -2.57 -18.75 6.82
CA PRO A 5 -2.33 -17.45 7.52
C PRO A 5 -0.84 -17.16 7.68
N GLY A 6 -0.50 -15.88 7.74
CA GLY A 6 0.90 -15.47 7.89
C GLY A 6 1.61 -15.42 6.55
N THR A 7 0.82 -15.46 5.47
CA THR A 7 1.39 -15.41 4.13
C THR A 7 2.22 -14.15 3.93
N LEU A 8 3.33 -14.28 3.23
CA LEU A 8 4.21 -13.14 2.97
C LEU A 8 4.15 -12.74 1.49
N ASP A 9 4.03 -11.44 1.24
CA ASP A 9 3.95 -10.94 -0.12
C ASP A 9 4.74 -9.64 -0.26
N VAL A 10 5.36 -9.46 -1.43
CA VAL A 10 6.14 -8.25 -1.69
C VAL A 10 5.49 -7.44 -2.81
N PHE A 11 5.55 -6.12 -2.69
CA PHE A 11 4.97 -5.24 -3.70
C PHE A 11 5.59 -3.86 -3.66
N VAL A 12 5.72 -3.25 -4.83
CA VAL A 12 6.30 -1.91 -4.94
C VAL A 12 5.27 -0.96 -5.55
N ALA A 13 5.32 0.31 -5.13
CA ALA A 13 4.39 1.29 -5.65
C ALA A 13 4.99 2.69 -5.51
N ALA A 14 5.29 3.29 -6.64
CA ALA A 14 5.84 4.64 -6.68
C ALA A 14 4.76 5.65 -7.03
N GLY A 15 4.82 6.83 -6.42
CA GLY A 15 3.82 7.86 -6.67
C GLY A 15 4.49 9.22 -6.89
N TRP A 16 3.68 10.19 -7.31
CA TRP A 16 4.19 11.54 -7.56
C TRP A 16 3.33 12.57 -6.82
N ASN A 17 3.95 13.67 -6.42
CA ASN A 17 3.25 14.72 -5.70
C ASN A 17 2.95 15.89 -6.63
N THR A 18 1.80 16.54 -6.42
CA THR A 18 1.42 17.67 -7.25
C THR A 18 2.58 18.65 -7.41
N ASP A 19 3.40 18.77 -6.37
CA ASP A 19 4.54 19.67 -6.40
C ASP A 19 5.62 19.11 -7.34
N ASN A 20 5.26 18.12 -8.13
CA ASN A 20 6.20 17.51 -9.06
C ASN A 20 7.38 16.92 -8.31
N THR A 21 7.10 15.89 -7.51
CA THR A 21 8.14 15.23 -6.73
C THR A 21 8.05 13.71 -6.88
N ILE A 22 9.19 13.04 -6.76
CA ILE A 22 9.22 11.59 -6.88
C ILE A 22 9.24 10.93 -5.50
N GLU A 23 8.36 9.96 -5.30
CA GLU A 23 8.28 9.26 -4.03
C GLU A 23 8.17 7.75 -4.24
N ILE A 24 9.09 7.01 -3.63
CA ILE A 24 9.09 5.56 -3.77
C ILE A 24 8.58 4.90 -2.48
N THR A 25 7.73 3.89 -2.63
CA THR A 25 7.19 3.18 -1.48
C THR A 25 7.14 1.69 -1.74
N GLY A 26 7.90 0.92 -0.96
CA GLY A 26 7.93 -0.52 -1.11
C GLY A 26 8.04 -1.22 0.23
N GLY A 27 7.64 -2.48 0.28
CA GLY A 27 7.70 -3.25 1.52
C GLY A 27 7.02 -4.60 1.35
N ALA A 28 6.44 -5.11 2.44
CA ALA A 28 5.76 -6.40 2.40
C ALA A 28 4.44 -6.33 3.19
N THR A 29 3.58 -7.32 2.98
CA THR A 29 2.30 -7.36 3.66
C THR A 29 2.01 -8.77 4.15
N TYR A 30 1.33 -8.87 5.30
CA TYR A 30 0.98 -10.17 5.87
C TYR A 30 -0.49 -10.47 5.64
N GLN A 31 -0.76 -11.60 4.97
CA GLN A 31 -2.13 -11.99 4.69
C GLN A 31 -2.58 -13.09 5.67
N LEU A 32 -3.25 -12.67 6.73
CA LEU A 32 -3.73 -13.62 7.74
C LEU A 32 -5.12 -14.13 7.37
N SER A 33 -5.94 -13.25 6.82
CA SER A 33 -7.29 -13.63 6.43
C SER A 33 -7.94 -12.52 5.60
N PRO A 34 -8.99 -12.82 4.89
CA PRO A 34 -9.70 -11.83 4.05
C PRO A 34 -10.39 -10.75 4.88
N TYR A 35 -10.36 -10.92 6.20
CA TYR A 35 -10.97 -9.97 7.11
C TYR A 35 -10.25 -8.63 7.04
N ILE A 36 -8.99 -8.63 7.47
CA ILE A 36 -8.18 -7.41 7.47
C ILE A 36 -6.75 -7.73 7.09
N MET A 37 -6.16 -6.90 6.22
CA MET A 37 -4.79 -7.11 5.79
C MET A 37 -3.85 -6.14 6.51
N VAL A 38 -2.61 -6.56 6.72
CA VAL A 38 -1.62 -5.73 7.40
C VAL A 38 -0.59 -5.21 6.40
N LYS A 39 -0.51 -3.88 6.29
CA LYS A 39 0.44 -3.27 5.37
C LYS A 39 1.60 -2.65 6.13
N ALA A 40 2.83 -2.93 5.67
CA ALA A 40 4.01 -2.40 6.33
C ALA A 40 5.13 -2.20 5.32
N GLY A 41 5.72 -1.00 5.31
CA GLY A 41 6.80 -0.71 4.38
C GLY A 41 7.44 0.64 4.71
N TYR A 42 8.35 1.09 3.85
CA TYR A 42 9.02 2.37 4.06
C TYR A 42 9.31 3.05 2.73
N GLY A 43 9.28 4.37 2.74
CA GLY A 43 9.54 5.14 1.53
C GLY A 43 10.41 6.35 1.83
N TRP A 44 10.77 7.10 0.79
CA TRP A 44 11.60 8.29 0.95
C TRP A 44 11.56 9.15 -0.30
N ASN A 45 12.11 10.35 -0.20
CA ASN A 45 12.14 11.27 -1.34
C ASN A 45 13.48 11.97 -1.43
N ASN A 46 13.80 12.76 -0.41
CA ASN A 46 15.06 13.50 -0.38
C ASN A 46 16.15 12.67 0.30
N SER A 47 16.48 13.03 1.54
CA SER A 47 17.51 12.32 2.29
C SER A 47 17.46 12.71 3.76
N SER A 48 18.31 12.07 4.56
CA SER A 48 18.35 12.36 5.99
C SER A 48 16.94 12.39 6.57
N LEU A 49 16.10 11.46 6.13
CA LEU A 49 14.73 11.39 6.62
C LEU A 49 14.05 10.13 6.11
N ASN A 50 13.69 9.25 7.03
CA ASN A 50 13.02 8.00 6.67
C ASN A 50 11.52 8.09 6.95
N ARG A 51 10.74 7.36 6.16
CA ARG A 51 9.28 7.36 6.31
C ARG A 51 8.76 5.95 6.42
N PHE A 52 8.16 5.62 7.56
CA PHE A 52 7.61 4.28 7.78
C PHE A 52 6.09 4.33 7.79
N GLU A 53 5.47 3.63 6.84
CA GLU A 53 4.01 3.60 6.75
C GLU A 53 3.47 2.32 7.38
N PHE A 54 2.41 2.46 8.17
CA PHE A 54 1.80 1.31 8.83
C PHE A 54 0.30 1.53 9.01
N GLY A 55 -0.49 0.54 8.60
CA GLY A 55 -1.94 0.64 8.72
C GLY A 55 -2.61 -0.68 8.33
N GLY A 56 -3.81 -0.59 7.78
CA GLY A 56 -4.54 -1.79 7.37
C GLY A 56 -5.24 -1.57 6.03
N GLY A 57 -5.48 -2.66 5.31
CA GLY A 57 -6.15 -2.59 4.02
C GLY A 57 -7.52 -3.24 4.06
N LEU A 58 -8.41 -2.82 3.18
CA LEU A 58 -9.76 -3.37 3.13
C LEU A 58 -10.16 -3.70 1.69
N GLN A 59 -10.87 -4.81 1.53
CA GLN A 59 -11.31 -5.24 0.19
C GLN A 59 -12.76 -5.68 0.24
N TYR A 60 -13.38 -5.78 -0.95
CA TYR A 60 -14.77 -6.19 -1.05
C TYR A 60 -14.90 -7.50 -1.83
N LYS A 61 -16.10 -8.08 -1.81
CA LYS A 61 -16.34 -9.33 -2.52
C LYS A 61 -17.41 -9.13 -3.59
N VAL A 62 -17.08 -9.51 -4.82
CA VAL A 62 -18.01 -9.37 -5.93
C VAL A 62 -17.53 -10.14 -7.15
N THR A 63 -16.21 -10.19 -7.33
CA THR A 63 -15.62 -10.88 -8.46
C THR A 63 -14.42 -11.71 -7.99
N PRO A 64 -13.96 -12.65 -8.76
CA PRO A 64 -12.79 -13.49 -8.37
C PRO A 64 -11.66 -12.67 -7.77
N ASP A 65 -11.76 -11.34 -7.89
CA ASP A 65 -10.75 -10.43 -7.34
C ASP A 65 -10.86 -9.06 -7.99
N LEU A 66 -11.87 -8.30 -7.59
CA LEU A 66 -12.08 -6.97 -8.14
C LEU A 66 -12.87 -6.11 -7.16
N GLU A 67 -12.19 -5.18 -6.50
CA GLU A 67 -12.84 -4.31 -5.53
C GLU A 67 -11.95 -3.11 -5.18
N PRO A 68 -12.53 -2.02 -4.74
CA PRO A 68 -11.75 -0.82 -4.35
C PRO A 68 -10.80 -1.11 -3.20
N TYR A 69 -9.83 -0.22 -2.98
CA TYR A 69 -8.87 -0.40 -1.90
C TYR A 69 -8.97 0.73 -0.89
N ALA A 70 -9.01 0.38 0.39
CA ALA A 70 -9.10 1.37 1.45
C ALA A 70 -7.92 1.20 2.42
N TRP A 71 -7.15 2.28 2.60
CA TRP A 71 -6.01 2.25 3.49
C TRP A 71 -6.11 3.34 4.55
N ALA A 72 -5.77 2.98 5.79
CA ALA A 72 -5.84 3.93 6.89
C ALA A 72 -4.70 3.69 7.88
N GLY A 73 -3.95 4.74 8.20
CA GLY A 73 -2.84 4.62 9.14
C GLY A 73 -2.08 5.93 9.25
N ALA A 74 -0.85 5.85 9.75
CA ALA A 74 -0.02 7.04 9.90
C ALA A 74 1.43 6.74 9.54
N THR A 75 2.20 7.80 9.31
CA THR A 75 3.61 7.64 8.95
C THR A 75 4.51 7.95 10.14
N TYR A 76 5.25 6.95 10.60
CA TYR A 76 6.14 7.13 11.74
C TYR A 76 7.58 7.33 11.27
N ASN A 77 8.10 8.54 11.45
CA ASN A 77 9.46 8.84 11.04
C ASN A 77 10.43 8.59 12.19
N THR A 78 11.66 8.21 11.84
CA THR A 78 12.68 7.95 12.85
C THR A 78 12.81 9.12 13.81
N ASP A 79 12.32 10.28 13.39
CA ASP A 79 12.38 11.47 14.24
C ASP A 79 11.26 11.45 15.27
N ASN A 80 10.65 10.28 15.44
CA ASN A 80 9.57 10.13 16.40
C ASN A 80 8.40 11.04 16.03
N THR A 81 8.22 11.24 14.73
CA THR A 81 7.14 12.09 14.24
C THR A 81 5.99 11.24 13.72
N LEU A 82 4.76 11.71 13.94
CA LEU A 82 3.58 11.00 13.49
C LEU A 82 2.72 11.89 12.59
N VAL A 83 2.27 11.34 11.48
CA VAL A 83 1.45 12.10 10.53
C VAL A 83 0.30 11.24 10.00
N PRO A 84 -0.80 11.17 10.72
CA PRO A 84 -1.99 10.37 10.30
C PRO A 84 -2.42 10.70 8.87
N ALA A 85 -2.81 9.68 8.12
CA ALA A 85 -3.23 9.88 6.75
C ALA A 85 -4.22 8.79 6.32
N ALA A 86 -4.79 8.94 5.13
CA ALA A 86 -5.74 7.97 4.62
C ALA A 86 -6.09 8.28 3.17
N GLY A 87 -6.35 7.23 2.38
CA GLY A 87 -6.68 7.41 0.98
C GLY A 87 -7.43 6.19 0.45
N ALA A 88 -7.52 6.08 -0.88
CA ALA A 88 -8.21 4.97 -1.51
C ALA A 88 -7.43 4.46 -2.72
N GLY A 89 -7.79 3.27 -3.19
CA GLY A 89 -7.11 2.69 -4.34
C GLY A 89 -8.01 1.67 -5.04
N PHE A 90 -7.39 0.80 -5.82
CA PHE A 90 -8.14 -0.23 -6.55
C PHE A 90 -7.26 -1.45 -6.80
N ARG A 91 -7.89 -2.61 -6.91
CA ARG A 91 -7.16 -3.85 -7.16
C ARG A 91 -7.88 -4.69 -8.21
N TYR A 92 -7.17 -5.02 -9.29
CA TYR A 92 -7.73 -5.81 -10.37
C TYR A 92 -6.77 -6.94 -10.76
N LYS A 93 -7.28 -8.16 -10.78
CA LYS A 93 -6.47 -9.32 -11.13
C LYS A 93 -6.05 -9.27 -12.60
N VAL A 94 -4.75 -9.06 -12.83
CA VAL A 94 -4.24 -9.00 -14.19
C VAL A 94 -3.50 -10.30 -14.54
N SER A 95 -2.85 -10.88 -13.53
CA SER A 95 -2.12 -12.13 -13.73
C SER A 95 -2.07 -12.93 -12.44
N PRO A 96 -1.76 -14.20 -12.51
CA PRO A 96 -1.67 -15.08 -11.31
C PRO A 96 -0.45 -14.78 -10.45
N GLU A 97 0.53 -14.09 -11.04
CA GLU A 97 1.75 -13.75 -10.32
C GLU A 97 1.99 -12.24 -10.33
N VAL A 98 1.23 -11.52 -11.16
CA VAL A 98 1.38 -10.07 -11.25
C VAL A 98 0.02 -9.40 -11.18
N LYS A 99 -0.20 -8.62 -10.13
CA LYS A 99 -1.47 -7.91 -9.95
C LYS A 99 -1.26 -6.41 -10.11
N LEU A 100 -2.33 -5.72 -10.51
CA LEU A 100 -2.25 -4.27 -10.69
C LEU A 100 -2.83 -3.54 -9.49
N VAL A 101 -2.12 -2.49 -9.05
CA VAL A 101 -2.57 -1.72 -7.90
C VAL A 101 -2.41 -0.22 -8.17
N VAL A 102 -3.37 0.57 -7.68
CA VAL A 102 -3.34 2.00 -7.85
C VAL A 102 -3.95 2.68 -6.64
N GLU A 103 -3.10 3.33 -5.86
CA GLU A 103 -3.55 4.02 -4.66
C GLU A 103 -3.32 5.52 -4.76
N TYR A 104 -4.13 6.29 -4.04
CA TYR A 104 -4.01 7.74 -4.06
C TYR A 104 -4.07 8.29 -2.64
N GLY A 105 -2.97 8.87 -2.18
CA GLY A 105 -2.90 9.44 -0.84
C GLY A 105 -3.81 10.65 -0.71
N TRP A 106 -4.46 10.80 0.44
CA TRP A 106 -5.35 11.92 0.68
C TRP A 106 -5.23 12.40 2.12
N ASN A 107 -5.60 13.66 2.35
CA ASN A 107 -5.52 14.23 3.68
C ASN A 107 -6.77 15.04 4.00
N ASN A 108 -6.91 15.45 5.25
CA ASN A 108 -8.07 16.24 5.66
C ASN A 108 -8.33 17.37 4.67
N SER A 109 -7.28 18.10 4.32
CA SER A 109 -7.41 19.20 3.39
C SER A 109 -6.04 19.65 2.88
N SER A 110 -5.47 18.86 1.98
CA SER A 110 -4.15 19.18 1.41
C SER A 110 -3.95 18.46 0.08
N LEU A 111 -2.93 18.89 -0.66
CA LEU A 111 -2.64 18.28 -1.95
C LEU A 111 -2.59 16.76 -1.84
N GLN A 112 -3.03 16.07 -2.89
CA GLN A 112 -3.02 14.62 -2.91
C GLN A 112 -1.96 14.09 -3.85
N PHE A 113 -1.71 12.79 -3.79
CA PHE A 113 -0.71 12.16 -4.63
C PHE A 113 -1.24 10.86 -5.21
N LEU A 114 -0.70 10.47 -6.37
CA LEU A 114 -1.12 9.23 -7.03
C LEU A 114 -0.02 8.17 -6.92
N GLN A 115 -0.44 6.91 -6.80
CA GLN A 115 0.51 5.81 -6.70
C GLN A 115 0.10 4.65 -7.59
N ALA A 116 1.08 4.02 -8.22
CA ALA A 116 0.81 2.89 -9.10
C ALA A 116 1.91 1.84 -8.96
N GLY A 117 1.53 0.57 -9.05
CA GLY A 117 2.50 -0.51 -8.93
C GLY A 117 1.83 -1.88 -9.03
N LEU A 118 2.53 -2.91 -8.60
CA LEU A 118 2.00 -4.27 -8.65
C LEU A 118 2.47 -5.07 -7.45
N SER A 119 1.87 -6.24 -7.25
CA SER A 119 2.22 -7.11 -6.13
C SER A 119 2.68 -8.48 -6.63
N TYR A 120 3.49 -9.16 -5.84
CA TYR A 120 3.98 -10.48 -6.22
C TYR A 120 3.92 -11.44 -5.03
N ARG A 121 3.38 -12.63 -5.25
CA ARG A 121 3.27 -13.62 -4.19
C ARG A 121 4.59 -14.37 -4.00
N ILE A 122 4.93 -14.67 -2.76
CA ILE A 122 6.17 -15.37 -2.46
C ILE A 122 5.99 -16.88 -2.66
N GLN A 123 4.91 -17.41 -2.11
CA GLN A 123 4.62 -18.84 -2.24
C GLN A 123 3.13 -19.07 -2.47
N PRO A 124 2.77 -20.19 -3.05
CA PRO A 124 1.33 -20.51 -3.32
C PRO A 124 0.56 -20.81 -2.04
N MET A 1 -4.09 -24.20 -1.44
CA MET A 1 -5.26 -23.77 -0.61
C MET A 1 -5.53 -22.28 -0.86
N GLN A 2 -5.74 -21.94 -2.12
CA GLN A 2 -6.02 -20.55 -2.49
C GLN A 2 -5.08 -19.61 -1.74
N ASP A 3 -5.55 -19.07 -0.63
CA ASP A 3 -4.74 -18.15 0.16
C ASP A 3 -5.06 -18.30 1.65
N GLY A 4 -4.32 -19.18 2.32
CA GLY A 4 -4.52 -19.41 3.74
C GLY A 4 -3.91 -18.29 4.58
N PRO A 5 -4.14 -18.31 5.86
CA PRO A 5 -3.61 -17.27 6.79
C PRO A 5 -2.11 -17.44 7.02
N GLY A 6 -1.40 -16.31 7.09
CA GLY A 6 0.04 -16.34 7.31
C GLY A 6 0.79 -16.20 5.99
N THR A 7 0.08 -15.81 4.94
CA THR A 7 0.69 -15.65 3.63
C THR A 7 1.66 -14.48 3.62
N LEU A 8 2.58 -14.47 2.67
CA LEU A 8 3.55 -13.39 2.56
C LEU A 8 3.82 -13.05 1.11
N ASP A 9 3.66 -11.78 0.76
CA ASP A 9 3.88 -11.33 -0.61
C ASP A 9 4.65 -10.02 -0.63
N VAL A 10 5.41 -9.81 -1.71
CA VAL A 10 6.20 -8.58 -1.86
C VAL A 10 5.59 -7.69 -2.93
N PHE A 11 5.50 -6.39 -2.64
CA PHE A 11 4.93 -5.45 -3.58
C PHE A 11 5.54 -4.07 -3.42
N VAL A 12 5.77 -3.39 -4.54
CA VAL A 12 6.35 -2.06 -4.53
C VAL A 12 5.30 -1.03 -4.94
N ALA A 13 5.49 0.22 -4.55
CA ALA A 13 4.56 1.27 -4.90
C ALA A 13 5.25 2.62 -4.89
N ALA A 14 5.38 3.21 -6.07
CA ALA A 14 6.01 4.51 -6.22
C ALA A 14 4.97 5.57 -6.53
N GLY A 15 4.95 6.63 -5.73
CA GLY A 15 4.00 7.72 -5.93
C GLY A 15 4.70 9.05 -6.11
N TRP A 16 3.95 10.06 -6.56
CA TRP A 16 4.52 11.39 -6.78
C TRP A 16 3.59 12.45 -6.21
N ASN A 17 4.18 13.56 -5.78
CA ASN A 17 3.40 14.66 -5.21
C ASN A 17 3.37 15.85 -6.17
N THR A 18 2.25 16.57 -6.17
CA THR A 18 2.10 17.73 -7.05
C THR A 18 3.31 18.66 -6.91
N ASP A 19 4.01 18.55 -5.79
CA ASP A 19 5.19 19.38 -5.55
C ASP A 19 6.35 18.90 -6.41
N ASN A 20 6.06 18.09 -7.42
CA ASN A 20 7.08 17.58 -8.31
C ASN A 20 8.16 16.82 -7.52
N THR A 21 7.73 15.78 -6.81
CA THR A 21 8.65 14.98 -6.01
C THR A 21 8.34 13.50 -6.17
N ILE A 22 9.39 12.68 -6.15
CA ILE A 22 9.22 11.24 -6.29
C ILE A 22 9.26 10.56 -4.93
N GLU A 23 8.43 9.54 -4.76
CA GLU A 23 8.37 8.80 -3.50
C GLU A 23 8.30 7.30 -3.76
N ILE A 24 9.39 6.61 -3.44
CA ILE A 24 9.45 5.15 -3.63
C ILE A 24 9.31 4.42 -2.30
N THR A 25 8.28 3.60 -2.19
CA THR A 25 8.04 2.84 -0.96
C THR A 25 7.71 1.39 -1.28
N GLY A 26 8.24 0.48 -0.47
CA GLY A 26 8.00 -0.94 -0.67
C GLY A 26 8.04 -1.69 0.65
N GLY A 27 7.42 -2.87 0.67
CA GLY A 27 7.39 -3.69 1.88
C GLY A 27 6.74 -5.04 1.61
N ALA A 28 6.16 -5.63 2.65
CA ALA A 28 5.52 -6.93 2.52
C ALA A 28 4.16 -6.92 3.21
N THR A 29 3.19 -7.62 2.61
CA THR A 29 1.84 -7.69 3.17
C THR A 29 1.58 -9.08 3.74
N TYR A 30 1.11 -9.11 4.98
CA TYR A 30 0.81 -10.38 5.64
C TYR A 30 -0.69 -10.61 5.70
N GLN A 31 -1.15 -11.67 5.04
CA GLN A 31 -2.59 -11.99 5.04
C GLN A 31 -2.93 -12.94 6.17
N LEU A 32 -3.66 -12.45 7.16
CA LEU A 32 -4.06 -13.26 8.30
C LEU A 32 -5.49 -13.75 8.13
N SER A 33 -6.24 -13.08 7.26
CA SER A 33 -7.63 -13.44 7.01
C SER A 33 -8.23 -12.57 5.92
N PRO A 34 -9.33 -12.99 5.34
CA PRO A 34 -10.00 -12.22 4.26
C PRO A 34 -10.66 -10.94 4.78
N TYR A 35 -10.66 -10.78 6.09
CA TYR A 35 -11.26 -9.60 6.71
C TYR A 35 -10.40 -8.35 6.42
N ILE A 36 -9.30 -8.23 7.15
CA ILE A 36 -8.40 -7.09 6.98
C ILE A 36 -6.95 -7.55 6.91
N MET A 37 -6.19 -6.96 5.99
CA MET A 37 -4.79 -7.32 5.84
C MET A 37 -3.88 -6.26 6.46
N VAL A 38 -2.62 -6.61 6.67
CA VAL A 38 -1.66 -5.69 7.26
C VAL A 38 -0.41 -5.59 6.41
N LYS A 39 0.16 -4.40 6.31
CA LYS A 39 1.37 -4.20 5.51
C LYS A 39 2.27 -3.16 6.16
N ALA A 40 3.58 -3.32 5.96
CA ALA A 40 4.54 -2.38 6.53
C ALA A 40 5.81 -2.31 5.68
N GLY A 41 6.34 -1.11 5.52
CA GLY A 41 7.55 -0.93 4.72
C GLY A 41 8.18 0.43 5.00
N TYR A 42 9.22 0.77 4.22
CA TYR A 42 9.91 2.04 4.39
C TYR A 42 9.75 2.89 3.13
N GLY A 43 9.72 4.21 3.31
CA GLY A 43 9.59 5.12 2.18
C GLY A 43 10.91 5.83 1.89
N TRP A 44 11.18 6.05 0.61
CA TRP A 44 12.41 6.72 0.20
C TRP A 44 12.12 8.12 -0.30
N ASN A 45 12.79 9.11 0.28
CA ASN A 45 12.59 10.50 -0.11
C ASN A 45 13.83 11.05 -0.81
N ASN A 46 14.98 10.95 -0.14
CA ASN A 46 16.23 11.43 -0.71
C ASN A 46 17.41 10.65 -0.13
N SER A 47 17.88 11.07 1.04
CA SER A 47 19.00 10.41 1.68
C SER A 47 18.93 10.59 3.19
N SER A 48 19.16 11.82 3.65
CA SER A 48 19.13 12.10 5.08
C SER A 48 17.68 12.09 5.59
N LEU A 49 16.75 12.34 4.68
CA LEU A 49 15.32 12.35 5.05
C LEU A 49 14.65 11.06 4.60
N ASN A 50 13.93 10.44 5.52
CA ASN A 50 13.22 9.19 5.21
C ASN A 50 11.83 9.19 5.83
N ARG A 51 11.02 8.21 5.44
CA ARG A 51 9.66 8.11 5.96
C ARG A 51 9.28 6.65 6.20
N PHE A 52 8.22 6.44 6.98
CA PHE A 52 7.76 5.09 7.27
C PHE A 52 6.25 5.01 7.19
N GLU A 53 5.73 3.83 6.87
CA GLU A 53 4.29 3.63 6.76
C GLU A 53 3.87 2.32 7.42
N PHE A 54 2.83 2.39 8.25
CA PHE A 54 2.35 1.19 8.93
C PHE A 54 0.83 1.24 9.05
N GLY A 55 0.18 0.15 8.63
CA GLY A 55 -1.27 0.07 8.69
C GLY A 55 -1.78 -1.17 7.95
N GLY A 56 -2.98 -1.07 7.39
CA GLY A 56 -3.57 -2.19 6.66
C GLY A 56 -4.53 -1.68 5.59
N GLY A 57 -5.01 -2.61 4.76
CA GLY A 57 -5.94 -2.26 3.69
C GLY A 57 -7.21 -3.12 3.76
N LEU A 58 -8.16 -2.84 2.88
CA LEU A 58 -9.41 -3.59 2.85
C LEU A 58 -9.77 -3.98 1.42
N GLN A 59 -10.19 -5.24 1.26
CA GLN A 59 -10.58 -5.76 -0.05
C GLN A 59 -12.02 -6.24 -0.01
N TYR A 60 -12.61 -6.46 -1.19
CA TYR A 60 -14.00 -6.92 -1.27
C TYR A 60 -14.13 -8.08 -2.25
N LYS A 61 -14.88 -9.10 -1.86
CA LYS A 61 -15.07 -10.27 -2.70
C LYS A 61 -16.35 -10.15 -3.52
N VAL A 62 -16.20 -9.89 -4.81
CA VAL A 62 -17.35 -9.74 -5.70
C VAL A 62 -17.11 -10.47 -7.01
N THR A 63 -15.86 -10.44 -7.47
CA THR A 63 -15.50 -11.10 -8.72
C THR A 63 -14.11 -11.71 -8.58
N PRO A 64 -13.72 -12.60 -9.46
CA PRO A 64 -12.38 -13.25 -9.39
C PRO A 64 -11.27 -12.24 -9.10
N ASP A 65 -11.58 -10.95 -9.18
CA ASP A 65 -10.59 -9.91 -8.92
C ASP A 65 -11.12 -8.54 -9.37
N LEU A 66 -12.08 -8.01 -8.63
CA LEU A 66 -12.65 -6.70 -8.96
C LEU A 66 -13.26 -6.08 -7.71
N GLU A 67 -12.59 -5.09 -7.17
CA GLU A 67 -13.07 -4.44 -5.95
C GLU A 67 -12.33 -3.14 -5.69
N PRO A 68 -12.92 -2.23 -4.96
CA PRO A 68 -12.25 -0.93 -4.61
C PRO A 68 -11.13 -1.16 -3.61
N TYR A 69 -10.29 -0.14 -3.41
CA TYR A 69 -9.19 -0.26 -2.46
C TYR A 69 -9.34 0.76 -1.34
N ALA A 70 -9.20 0.29 -0.10
CA ALA A 70 -9.31 1.15 1.06
C ALA A 70 -8.08 1.03 1.95
N TRP A 71 -7.41 2.16 2.19
CA TRP A 71 -6.21 2.18 3.01
C TRP A 71 -6.39 3.11 4.22
N ALA A 72 -5.72 2.77 5.32
CA ALA A 72 -5.81 3.58 6.53
C ALA A 72 -4.65 3.28 7.46
N GLY A 73 -4.01 4.32 7.97
CA GLY A 73 -2.87 4.15 8.87
C GLY A 73 -2.21 5.49 9.17
N ALA A 74 -0.97 5.43 9.65
CA ALA A 74 -0.23 6.65 9.99
C ALA A 74 1.15 6.61 9.36
N THR A 75 1.87 7.73 9.42
CA THR A 75 3.21 7.83 8.86
C THR A 75 4.14 8.56 9.82
N TYR A 76 5.29 7.93 10.10
CA TYR A 76 6.27 8.52 11.01
C TYR A 76 7.54 8.90 10.24
N ASN A 77 7.89 10.17 10.30
CA ASN A 77 9.08 10.67 9.61
C ASN A 77 10.24 10.81 10.58
N THR A 78 11.46 10.62 10.08
CA THR A 78 12.65 10.74 10.92
C THR A 78 12.74 12.13 11.53
N ASP A 79 12.01 13.08 10.95
CA ASP A 79 12.02 14.44 11.46
C ASP A 79 11.11 14.57 12.69
N ASN A 80 10.87 13.44 13.35
CA ASN A 80 10.03 13.43 14.54
C ASN A 80 8.62 13.92 14.20
N THR A 81 8.20 13.66 12.97
CA THR A 81 6.88 14.08 12.51
C THR A 81 5.95 12.87 12.39
N LEU A 82 4.84 12.90 13.14
CA LEU A 82 3.88 11.81 13.10
C LEU A 82 2.47 12.35 12.93
N VAL A 83 1.78 11.89 11.90
CA VAL A 83 0.41 12.32 11.63
C VAL A 83 -0.39 11.20 10.97
N PRO A 84 -1.70 11.23 11.10
CA PRO A 84 -2.57 10.18 10.50
C PRO A 84 -2.61 10.26 8.98
N ALA A 85 -2.90 9.14 8.33
CA ALA A 85 -2.97 9.10 6.87
C ALA A 85 -4.01 8.10 6.40
N ALA A 86 -4.62 8.37 5.26
CA ALA A 86 -5.64 7.48 4.72
C ALA A 86 -6.01 7.89 3.30
N GLY A 87 -6.77 7.03 2.62
CA GLY A 87 -7.19 7.32 1.25
C GLY A 87 -7.97 6.16 0.65
N ALA A 88 -7.97 6.08 -0.67
CA ALA A 88 -8.68 4.99 -1.35
C ALA A 88 -8.06 4.72 -2.72
N GLY A 89 -8.53 3.67 -3.37
CA GLY A 89 -8.00 3.31 -4.68
C GLY A 89 -8.82 2.20 -5.33
N PHE A 90 -8.20 1.45 -6.23
CA PHE A 90 -8.88 0.35 -6.91
C PHE A 90 -7.97 -0.86 -7.02
N ARG A 91 -8.58 -2.05 -7.07
CA ARG A 91 -7.83 -3.29 -7.18
C ARG A 91 -8.27 -4.07 -8.41
N TYR A 92 -7.35 -4.22 -9.37
CA TYR A 92 -7.65 -4.94 -10.60
C TYR A 92 -6.48 -5.85 -10.98
N LYS A 93 -6.76 -7.14 -11.13
CA LYS A 93 -5.74 -8.10 -11.51
C LYS A 93 -5.44 -8.02 -12.99
N VAL A 94 -4.18 -7.75 -13.32
CA VAL A 94 -3.77 -7.64 -14.72
C VAL A 94 -3.21 -8.97 -15.22
N SER A 95 -2.61 -9.73 -14.30
CA SER A 95 -2.04 -11.02 -14.67
C SER A 95 -2.16 -12.00 -13.50
N PRO A 96 -2.01 -13.27 -13.76
CA PRO A 96 -2.10 -14.33 -12.72
C PRO A 96 -0.92 -14.29 -11.75
N GLU A 97 0.24 -13.88 -12.26
CA GLU A 97 1.44 -13.81 -11.44
C GLU A 97 1.72 -12.36 -11.02
N VAL A 98 0.99 -11.42 -11.64
CA VAL A 98 1.15 -10.02 -11.33
C VAL A 98 -0.20 -9.34 -11.13
N LYS A 99 -0.26 -8.43 -10.15
CA LYS A 99 -1.51 -7.72 -9.86
C LYS A 99 -1.30 -6.21 -9.98
N LEU A 100 -2.29 -5.53 -10.52
CA LEU A 100 -2.21 -4.07 -10.69
C LEU A 100 -2.98 -3.37 -9.58
N VAL A 101 -2.35 -2.35 -8.99
CA VAL A 101 -2.99 -1.60 -7.91
C VAL A 101 -2.72 -0.11 -8.06
N VAL A 102 -3.65 0.70 -7.59
CA VAL A 102 -3.51 2.14 -7.65
C VAL A 102 -4.14 2.78 -6.43
N GLU A 103 -3.30 3.32 -5.56
CA GLU A 103 -3.77 3.95 -4.33
C GLU A 103 -3.67 5.47 -4.43
N TYR A 104 -4.53 6.16 -3.70
CA TYR A 104 -4.55 7.61 -3.70
C TYR A 104 -4.40 8.14 -2.28
N GLY A 105 -3.29 8.82 -2.01
CA GLY A 105 -3.04 9.38 -0.69
C GLY A 105 -3.94 10.58 -0.42
N TRP A 106 -4.63 10.56 0.71
CA TRP A 106 -5.51 11.66 1.08
C TRP A 106 -5.36 12.00 2.55
N ASN A 107 -5.68 13.25 2.89
CA ASN A 107 -5.57 13.70 4.28
C ASN A 107 -6.62 14.75 4.58
N ASN A 108 -6.93 14.91 5.87
CA ASN A 108 -7.94 15.90 6.28
C ASN A 108 -7.53 17.30 5.81
N SER A 109 -7.99 17.66 4.61
CA SER A 109 -7.68 18.97 4.05
C SER A 109 -6.17 19.17 3.96
N SER A 110 -5.54 18.44 3.04
CA SER A 110 -4.09 18.54 2.86
C SER A 110 -3.67 18.00 1.50
N LEU A 111 -2.45 18.32 1.10
CA LEU A 111 -1.93 17.85 -0.19
C LEU A 111 -2.20 16.36 -0.37
N GLN A 112 -2.31 15.93 -1.62
CA GLN A 112 -2.55 14.53 -1.93
C GLN A 112 -1.57 14.03 -2.99
N PHE A 113 -1.41 12.73 -3.09
CA PHE A 113 -0.50 12.14 -4.07
C PHE A 113 -1.08 10.84 -4.64
N LEU A 114 -0.48 10.37 -5.72
CA LEU A 114 -0.93 9.14 -6.38
C LEU A 114 0.07 8.02 -6.13
N GLN A 115 -0.44 6.80 -5.98
CA GLN A 115 0.42 5.64 -5.74
C GLN A 115 0.11 4.53 -6.75
N ALA A 116 1.13 4.09 -7.46
CA ALA A 116 0.96 3.03 -8.46
C ALA A 116 2.05 1.97 -8.27
N GLY A 117 1.67 0.71 -8.44
CA GLY A 117 2.63 -0.39 -8.28
C GLY A 117 1.97 -1.73 -8.58
N LEU A 118 2.63 -2.80 -8.13
CA LEU A 118 2.11 -4.15 -8.34
C LEU A 118 2.61 -5.09 -7.26
N SER A 119 1.95 -6.24 -7.13
CA SER A 119 2.33 -7.23 -6.13
C SER A 119 2.70 -8.56 -6.79
N TYR A 120 3.48 -9.37 -6.08
CA TYR A 120 3.90 -10.66 -6.61
C TYR A 120 3.92 -11.71 -5.50
N ARG A 121 3.16 -12.79 -5.71
CA ARG A 121 3.09 -13.86 -4.72
C ARG A 121 4.41 -14.63 -4.68
N ILE A 122 4.83 -15.01 -3.47
CA ILE A 122 6.09 -15.74 -3.32
C ILE A 122 5.83 -17.24 -3.40
N GLN A 123 5.05 -17.77 -2.46
CA GLN A 123 4.74 -19.19 -2.43
C GLN A 123 3.27 -19.41 -2.07
N PRO A 124 2.71 -20.53 -2.44
CA PRO A 124 1.28 -20.85 -2.13
C PRO A 124 1.06 -21.10 -0.64
N MET A 1 -5.66 -24.90 3.54
CA MET A 1 -4.56 -25.77 3.02
C MET A 1 -3.68 -24.95 2.08
N GLN A 2 -4.30 -24.40 1.04
CA GLN A 2 -3.55 -23.59 0.07
C GLN A 2 -3.31 -22.19 0.62
N ASP A 3 -4.39 -21.41 0.74
CA ASP A 3 -4.28 -20.05 1.25
C ASP A 3 -4.56 -20.01 2.75
N GLY A 4 -3.52 -20.31 3.55
CA GLY A 4 -3.67 -20.31 4.99
C GLY A 4 -3.18 -18.99 5.59
N PRO A 5 -3.41 -18.79 6.86
CA PRO A 5 -2.99 -17.55 7.57
C PRO A 5 -1.48 -17.49 7.78
N GLY A 6 -0.93 -16.28 7.72
CA GLY A 6 0.51 -16.10 7.91
C GLY A 6 1.22 -16.00 6.57
N THR A 7 0.46 -15.82 5.50
CA THR A 7 1.03 -15.72 4.17
C THR A 7 1.99 -14.53 4.08
N LEU A 8 2.87 -14.55 3.09
CA LEU A 8 3.82 -13.46 2.92
C LEU A 8 3.93 -13.07 1.44
N ASP A 9 3.79 -11.78 1.16
CA ASP A 9 3.86 -11.29 -0.21
C ASP A 9 4.63 -9.96 -0.27
N VAL A 10 5.31 -9.73 -1.37
CA VAL A 10 6.06 -8.50 -1.55
C VAL A 10 5.36 -7.58 -2.54
N PHE A 11 5.47 -6.27 -2.32
CA PHE A 11 4.82 -5.30 -3.19
C PHE A 11 5.49 -3.93 -3.09
N VAL A 12 5.60 -3.25 -4.22
CA VAL A 12 6.20 -1.92 -4.25
C VAL A 12 5.13 -0.87 -4.51
N ALA A 13 5.44 0.38 -4.17
CA ALA A 13 4.50 1.47 -4.38
C ALA A 13 5.25 2.79 -4.50
N ALA A 14 5.21 3.36 -5.69
CA ALA A 14 5.88 4.63 -5.95
C ALA A 14 4.87 5.77 -5.94
N GLY A 15 5.14 6.79 -5.11
CA GLY A 15 4.24 7.93 -5.01
C GLY A 15 4.79 9.12 -5.79
N TRP A 16 3.93 10.10 -6.05
CA TRP A 16 4.32 11.29 -6.78
C TRP A 16 3.38 12.45 -6.46
N ASN A 17 3.95 13.55 -5.99
CA ASN A 17 3.16 14.73 -5.65
C ASN A 17 3.29 15.80 -6.73
N THR A 18 2.20 16.53 -6.96
CA THR A 18 2.21 17.59 -7.97
C THR A 18 3.42 18.50 -7.78
N ASP A 19 4.00 18.46 -6.59
CA ASP A 19 5.17 19.29 -6.30
C ASP A 19 6.37 18.83 -7.11
N ASN A 20 6.14 17.90 -8.03
CA ASN A 20 7.22 17.38 -8.87
C ASN A 20 8.23 16.61 -8.03
N THR A 21 7.75 16.02 -6.94
CA THR A 21 8.61 15.25 -6.06
C THR A 21 8.33 13.75 -6.21
N ILE A 22 9.40 12.95 -6.13
CA ILE A 22 9.26 11.51 -6.26
C ILE A 22 9.31 10.84 -4.89
N GLU A 23 8.57 9.76 -4.73
CA GLU A 23 8.53 9.03 -3.46
C GLU A 23 8.59 7.52 -3.70
N ILE A 24 9.59 6.88 -3.13
CA ILE A 24 9.74 5.43 -3.28
C ILE A 24 9.32 4.71 -2.01
N THR A 25 8.44 3.72 -2.16
CA THR A 25 7.97 2.97 -1.00
C THR A 25 7.90 1.48 -1.34
N GLY A 26 8.43 0.65 -0.44
CA GLY A 26 8.43 -0.79 -0.64
C GLY A 26 8.38 -1.53 0.69
N GLY A 27 7.83 -2.74 0.66
CA GLY A 27 7.73 -3.54 1.88
C GLY A 27 7.03 -4.87 1.59
N ALA A 28 6.32 -5.39 2.60
CA ALA A 28 5.61 -6.64 2.44
C ALA A 28 4.31 -6.62 3.23
N THR A 29 3.44 -7.60 2.96
CA THR A 29 2.15 -7.68 3.64
C THR A 29 1.88 -9.11 4.09
N TYR A 30 1.22 -9.25 5.24
CA TYR A 30 0.90 -10.58 5.77
C TYR A 30 -0.61 -10.81 5.76
N GLN A 31 -1.02 -11.96 5.24
CA GLN A 31 -2.44 -12.28 5.17
C GLN A 31 -2.83 -13.21 6.33
N LEU A 32 -3.52 -12.65 7.31
CA LEU A 32 -3.95 -13.44 8.46
C LEU A 32 -5.41 -13.87 8.32
N SER A 33 -6.26 -12.93 7.93
CA SER A 33 -7.68 -13.23 7.75
C SER A 33 -8.26 -12.38 6.62
N PRO A 34 -9.40 -12.76 6.10
CA PRO A 34 -10.07 -12.02 5.00
C PRO A 34 -10.63 -10.68 5.46
N TYR A 35 -10.74 -10.51 6.77
CA TYR A 35 -11.27 -9.27 7.33
C TYR A 35 -10.39 -8.09 6.94
N ILE A 36 -9.21 -8.01 7.53
CA ILE A 36 -8.28 -6.91 7.23
C ILE A 36 -6.86 -7.44 7.08
N MET A 37 -6.11 -6.84 6.16
CA MET A 37 -4.74 -7.26 5.91
C MET A 37 -3.76 -6.26 6.53
N VAL A 38 -2.56 -6.74 6.84
CA VAL A 38 -1.53 -5.88 7.44
C VAL A 38 -0.42 -5.61 6.44
N LYS A 39 0.09 -4.38 6.46
CA LYS A 39 1.17 -3.99 5.55
C LYS A 39 2.07 -2.96 6.19
N ALA A 40 3.37 -3.07 5.94
CA ALA A 40 4.34 -2.13 6.50
C ALA A 40 5.59 -2.07 5.64
N GLY A 41 6.09 -0.86 5.43
CA GLY A 41 7.30 -0.67 4.61
C GLY A 41 7.99 0.64 4.95
N TYR A 42 8.98 1.01 4.15
CA TYR A 42 9.72 2.25 4.36
C TYR A 42 9.53 3.21 3.19
N GLY A 43 9.87 4.48 3.41
CA GLY A 43 9.71 5.48 2.38
C GLY A 43 10.97 6.35 2.29
N TRP A 44 11.60 6.34 1.12
CA TRP A 44 12.80 7.13 0.90
C TRP A 44 12.48 8.39 0.09
N ASN A 45 13.01 9.53 0.54
CA ASN A 45 12.77 10.79 -0.15
C ASN A 45 14.02 11.68 -0.07
N ASN A 46 14.21 12.51 -1.09
CA ASN A 46 15.36 13.41 -1.12
C ASN A 46 16.64 12.64 -0.81
N SER A 47 17.14 12.81 0.40
CA SER A 47 18.37 12.13 0.81
C SER A 47 18.62 12.35 2.30
N SER A 48 17.59 12.14 3.11
CA SER A 48 17.71 12.31 4.56
C SER A 48 16.35 12.14 5.23
N LEU A 49 15.30 12.58 4.56
CA LEU A 49 13.96 12.47 5.11
C LEU A 49 13.53 11.00 5.17
N ASN A 50 13.29 10.52 6.39
CA ASN A 50 12.87 9.13 6.59
C ASN A 50 11.36 9.05 6.74
N ARG A 51 10.77 7.98 6.20
CA ARG A 51 9.33 7.79 6.28
C ARG A 51 9.00 6.32 6.43
N PHE A 52 7.96 6.02 7.21
CA PHE A 52 7.53 4.64 7.43
C PHE A 52 6.02 4.54 7.35
N GLU A 53 5.53 3.76 6.39
CA GLU A 53 4.09 3.57 6.23
C GLU A 53 3.61 2.34 6.98
N PHE A 54 2.62 2.53 7.84
CA PHE A 54 2.08 1.41 8.62
C PHE A 54 0.56 1.49 8.67
N GLY A 55 -0.10 0.39 8.32
CA GLY A 55 -1.56 0.34 8.32
C GLY A 55 -2.07 -0.98 7.76
N GLY A 56 -3.31 -0.97 7.28
CA GLY A 56 -3.91 -2.16 6.72
C GLY A 56 -4.78 -1.83 5.50
N GLY A 57 -4.90 -2.78 4.59
CA GLY A 57 -5.71 -2.57 3.40
C GLY A 57 -7.07 -3.26 3.51
N LEU A 58 -7.97 -2.95 2.59
CA LEU A 58 -9.30 -3.55 2.60
C LEU A 58 -9.72 -3.97 1.20
N GLN A 59 -10.24 -5.18 1.08
CA GLN A 59 -10.67 -5.70 -0.21
C GLN A 59 -11.85 -6.67 -0.04
N TYR A 60 -12.53 -6.96 -1.15
CA TYR A 60 -13.67 -7.87 -1.10
C TYR A 60 -13.49 -8.99 -2.13
N LYS A 61 -13.72 -10.22 -1.69
CA LYS A 61 -13.58 -11.38 -2.57
C LYS A 61 -14.93 -11.76 -3.17
N VAL A 62 -15.20 -11.25 -4.37
CA VAL A 62 -16.45 -11.54 -5.05
C VAL A 62 -16.20 -11.89 -6.52
N THR A 63 -14.95 -11.80 -6.93
CA THR A 63 -14.58 -12.10 -8.31
C THR A 63 -13.16 -12.66 -8.34
N PRO A 64 -12.73 -13.27 -9.42
CA PRO A 64 -11.36 -13.82 -9.53
C PRO A 64 -10.30 -12.86 -8.99
N ASP A 65 -10.72 -11.61 -8.75
CA ASP A 65 -9.86 -10.55 -8.22
C ASP A 65 -10.34 -9.19 -8.71
N LEU A 66 -11.41 -8.70 -8.09
CA LEU A 66 -11.96 -7.40 -8.47
C LEU A 66 -12.75 -6.80 -7.31
N GLU A 67 -12.17 -5.77 -6.68
CA GLU A 67 -12.83 -5.12 -5.56
C GLU A 67 -12.16 -3.77 -5.27
N PRO A 68 -12.87 -2.85 -4.67
CA PRO A 68 -12.32 -1.51 -4.34
C PRO A 68 -11.11 -1.62 -3.41
N TYR A 69 -10.35 -0.54 -3.30
CA TYR A 69 -9.16 -0.53 -2.44
C TYR A 69 -9.31 0.52 -1.34
N ALA A 70 -9.01 0.11 -0.10
CA ALA A 70 -9.11 1.00 1.04
C ALA A 70 -7.97 0.75 2.01
N TRP A 71 -7.19 1.78 2.30
CA TRP A 71 -6.07 1.65 3.22
C TRP A 71 -5.98 2.87 4.14
N ALA A 72 -5.66 2.61 5.40
CA ALA A 72 -5.53 3.69 6.39
C ALA A 72 -4.33 3.45 7.29
N GLY A 73 -3.58 4.52 7.55
CA GLY A 73 -2.39 4.41 8.39
C GLY A 73 -1.76 5.78 8.63
N ALA A 74 -0.51 5.79 9.04
CA ALA A 74 0.20 7.03 9.28
C ALA A 74 1.67 6.91 8.87
N THR A 75 2.33 8.06 8.70
CA THR A 75 3.73 8.07 8.30
C THR A 75 4.61 8.42 9.49
N TYR A 76 5.45 7.47 9.90
CA TYR A 76 6.35 7.68 11.03
C TYR A 76 7.76 8.00 10.54
N ASN A 77 8.23 9.20 10.84
CA ASN A 77 9.57 9.61 10.43
C ASN A 77 10.54 9.51 11.60
N THR A 78 11.81 9.24 11.28
CA THR A 78 12.83 9.12 12.31
C THR A 78 12.77 10.29 13.27
N ASP A 79 12.21 11.41 12.80
CA ASP A 79 12.10 12.60 13.65
C ASP A 79 10.93 12.46 14.61
N ASN A 80 10.63 11.23 14.99
CA ASN A 80 9.52 10.96 15.92
C ASN A 80 8.29 11.76 15.50
N THR A 81 8.14 11.97 14.20
CA THR A 81 6.99 12.72 13.69
C THR A 81 5.93 11.77 13.13
N LEU A 82 4.67 12.06 13.45
CA LEU A 82 3.55 11.22 12.99
C LEU A 82 2.56 12.07 12.19
N VAL A 83 2.12 11.53 11.06
CA VAL A 83 1.16 12.25 10.22
C VAL A 83 0.10 11.29 9.69
N PRO A 84 -0.94 11.05 10.46
CA PRO A 84 -2.05 10.14 10.03
C PRO A 84 -2.61 10.51 8.67
N ALA A 85 -2.94 9.50 7.87
CA ALA A 85 -3.49 9.74 6.53
C ALA A 85 -4.33 8.56 6.09
N ALA A 86 -5.15 8.78 5.05
CA ALA A 86 -6.00 7.73 4.52
C ALA A 86 -6.00 7.74 3.00
N GLY A 87 -6.06 6.56 2.40
CA GLY A 87 -6.06 6.44 0.95
C GLY A 87 -7.08 5.41 0.49
N ALA A 88 -7.36 5.39 -0.81
CA ALA A 88 -8.32 4.44 -1.37
C ALA A 88 -8.23 4.43 -2.89
N GLY A 89 -8.53 3.27 -3.49
CA GLY A 89 -8.48 3.14 -4.93
C GLY A 89 -9.21 1.88 -5.39
N PHE A 90 -8.57 1.13 -6.27
CA PHE A 90 -9.16 -0.11 -6.79
C PHE A 90 -8.09 -1.16 -7.07
N ARG A 91 -8.51 -2.41 -7.18
CA ARG A 91 -7.58 -3.50 -7.45
C ARG A 91 -8.16 -4.44 -8.50
N TYR A 92 -7.37 -4.70 -9.55
CA TYR A 92 -7.83 -5.58 -10.62
C TYR A 92 -6.66 -6.42 -11.15
N LYS A 93 -6.98 -7.60 -11.67
CA LYS A 93 -5.95 -8.49 -12.20
C LYS A 93 -5.46 -7.99 -13.55
N VAL A 94 -4.14 -8.02 -13.74
CA VAL A 94 -3.55 -7.56 -14.99
C VAL A 94 -2.60 -8.61 -15.56
N SER A 95 -2.06 -9.45 -14.67
CA SER A 95 -1.13 -10.50 -15.09
C SER A 95 -1.43 -11.80 -14.36
N PRO A 96 -0.91 -12.91 -14.86
CA PRO A 96 -1.14 -14.24 -14.25
C PRO A 96 -1.07 -14.22 -12.73
N GLU A 97 0.00 -13.64 -12.18
CA GLU A 97 0.16 -13.57 -10.73
C GLU A 97 0.37 -12.13 -10.26
N VAL A 98 0.92 -11.29 -11.13
CA VAL A 98 1.17 -9.90 -10.77
C VAL A 98 -0.10 -9.07 -10.93
N LYS A 99 -0.49 -8.41 -9.84
CA LYS A 99 -1.69 -7.58 -9.86
C LYS A 99 -1.32 -6.10 -9.85
N LEU A 100 -2.22 -5.28 -10.39
CA LEU A 100 -1.97 -3.83 -10.45
C LEU A 100 -2.95 -3.10 -9.54
N VAL A 101 -2.47 -2.04 -8.90
CA VAL A 101 -3.30 -1.24 -8.00
C VAL A 101 -3.07 0.25 -8.24
N VAL A 102 -4.11 1.05 -7.99
CA VAL A 102 -4.00 2.48 -8.17
C VAL A 102 -4.85 3.19 -7.13
N GLU A 103 -4.18 3.84 -6.20
CA GLU A 103 -4.87 4.57 -5.13
C GLU A 103 -4.14 5.88 -4.83
N TYR A 104 -4.89 6.85 -4.33
CA TYR A 104 -4.33 8.16 -3.99
C TYR A 104 -4.45 8.43 -2.50
N GLY A 105 -3.48 9.15 -1.95
CA GLY A 105 -3.49 9.48 -0.52
C GLY A 105 -3.79 10.96 -0.31
N TRP A 106 -4.48 11.25 0.78
CA TRP A 106 -4.83 12.65 1.09
C TRP A 106 -5.16 12.79 2.58
N ASN A 107 -5.37 14.02 3.01
CA ASN A 107 -5.70 14.30 4.41
C ASN A 107 -6.08 15.76 4.60
N ASN A 108 -7.24 15.98 5.23
CA ASN A 108 -7.71 17.34 5.46
C ASN A 108 -7.47 18.21 4.23
N SER A 109 -7.06 19.46 4.46
CA SER A 109 -6.81 20.38 3.36
C SER A 109 -5.32 20.42 3.04
N SER A 110 -4.83 19.40 2.35
CA SER A 110 -3.43 19.33 1.98
C SER A 110 -3.27 18.86 0.54
N LEU A 111 -2.06 18.96 0.00
CA LEU A 111 -1.80 18.54 -1.37
C LEU A 111 -2.17 17.07 -1.55
N GLN A 112 -2.53 16.71 -2.78
CA GLN A 112 -2.91 15.33 -3.08
C GLN A 112 -1.83 14.64 -3.91
N PHE A 113 -1.69 13.34 -3.72
CA PHE A 113 -0.69 12.58 -4.46
C PHE A 113 -1.27 11.24 -4.91
N LEU A 114 -0.70 10.69 -5.97
CA LEU A 114 -1.15 9.40 -6.50
C LEU A 114 -0.12 8.31 -6.22
N GLN A 115 -0.60 7.08 -6.08
CA GLN A 115 0.29 5.95 -5.80
C GLN A 115 -0.06 4.76 -6.67
N ALA A 116 0.93 4.26 -7.40
CA ALA A 116 0.73 3.11 -8.28
C ALA A 116 1.80 2.06 -8.02
N GLY A 117 1.37 0.80 -7.86
CA GLY A 117 2.30 -0.28 -7.59
C GLY A 117 1.71 -1.62 -7.99
N LEU A 118 2.32 -2.69 -7.49
CA LEU A 118 1.86 -4.04 -7.80
C LEU A 118 2.27 -5.01 -6.69
N SER A 119 1.51 -6.10 -6.55
CA SER A 119 1.79 -7.11 -5.53
C SER A 119 2.26 -8.41 -6.18
N TYR A 120 3.12 -9.15 -5.48
CA TYR A 120 3.63 -10.41 -5.98
C TYR A 120 3.63 -11.47 -4.89
N ARG A 121 2.88 -12.54 -5.12
CA ARG A 121 2.81 -13.63 -4.15
C ARG A 121 3.97 -14.60 -4.33
N ILE A 122 4.52 -15.07 -3.22
CA ILE A 122 5.63 -16.01 -3.28
C ILE A 122 5.16 -17.43 -2.96
N GLN A 123 3.95 -17.54 -2.45
CA GLN A 123 3.38 -18.84 -2.11
C GLN A 123 1.90 -18.91 -2.51
N PRO A 124 1.38 -20.09 -2.73
CA PRO A 124 -0.06 -20.27 -3.12
C PRO A 124 -1.01 -19.92 -1.99
N MET A 1 -1.64 -25.23 -1.12
CA MET A 1 -2.35 -24.61 -2.28
C MET A 1 -3.63 -23.92 -1.76
N GLN A 2 -4.00 -24.21 -0.52
CA GLN A 2 -5.19 -23.62 0.06
C GLN A 2 -4.88 -22.22 0.61
N ASP A 3 -3.61 -21.83 0.55
CA ASP A 3 -3.20 -20.53 1.03
C ASP A 3 -3.72 -20.29 2.44
N GLY A 4 -2.85 -20.45 3.43
CA GLY A 4 -3.23 -20.25 4.82
C GLY A 4 -2.87 -18.85 5.29
N PRO A 5 -3.26 -18.51 6.48
CA PRO A 5 -2.96 -17.17 7.07
C PRO A 5 -1.50 -17.02 7.46
N GLY A 6 -0.99 -15.79 7.40
CA GLY A 6 0.40 -15.52 7.74
C GLY A 6 1.27 -15.50 6.50
N THR A 7 0.64 -15.44 5.33
CA THR A 7 1.37 -15.41 4.07
C THR A 7 2.25 -14.17 3.99
N LEU A 8 3.22 -14.19 3.08
CA LEU A 8 4.13 -13.07 2.91
C LEU A 8 4.47 -12.88 1.43
N ASP A 9 4.33 -11.65 0.96
CA ASP A 9 4.63 -11.34 -0.44
C ASP A 9 5.33 -10.00 -0.56
N VAL A 10 6.01 -9.79 -1.69
CA VAL A 10 6.72 -8.54 -1.94
C VAL A 10 5.96 -7.68 -2.94
N PHE A 11 6.07 -6.36 -2.79
CA PHE A 11 5.38 -5.45 -3.69
C PHE A 11 6.02 -4.07 -3.68
N VAL A 12 6.08 -3.45 -4.86
CA VAL A 12 6.68 -2.13 -5.00
C VAL A 12 5.58 -1.11 -5.27
N ALA A 13 5.85 0.16 -4.94
CA ALA A 13 4.88 1.21 -5.18
C ALA A 13 5.57 2.56 -5.30
N ALA A 14 5.52 3.11 -6.49
CA ALA A 14 6.13 4.40 -6.76
C ALA A 14 5.06 5.46 -6.96
N GLY A 15 5.20 6.60 -6.28
CA GLY A 15 4.23 7.68 -6.38
C GLY A 15 4.89 8.99 -6.77
N TRP A 16 4.06 9.99 -7.06
CA TRP A 16 4.57 11.30 -7.45
C TRP A 16 3.84 12.40 -6.66
N ASN A 17 4.57 13.46 -6.34
CA ASN A 17 4.00 14.56 -5.58
C ASN A 17 3.71 15.74 -6.51
N THR A 18 2.66 16.50 -6.18
CA THR A 18 2.28 17.64 -6.99
C THR A 18 3.48 18.56 -7.21
N ASP A 19 4.38 18.60 -6.23
CA ASP A 19 5.57 19.44 -6.32
C ASP A 19 6.56 18.85 -7.33
N ASN A 20 6.14 17.79 -8.01
CA ASN A 20 7.00 17.14 -8.99
C ASN A 20 8.10 16.34 -8.29
N THR A 21 7.74 15.70 -7.18
CA THR A 21 8.70 14.90 -6.43
C THR A 21 8.50 13.41 -6.71
N ILE A 22 9.59 12.67 -6.73
CA ILE A 22 9.53 11.23 -6.98
C ILE A 22 9.58 10.45 -5.67
N GLU A 23 8.50 9.75 -5.38
CA GLU A 23 8.42 8.95 -4.15
C GLU A 23 8.51 7.46 -4.47
N ILE A 24 9.34 6.75 -3.70
CA ILE A 24 9.52 5.32 -3.90
C ILE A 24 9.44 4.58 -2.57
N THR A 25 8.56 3.57 -2.51
CA THR A 25 8.40 2.79 -1.29
C THR A 25 8.31 1.31 -1.62
N GLY A 26 8.88 0.49 -0.75
CA GLY A 26 8.86 -0.96 -0.95
C GLY A 26 8.76 -1.70 0.38
N GLY A 27 8.00 -2.80 0.38
CA GLY A 27 7.83 -3.59 1.60
C GLY A 27 7.16 -4.92 1.29
N ALA A 28 6.40 -5.43 2.26
CA ALA A 28 5.71 -6.70 2.08
C ALA A 28 4.29 -6.62 2.64
N THR A 29 3.50 -7.66 2.37
CA THR A 29 2.12 -7.70 2.85
C THR A 29 1.84 -9.02 3.57
N TYR A 30 1.14 -8.94 4.69
CA TYR A 30 0.81 -10.12 5.47
C TYR A 30 -0.65 -10.50 5.26
N GLN A 31 -0.87 -11.61 4.54
CA GLN A 31 -2.23 -12.07 4.28
C GLN A 31 -2.76 -12.87 5.46
N LEU A 32 -3.61 -12.23 6.26
CA LEU A 32 -4.18 -12.89 7.43
C LEU A 32 -5.55 -13.47 7.10
N SER A 33 -6.40 -12.64 6.48
CA SER A 33 -7.74 -13.09 6.11
C SER A 33 -8.16 -12.44 4.79
N PRO A 34 -9.17 -12.97 4.16
CA PRO A 34 -9.68 -12.44 2.87
C PRO A 34 -10.42 -11.10 3.04
N TYR A 35 -10.61 -10.70 4.30
CA TYR A 35 -11.30 -9.45 4.59
C TYR A 35 -10.30 -8.31 4.77
N ILE A 36 -9.63 -8.29 5.93
CA ILE A 36 -8.66 -7.25 6.20
C ILE A 36 -7.23 -7.76 5.96
N MET A 37 -6.35 -6.86 5.55
CA MET A 37 -4.96 -7.23 5.28
C MET A 37 -4.01 -6.21 5.90
N VAL A 38 -2.77 -6.63 6.11
CA VAL A 38 -1.76 -5.74 6.71
C VAL A 38 -0.74 -5.32 5.66
N LYS A 39 -0.19 -4.13 5.83
CA LYS A 39 0.79 -3.61 4.88
C LYS A 39 1.80 -2.72 5.60
N ALA A 40 3.09 -2.97 5.38
CA ALA A 40 4.13 -2.17 6.01
C ALA A 40 5.34 -2.06 5.09
N GLY A 41 6.02 -0.91 5.15
CA GLY A 41 7.20 -0.69 4.32
C GLY A 41 7.88 0.62 4.69
N TYR A 42 8.76 1.09 3.81
CA TYR A 42 9.48 2.34 4.05
C TYR A 42 9.50 3.19 2.79
N GLY A 43 9.38 4.51 2.97
CA GLY A 43 9.40 5.43 1.85
C GLY A 43 10.72 6.19 1.77
N TRP A 44 11.07 6.62 0.58
CA TRP A 44 12.32 7.36 0.38
C TRP A 44 12.10 8.55 -0.56
N ASN A 45 12.47 9.73 -0.10
CA ASN A 45 12.32 10.94 -0.90
C ASN A 45 13.68 11.43 -1.40
N ASN A 46 13.86 12.75 -1.38
CA ASN A 46 15.13 13.34 -1.82
C ASN A 46 15.63 14.34 -0.80
N SER A 47 15.53 13.98 0.48
CA SER A 47 15.99 14.86 1.55
C SER A 47 16.05 14.10 2.87
N SER A 48 16.67 12.93 2.84
CA SER A 48 16.81 12.11 4.04
C SER A 48 15.46 11.99 4.75
N LEU A 49 14.39 11.96 3.97
CA LEU A 49 13.04 11.85 4.53
C LEU A 49 12.56 10.41 4.47
N ASN A 50 12.59 9.72 5.62
CA ASN A 50 12.16 8.33 5.67
C ASN A 50 10.73 8.24 6.24
N ARG A 51 9.80 7.85 5.37
CA ARG A 51 8.41 7.73 5.78
C ARG A 51 8.05 6.26 6.06
N PHE A 52 7.61 5.98 7.27
CA PHE A 52 7.24 4.62 7.65
C PHE A 52 5.73 4.43 7.55
N GLU A 53 5.32 3.51 6.68
CA GLU A 53 3.90 3.24 6.50
C GLU A 53 3.47 2.03 7.34
N PHE A 54 2.49 2.25 8.21
CA PHE A 54 2.00 1.17 9.07
C PHE A 54 0.47 1.19 9.14
N GLY A 55 -0.15 0.12 8.66
CA GLY A 55 -1.61 0.03 8.67
C GLY A 55 -2.08 -1.16 7.85
N GLY A 56 -3.34 -1.11 7.41
CA GLY A 56 -3.91 -2.18 6.61
C GLY A 56 -4.82 -1.63 5.52
N GLY A 57 -5.49 -2.53 4.81
CA GLY A 57 -6.40 -2.13 3.74
C GLY A 57 -7.70 -2.91 3.80
N LEU A 58 -8.69 -2.46 3.03
CA LEU A 58 -9.99 -3.13 2.98
C LEU A 58 -10.33 -3.58 1.58
N GLN A 59 -11.12 -4.65 1.49
CA GLN A 59 -11.51 -5.20 0.19
C GLN A 59 -12.95 -5.69 0.23
N TYR A 60 -13.54 -5.91 -0.94
CA TYR A 60 -14.92 -6.39 -1.04
C TYR A 60 -14.98 -7.68 -1.86
N LYS A 61 -16.10 -8.38 -1.74
CA LYS A 61 -16.29 -9.63 -2.48
C LYS A 61 -17.28 -9.44 -3.63
N VAL A 62 -16.78 -9.59 -4.85
CA VAL A 62 -17.64 -9.43 -6.02
C VAL A 62 -17.14 -10.31 -7.17
N THR A 63 -15.83 -10.42 -7.30
CA THR A 63 -15.24 -11.23 -8.35
C THR A 63 -14.03 -11.98 -7.81
N PRO A 64 -13.55 -13.00 -8.50
CA PRO A 64 -12.38 -13.78 -8.04
C PRO A 64 -11.24 -12.91 -7.50
N ASP A 65 -11.35 -11.59 -7.72
CA ASP A 65 -10.33 -10.65 -7.26
C ASP A 65 -10.51 -9.28 -7.91
N LEU A 66 -11.59 -8.60 -7.53
CA LEU A 66 -11.88 -7.28 -8.07
C LEU A 66 -12.77 -6.51 -7.10
N GLU A 67 -12.19 -5.54 -6.41
CA GLU A 67 -12.94 -4.75 -5.44
C GLU A 67 -12.17 -3.49 -5.06
N PRO A 68 -12.86 -2.44 -4.66
CA PRO A 68 -12.18 -1.17 -4.26
C PRO A 68 -11.19 -1.41 -3.12
N TYR A 69 -10.15 -0.59 -3.07
CA TYR A 69 -9.12 -0.72 -2.03
C TYR A 69 -9.06 0.53 -1.17
N ALA A 70 -9.06 0.33 0.15
CA ALA A 70 -9.00 1.44 1.09
C ALA A 70 -7.69 1.40 1.87
N TRP A 71 -7.26 2.55 2.37
CA TRP A 71 -6.02 2.63 3.13
C TRP A 71 -6.22 3.46 4.41
N ALA A 72 -5.73 2.93 5.53
CA ALA A 72 -5.86 3.63 6.80
C ALA A 72 -4.72 3.23 7.74
N GLY A 73 -4.05 4.23 8.29
CA GLY A 73 -2.94 3.97 9.20
C GLY A 73 -2.24 5.27 9.59
N ALA A 74 -1.02 5.15 10.09
CA ALA A 74 -0.24 6.32 10.50
C ALA A 74 1.07 6.39 9.72
N THR A 75 1.75 7.53 9.82
CA THR A 75 3.01 7.72 9.12
C THR A 75 4.03 8.40 10.03
N TYR A 76 5.11 7.68 10.33
CA TYR A 76 6.16 8.22 11.20
C TYR A 76 7.35 8.69 10.38
N ASN A 77 7.65 9.97 10.46
CA ASN A 77 8.78 10.53 9.72
C ASN A 77 10.00 10.65 10.61
N THR A 78 11.19 10.54 10.00
CA THR A 78 12.44 10.64 10.76
C THR A 78 12.50 11.95 11.53
N ASP A 79 11.76 12.95 11.05
CA ASP A 79 11.74 14.26 11.71
C ASP A 79 10.89 14.20 12.97
N ASN A 80 10.81 13.02 13.59
CA ASN A 80 10.04 12.85 14.80
C ASN A 80 8.61 13.34 14.59
N THR A 81 8.13 13.24 13.37
CA THR A 81 6.77 13.68 13.04
C THR A 81 5.85 12.48 12.91
N LEU A 82 4.71 12.53 13.60
CA LEU A 82 3.74 11.45 13.57
C LEU A 82 2.33 12.00 13.33
N VAL A 83 1.77 11.72 12.16
CA VAL A 83 0.43 12.20 11.82
C VAL A 83 -0.35 11.10 11.12
N PRO A 84 -1.67 11.16 11.17
CA PRO A 84 -2.54 10.14 10.51
C PRO A 84 -2.48 10.23 8.99
N ALA A 85 -2.92 9.16 8.32
CA ALA A 85 -2.92 9.13 6.87
C ALA A 85 -4.04 8.24 6.35
N ALA A 86 -4.71 8.70 5.30
CA ALA A 86 -5.82 7.93 4.72
C ALA A 86 -5.95 8.25 3.23
N GLY A 87 -6.35 7.25 2.46
CA GLY A 87 -6.52 7.42 1.02
C GLY A 87 -7.45 6.37 0.45
N ALA A 88 -7.54 6.32 -0.88
CA ALA A 88 -8.40 5.35 -1.55
C ALA A 88 -7.74 4.82 -2.82
N GLY A 89 -8.10 3.60 -3.21
CA GLY A 89 -7.54 3.00 -4.41
C GLY A 89 -8.44 1.89 -4.93
N PHE A 90 -7.92 1.11 -5.87
CA PHE A 90 -8.69 0.00 -6.44
C PHE A 90 -7.79 -1.21 -6.67
N ARG A 91 -8.35 -2.41 -6.46
CA ARG A 91 -7.60 -3.65 -6.63
C ARG A 91 -8.08 -4.38 -7.88
N TYR A 92 -7.20 -4.47 -8.88
CA TYR A 92 -7.53 -5.15 -10.13
C TYR A 92 -6.41 -6.10 -10.53
N LYS A 93 -6.69 -7.39 -10.47
CA LYS A 93 -5.70 -8.41 -10.83
C LYS A 93 -5.51 -8.46 -12.34
N VAL A 94 -4.29 -8.80 -12.76
CA VAL A 94 -3.97 -8.89 -14.19
C VAL A 94 -3.45 -10.28 -14.53
N SER A 95 -2.77 -10.89 -13.57
CA SER A 95 -2.21 -12.23 -13.77
C SER A 95 -2.26 -13.02 -12.46
N PRO A 96 -2.12 -14.32 -12.55
CA PRO A 96 -2.15 -15.22 -11.35
C PRO A 96 -0.90 -15.07 -10.49
N GLU A 97 0.09 -14.34 -11.01
CA GLU A 97 1.35 -14.13 -10.28
C GLU A 97 1.63 -12.63 -10.12
N VAL A 98 0.80 -11.81 -10.75
CA VAL A 98 0.98 -10.36 -10.66
C VAL A 98 -0.36 -9.66 -10.39
N LYS A 99 -0.31 -8.60 -9.61
CA LYS A 99 -1.52 -7.84 -9.27
C LYS A 99 -1.29 -6.35 -9.48
N LEU A 100 -2.33 -5.65 -9.93
CA LEU A 100 -2.24 -4.21 -10.16
C LEU A 100 -3.02 -3.44 -9.10
N VAL A 101 -2.42 -2.36 -8.60
CA VAL A 101 -3.07 -1.55 -7.59
C VAL A 101 -2.85 -0.06 -7.87
N VAL A 102 -3.81 0.76 -7.51
CA VAL A 102 -3.72 2.20 -7.70
C VAL A 102 -4.42 2.92 -6.57
N GLU A 103 -3.63 3.57 -5.74
CA GLU A 103 -4.18 4.31 -4.60
C GLU A 103 -3.52 5.68 -4.50
N TYR A 104 -4.25 6.64 -3.91
CA TYR A 104 -3.73 7.99 -3.75
C TYR A 104 -3.86 8.44 -2.30
N GLY A 105 -2.77 8.98 -1.75
CA GLY A 105 -2.76 9.44 -0.38
C GLY A 105 -3.57 10.73 -0.23
N TRP A 106 -4.38 10.80 0.82
CA TRP A 106 -5.19 11.99 1.06
C TRP A 106 -5.21 12.33 2.54
N ASN A 107 -5.64 13.54 2.86
CA ASN A 107 -5.70 14.00 4.25
C ASN A 107 -6.54 15.26 4.37
N ASN A 108 -6.96 15.57 5.59
CA ASN A 108 -7.77 16.76 5.83
C ASN A 108 -7.10 18.00 5.23
N SER A 109 -7.60 18.43 4.07
CA SER A 109 -7.06 19.60 3.40
C SER A 109 -5.53 19.58 3.46
N SER A 110 -4.91 18.88 2.52
CA SER A 110 -3.45 18.79 2.48
C SER A 110 -2.99 18.27 1.12
N LEU A 111 -1.70 18.42 0.85
CA LEU A 111 -1.13 17.97 -0.42
C LEU A 111 -1.44 16.49 -0.64
N GLN A 112 -1.85 16.15 -1.86
CA GLN A 112 -2.18 14.77 -2.19
C GLN A 112 -1.11 14.19 -3.12
N PHE A 113 -1.15 12.87 -3.29
CA PHE A 113 -0.19 12.20 -4.15
C PHE A 113 -0.77 10.89 -4.70
N LEU A 114 -0.21 10.41 -5.81
CA LEU A 114 -0.67 9.18 -6.42
C LEU A 114 0.35 8.05 -6.21
N GLN A 115 -0.13 6.82 -6.13
CA GLN A 115 0.75 5.68 -5.92
C GLN A 115 0.32 4.50 -6.79
N ALA A 116 1.24 4.00 -7.61
CA ALA A 116 0.96 2.87 -8.49
C ALA A 116 2.04 1.82 -8.35
N GLY A 117 1.65 0.56 -8.46
CA GLY A 117 2.61 -0.54 -8.35
C GLY A 117 1.92 -1.90 -8.48
N LEU A 118 2.62 -2.94 -8.06
CA LEU A 118 2.06 -4.29 -8.14
C LEU A 118 2.67 -5.18 -7.05
N SER A 119 2.06 -6.35 -6.85
CA SER A 119 2.54 -7.30 -5.85
C SER A 119 2.81 -8.65 -6.47
N TYR A 120 3.65 -9.45 -5.82
CA TYR A 120 3.99 -10.77 -6.33
C TYR A 120 3.99 -11.79 -5.20
N ARG A 121 3.25 -12.88 -5.38
CA ARG A 121 3.17 -13.93 -4.37
C ARG A 121 4.44 -14.78 -4.38
N ILE A 122 4.89 -15.18 -3.19
CA ILE A 122 6.11 -15.99 -3.08
C ILE A 122 5.74 -17.47 -3.01
N GLN A 123 4.64 -17.76 -2.32
CA GLN A 123 4.18 -19.15 -2.16
C GLN A 123 2.81 -19.33 -2.80
N PRO A 124 2.45 -20.53 -3.18
CA PRO A 124 1.13 -20.82 -3.81
C PRO A 124 0.00 -19.98 -3.19
N MET A 1 -7.66 -22.39 -2.11
CA MET A 1 -7.25 -21.79 -0.81
C MET A 1 -5.73 -21.82 -0.70
N GLN A 2 -5.07 -22.05 -1.83
CA GLN A 2 -3.61 -22.09 -1.85
C GLN A 2 -3.02 -20.99 -0.97
N ASP A 3 -3.60 -19.80 -1.07
CA ASP A 3 -3.12 -18.67 -0.27
C ASP A 3 -3.93 -18.54 1.01
N GLY A 4 -3.50 -19.26 2.04
CA GLY A 4 -4.19 -19.21 3.33
C GLY A 4 -3.43 -18.34 4.32
N PRO A 5 -4.02 -18.10 5.47
CA PRO A 5 -3.40 -17.26 6.53
C PRO A 5 -1.91 -17.54 6.69
N GLY A 6 -1.12 -16.47 6.79
CA GLY A 6 0.33 -16.62 6.95
C GLY A 6 1.05 -16.43 5.63
N THR A 7 0.33 -15.89 4.64
CA THR A 7 0.92 -15.65 3.33
C THR A 7 1.70 -14.34 3.32
N LEU A 8 2.79 -14.32 2.56
CA LEU A 8 3.61 -13.10 2.47
C LEU A 8 4.01 -12.86 1.02
N ASP A 9 3.89 -11.61 0.58
CA ASP A 9 4.25 -11.25 -0.78
C ASP A 9 4.98 -9.90 -0.81
N VAL A 10 5.77 -9.69 -1.86
CA VAL A 10 6.51 -8.44 -2.01
C VAL A 10 5.87 -7.57 -3.08
N PHE A 11 5.95 -6.25 -2.89
CA PHE A 11 5.37 -5.33 -3.86
C PHE A 11 6.03 -3.95 -3.76
N VAL A 12 6.08 -3.26 -4.89
CA VAL A 12 6.68 -1.92 -4.93
C VAL A 12 5.60 -0.88 -5.17
N ALA A 13 5.93 0.38 -4.89
CA ALA A 13 4.98 1.47 -5.08
C ALA A 13 5.72 2.78 -5.30
N ALA A 14 5.60 3.30 -6.50
CA ALA A 14 6.26 4.56 -6.85
C ALA A 14 5.29 5.46 -7.62
N GLY A 15 5.34 6.76 -7.31
CA GLY A 15 4.45 7.72 -7.98
C GLY A 15 5.00 9.13 -7.88
N TRP A 16 4.09 10.10 -7.88
CA TRP A 16 4.49 11.50 -7.79
C TRP A 16 3.35 12.35 -7.22
N ASN A 17 3.68 13.58 -6.82
CA ASN A 17 2.68 14.49 -6.26
C ASN A 17 2.58 15.75 -7.10
N THR A 18 1.39 16.34 -7.13
CA THR A 18 1.18 17.56 -7.90
C THR A 18 2.30 18.56 -7.66
N ASP A 19 2.82 18.57 -6.43
CA ASP A 19 3.90 19.48 -6.07
C ASP A 19 5.13 19.21 -6.94
N ASN A 20 5.03 18.23 -7.82
CA ASN A 20 6.14 17.89 -8.70
C ASN A 20 7.23 17.16 -7.93
N THR A 21 6.82 16.37 -6.94
CA THR A 21 7.77 15.61 -6.13
C THR A 21 7.58 14.12 -6.35
N ILE A 22 8.71 13.40 -6.45
CA ILE A 22 8.66 11.96 -6.66
C ILE A 22 8.79 11.22 -5.33
N GLU A 23 8.15 10.06 -5.24
CA GLU A 23 8.19 9.27 -4.02
C GLU A 23 8.39 7.79 -4.35
N ILE A 24 9.19 7.11 -3.52
CA ILE A 24 9.45 5.69 -3.74
C ILE A 24 9.33 4.92 -2.42
N THR A 25 8.55 3.84 -2.43
CA THR A 25 8.36 3.03 -1.23
C THR A 25 8.20 1.57 -1.60
N GLY A 26 8.67 0.69 -0.71
CA GLY A 26 8.57 -0.74 -0.95
C GLY A 26 8.52 -1.51 0.37
N GLY A 27 7.96 -2.71 0.34
CA GLY A 27 7.87 -3.54 1.53
C GLY A 27 7.16 -4.86 1.24
N ALA A 28 6.46 -5.39 2.24
CA ALA A 28 5.74 -6.64 2.08
C ALA A 28 4.32 -6.52 2.65
N THR A 29 3.51 -7.54 2.41
CA THR A 29 2.14 -7.54 2.89
C THR A 29 1.80 -8.88 3.56
N TYR A 30 1.02 -8.83 4.62
CA TYR A 30 0.64 -10.04 5.35
C TYR A 30 -0.81 -10.41 5.03
N GLN A 31 -1.00 -11.60 4.49
CA GLN A 31 -2.34 -12.07 4.14
C GLN A 31 -2.90 -12.96 5.25
N LEU A 32 -3.81 -12.40 6.04
CA LEU A 32 -4.42 -13.15 7.12
C LEU A 32 -5.72 -13.80 6.67
N SER A 33 -6.66 -12.98 6.21
CA SER A 33 -7.95 -13.50 5.74
C SER A 33 -8.82 -12.36 5.22
N PRO A 34 -9.83 -12.67 4.46
CA PRO A 34 -10.77 -11.66 3.90
C PRO A 34 -11.05 -10.52 4.89
N TYR A 35 -11.02 -10.85 6.18
CA TYR A 35 -11.28 -9.85 7.21
C TYR A 35 -10.53 -8.55 6.90
N ILE A 36 -9.29 -8.45 7.36
CA ILE A 36 -8.48 -7.27 7.12
C ILE A 36 -7.06 -7.65 6.74
N MET A 37 -6.45 -6.87 5.86
CA MET A 37 -5.09 -7.14 5.41
C MET A 37 -4.11 -6.20 6.10
N VAL A 38 -2.85 -6.63 6.18
CA VAL A 38 -1.82 -5.84 6.82
C VAL A 38 -0.86 -5.26 5.78
N LYS A 39 -0.30 -4.09 6.08
CA LYS A 39 0.64 -3.45 5.16
C LYS A 39 1.76 -2.76 5.93
N ALA A 40 3.00 -3.10 5.58
CA ALA A 40 4.15 -2.50 6.24
C ALA A 40 5.28 -2.25 5.25
N GLY A 41 5.80 -1.03 5.25
CA GLY A 41 6.88 -0.66 4.33
C GLY A 41 7.47 0.69 4.69
N TYR A 42 8.56 1.05 4.03
CA TYR A 42 9.23 2.33 4.28
C TYR A 42 9.21 3.19 3.03
N GLY A 43 9.47 4.49 3.21
CA GLY A 43 9.47 5.42 2.08
C GLY A 43 10.68 6.35 2.15
N TRP A 44 11.14 6.78 0.99
CA TRP A 44 12.30 7.68 0.92
C TRP A 44 12.39 8.33 -0.46
N ASN A 45 13.30 9.29 -0.59
CA ASN A 45 13.48 9.98 -1.86
C ASN A 45 14.90 10.56 -1.96
N ASN A 46 14.99 11.83 -2.34
CA ASN A 46 16.30 12.48 -2.47
C ASN A 46 16.70 13.13 -1.14
N SER A 47 17.05 12.29 -0.17
CA SER A 47 17.46 12.80 1.14
C SER A 47 18.09 11.68 1.97
N SER A 48 17.80 11.69 3.26
CA SER A 48 18.35 10.67 4.16
C SER A 48 17.38 10.41 5.30
N LEU A 49 16.11 10.76 5.10
CA LEU A 49 15.10 10.55 6.13
C LEU A 49 14.49 9.16 6.01
N ASN A 50 14.24 8.53 7.15
CA ASN A 50 13.65 7.19 7.16
C ASN A 50 12.17 7.26 7.51
N ARG A 51 11.31 6.88 6.56
CA ARG A 51 9.88 6.90 6.78
C ARG A 51 9.35 5.50 7.08
N PHE A 52 8.33 5.41 7.92
CA PHE A 52 7.74 4.13 8.27
C PHE A 52 6.22 4.21 8.25
N GLU A 53 5.61 3.50 7.30
CA GLU A 53 4.16 3.50 7.17
C GLU A 53 3.58 2.19 7.69
N PHE A 54 2.57 2.29 8.54
CA PHE A 54 1.93 1.10 9.10
C PHE A 54 0.42 1.28 9.16
N GLY A 55 -0.31 0.26 8.72
CA GLY A 55 -1.77 0.32 8.72
C GLY A 55 -2.36 -0.93 8.07
N GLY A 56 -3.58 -0.81 7.57
CA GLY A 56 -4.26 -1.93 6.92
C GLY A 56 -5.11 -1.45 5.75
N GLY A 57 -5.66 -2.40 5.01
CA GLY A 57 -6.50 -2.08 3.86
C GLY A 57 -7.77 -2.91 3.86
N LEU A 58 -8.79 -2.43 3.16
CA LEU A 58 -10.07 -3.13 3.07
C LEU A 58 -10.30 -3.67 1.66
N GLN A 59 -11.04 -4.77 1.56
CA GLN A 59 -11.33 -5.38 0.27
C GLN A 59 -12.78 -5.88 0.23
N TYR A 60 -13.26 -6.17 -0.98
CA TYR A 60 -14.63 -6.64 -1.15
C TYR A 60 -14.65 -7.94 -1.94
N LYS A 61 -15.81 -8.59 -1.98
CA LYS A 61 -15.96 -9.85 -2.71
C LYS A 61 -16.98 -9.70 -3.82
N VAL A 62 -16.59 -10.10 -5.03
CA VAL A 62 -17.49 -10.01 -6.18
C VAL A 62 -16.94 -10.82 -7.35
N THR A 63 -15.61 -10.83 -7.49
CA THR A 63 -14.97 -11.57 -8.58
C THR A 63 -13.73 -12.26 -8.03
N PRO A 64 -13.21 -13.24 -8.74
CA PRO A 64 -11.98 -13.97 -8.30
C PRO A 64 -10.90 -13.04 -7.76
N ASP A 65 -11.07 -11.73 -7.96
CA ASP A 65 -10.10 -10.75 -7.49
C ASP A 65 -10.36 -9.37 -8.11
N LEU A 66 -11.44 -8.74 -7.69
CA LEU A 66 -11.79 -7.41 -8.20
C LEU A 66 -12.66 -6.68 -7.18
N GLU A 67 -12.08 -5.70 -6.49
CA GLU A 67 -12.83 -4.96 -5.50
C GLU A 67 -12.09 -3.68 -5.10
N PRO A 68 -12.80 -2.66 -4.67
CA PRO A 68 -12.16 -1.37 -4.25
C PRO A 68 -11.26 -1.58 -3.03
N TYR A 69 -10.15 -0.84 -2.99
CA TYR A 69 -9.21 -0.96 -1.88
C TYR A 69 -9.09 0.35 -1.12
N ALA A 70 -9.18 0.27 0.20
CA ALA A 70 -9.07 1.46 1.05
C ALA A 70 -7.77 1.42 1.85
N TRP A 71 -7.33 2.60 2.30
CA TRP A 71 -6.09 2.68 3.07
C TRP A 71 -6.28 3.58 4.28
N ALA A 72 -5.78 3.13 5.43
CA ALA A 72 -5.90 3.92 6.66
C ALA A 72 -4.76 3.58 7.62
N GLY A 73 -4.08 4.62 8.10
CA GLY A 73 -2.96 4.42 9.02
C GLY A 73 -2.22 5.73 9.27
N ALA A 74 -1.00 5.62 9.78
CA ALA A 74 -0.19 6.80 10.06
C ALA A 74 1.28 6.52 9.80
N THR A 75 2.03 7.58 9.49
CA THR A 75 3.45 7.45 9.21
C THR A 75 4.29 7.97 10.38
N TYR A 76 5.50 7.44 10.52
CA TYR A 76 6.38 7.87 11.60
C TYR A 76 7.81 8.02 11.09
N ASN A 77 8.33 9.25 11.19
CA ASN A 77 9.70 9.52 10.74
C ASN A 77 10.64 9.60 11.93
N THR A 78 11.90 9.22 11.70
CA THR A 78 12.91 9.26 12.75
C THR A 78 12.98 10.64 13.37
N ASP A 79 12.55 11.65 12.62
CA ASP A 79 12.58 13.02 13.11
C ASP A 79 11.45 13.25 14.11
N ASN A 80 11.03 12.19 14.78
CA ASN A 80 9.96 12.28 15.76
C ASN A 80 8.73 12.95 15.15
N THR A 81 8.57 12.79 13.85
CA THR A 81 7.43 13.38 13.14
C THR A 81 6.41 12.31 12.78
N LEU A 82 5.20 12.45 13.34
CA LEU A 82 4.14 11.48 13.07
C LEU A 82 2.84 12.21 12.71
N VAL A 83 2.17 11.75 11.67
CA VAL A 83 0.93 12.35 11.23
C VAL A 83 0.01 11.30 10.61
N PRO A 84 -1.28 11.54 10.58
CA PRO A 84 -2.27 10.58 9.99
C PRO A 84 -2.17 10.52 8.47
N ALA A 85 -2.72 9.45 7.90
CA ALA A 85 -2.69 9.28 6.45
C ALA A 85 -3.81 8.36 5.99
N ALA A 86 -4.41 8.68 4.85
CA ALA A 86 -5.49 7.86 4.32
C ALA A 86 -5.70 8.14 2.83
N GLY A 87 -6.58 7.37 2.21
CA GLY A 87 -6.86 7.55 0.79
C GLY A 87 -7.72 6.41 0.26
N ALA A 88 -7.85 6.33 -1.06
CA ALA A 88 -8.65 5.29 -1.69
C ALA A 88 -7.93 4.72 -2.91
N GLY A 89 -8.23 3.47 -3.24
CA GLY A 89 -7.60 2.82 -4.38
C GLY A 89 -8.47 1.68 -4.91
N PHE A 90 -7.95 0.95 -5.89
CA PHE A 90 -8.69 -0.16 -6.48
C PHE A 90 -7.75 -1.31 -6.80
N ARG A 91 -8.25 -2.53 -6.66
CA ARG A 91 -7.45 -3.72 -6.94
C ARG A 91 -8.00 -4.45 -8.16
N TYR A 92 -7.25 -4.40 -9.26
CA TYR A 92 -7.66 -5.06 -10.50
C TYR A 92 -6.76 -6.24 -10.79
N LYS A 93 -7.35 -7.33 -11.27
CA LYS A 93 -6.59 -8.52 -11.60
C LYS A 93 -6.19 -8.53 -13.07
N VAL A 94 -4.91 -8.29 -13.33
CA VAL A 94 -4.41 -8.27 -14.70
C VAL A 94 -3.62 -9.53 -15.00
N SER A 95 -2.98 -10.08 -13.97
CA SER A 95 -2.21 -11.30 -14.13
C SER A 95 -2.36 -12.20 -12.90
N PRO A 96 -2.01 -13.45 -13.02
CA PRO A 96 -2.12 -14.44 -11.90
C PRO A 96 -1.10 -14.19 -10.80
N GLU A 97 0.17 -14.04 -11.19
CA GLU A 97 1.24 -13.82 -10.22
C GLU A 97 1.54 -12.33 -10.06
N VAL A 98 0.81 -11.49 -10.79
CA VAL A 98 1.02 -10.04 -10.72
C VAL A 98 -0.31 -9.32 -10.61
N LYS A 99 -0.50 -8.61 -9.49
CA LYS A 99 -1.73 -7.87 -9.26
C LYS A 99 -1.49 -6.37 -9.40
N LEU A 100 -2.44 -5.67 -10.02
CA LEU A 100 -2.31 -4.23 -10.22
C LEU A 100 -3.08 -3.47 -9.15
N VAL A 101 -2.45 -2.44 -8.59
CA VAL A 101 -3.08 -1.63 -7.55
C VAL A 101 -2.81 -0.15 -7.79
N VAL A 102 -3.74 0.70 -7.35
CA VAL A 102 -3.59 2.13 -7.50
C VAL A 102 -4.21 2.84 -6.31
N GLU A 103 -3.37 3.42 -5.48
CA GLU A 103 -3.82 4.13 -4.29
C GLU A 103 -3.63 5.64 -4.46
N TYR A 104 -4.63 6.41 -4.02
CA TYR A 104 -4.57 7.86 -4.11
C TYR A 104 -4.41 8.48 -2.73
N GLY A 105 -3.26 9.10 -2.50
CA GLY A 105 -2.98 9.73 -1.22
C GLY A 105 -3.96 10.87 -0.94
N TRP A 106 -4.51 10.87 0.27
CA TRP A 106 -5.46 11.92 0.66
C TRP A 106 -5.36 12.21 2.15
N ASN A 107 -5.70 13.42 2.54
CA ASN A 107 -5.65 13.82 3.95
C ASN A 107 -6.61 14.98 4.21
N ASN A 108 -6.86 15.24 5.50
CA ASN A 108 -7.75 16.33 5.87
C ASN A 108 -7.34 17.63 5.19
N SER A 109 -8.02 17.96 4.11
CA SER A 109 -7.72 19.18 3.38
C SER A 109 -6.21 19.38 3.26
N SER A 110 -5.60 18.76 2.26
CA SER A 110 -4.17 18.87 2.05
C SER A 110 -3.77 18.31 0.69
N LEU A 111 -2.53 18.57 0.29
CA LEU A 111 -2.04 18.09 -1.00
C LEU A 111 -2.36 16.60 -1.17
N GLN A 112 -2.49 16.17 -2.42
CA GLN A 112 -2.79 14.78 -2.71
C GLN A 112 -1.83 14.23 -3.76
N PHE A 113 -1.68 12.90 -3.80
CA PHE A 113 -0.79 12.27 -4.76
C PHE A 113 -1.31 10.89 -5.14
N LEU A 114 -0.73 10.32 -6.20
CA LEU A 114 -1.15 9.00 -6.66
C LEU A 114 0.08 8.13 -6.95
N GLN A 115 -0.09 6.82 -6.79
CA GLN A 115 1.02 5.89 -7.03
C GLN A 115 0.49 4.52 -7.44
N ALA A 116 1.29 3.81 -8.24
CA ALA A 116 0.92 2.48 -8.70
C ALA A 116 1.93 1.45 -8.21
N GLY A 117 1.44 0.30 -7.79
CA GLY A 117 2.32 -0.76 -7.29
C GLY A 117 1.93 -2.12 -7.85
N LEU A 118 2.86 -3.07 -7.76
CA LEU A 118 2.61 -4.43 -8.26
C LEU A 118 3.10 -5.45 -7.25
N SER A 119 2.25 -6.40 -6.90
CA SER A 119 2.61 -7.43 -5.93
C SER A 119 2.94 -8.75 -6.63
N TYR A 120 3.83 -9.52 -6.01
CA TYR A 120 4.22 -10.80 -6.56
C TYR A 120 4.20 -11.88 -5.49
N ARG A 121 3.50 -12.98 -5.77
CA ARG A 121 3.41 -14.08 -4.81
C ARG A 121 4.74 -14.80 -4.69
N ILE A 122 5.15 -15.07 -3.45
CA ILE A 122 6.41 -15.76 -3.20
C ILE A 122 6.17 -17.25 -2.95
N GLN A 123 4.99 -17.57 -2.40
CA GLN A 123 4.65 -18.95 -2.11
C GLN A 123 3.19 -19.23 -2.49
N PRO A 124 2.86 -20.44 -2.88
CA PRO A 124 1.46 -20.79 -3.26
C PRO A 124 0.53 -20.81 -2.05
N MET A 1 -2.81 -24.08 -3.76
CA MET A 1 -4.26 -24.21 -3.40
C MET A 1 -4.41 -24.19 -1.89
N GLN A 2 -3.91 -23.13 -1.26
CA GLN A 2 -3.99 -22.99 0.19
C GLN A 2 -3.92 -21.52 0.60
N ASP A 3 -2.70 -21.00 0.71
CA ASP A 3 -2.51 -19.61 1.10
C ASP A 3 -3.38 -19.26 2.30
N GLY A 4 -3.00 -19.75 3.47
CA GLY A 4 -3.76 -19.49 4.68
C GLY A 4 -3.13 -18.35 5.48
N PRO A 5 -3.70 -18.04 6.62
CA PRO A 5 -3.19 -16.95 7.50
C PRO A 5 -1.68 -17.07 7.74
N GLY A 6 -1.00 -15.92 7.78
CA GLY A 6 0.44 -15.91 8.00
C GLY A 6 1.20 -15.93 6.68
N THR A 7 0.48 -15.68 5.58
CA THR A 7 1.10 -15.68 4.26
C THR A 7 2.10 -14.54 4.14
N LEU A 8 3.01 -14.66 3.18
CA LEU A 8 4.03 -13.63 2.97
C LEU A 8 4.11 -13.27 1.49
N ASP A 9 3.97 -11.98 1.20
CA ASP A 9 4.04 -11.52 -0.19
C ASP A 9 4.80 -10.19 -0.27
N VAL A 10 5.48 -9.99 -1.39
CA VAL A 10 6.24 -8.75 -1.59
C VAL A 10 5.50 -7.83 -2.55
N PHE A 11 5.55 -6.53 -2.27
CA PHE A 11 4.86 -5.56 -3.11
C PHE A 11 5.56 -4.20 -3.06
N VAL A 12 5.63 -3.54 -4.21
CA VAL A 12 6.27 -2.22 -4.29
C VAL A 12 5.21 -1.15 -4.50
N ALA A 13 5.58 0.10 -4.23
CA ALA A 13 4.65 1.20 -4.41
C ALA A 13 5.42 2.50 -4.63
N ALA A 14 5.31 3.04 -5.84
CA ALA A 14 5.99 4.27 -6.19
C ALA A 14 4.98 5.33 -6.64
N GLY A 15 5.03 6.49 -6.01
CA GLY A 15 4.11 7.58 -6.35
C GLY A 15 4.82 8.92 -6.35
N TRP A 16 4.04 9.99 -6.50
CA TRP A 16 4.59 11.33 -6.52
C TRP A 16 3.54 12.36 -6.10
N ASN A 17 4.00 13.49 -5.59
CA ASN A 17 3.09 14.54 -5.15
C ASN A 17 3.04 15.68 -6.17
N THR A 18 1.88 16.32 -6.27
CA THR A 18 1.72 17.42 -7.21
C THR A 18 2.88 18.40 -7.11
N ASP A 19 3.65 18.28 -6.03
CA ASP A 19 4.80 19.16 -5.82
C ASP A 19 5.97 18.74 -6.70
N ASN A 20 5.72 17.77 -7.58
CA ASN A 20 6.76 17.29 -8.48
C ASN A 20 7.81 16.49 -7.71
N THR A 21 7.40 15.93 -6.58
CA THR A 21 8.32 15.14 -5.75
C THR A 21 8.07 13.65 -5.94
N ILE A 22 9.14 12.89 -6.07
CA ILE A 22 9.03 11.44 -6.26
C ILE A 22 9.32 10.72 -4.95
N GLU A 23 8.53 9.68 -4.67
CA GLU A 23 8.70 8.90 -3.46
C GLU A 23 8.59 7.41 -3.75
N ILE A 24 9.62 6.66 -3.38
CA ILE A 24 9.63 5.22 -3.60
C ILE A 24 9.37 4.47 -2.29
N THR A 25 8.48 3.49 -2.35
CA THR A 25 8.15 2.71 -1.16
C THR A 25 8.04 1.23 -1.51
N GLY A 26 8.50 0.38 -0.58
CA GLY A 26 8.45 -1.06 -0.79
C GLY A 26 8.62 -1.81 0.52
N GLY A 27 8.01 -2.98 0.61
CA GLY A 27 8.10 -3.79 1.83
C GLY A 27 7.45 -5.16 1.62
N ALA A 28 6.90 -5.71 2.70
CA ALA A 28 6.24 -7.01 2.64
C ALA A 28 4.84 -6.94 3.23
N THR A 29 3.97 -7.84 2.79
CA THR A 29 2.60 -7.88 3.27
C THR A 29 2.36 -9.11 4.13
N TYR A 30 1.39 -9.03 5.02
CA TYR A 30 1.07 -10.15 5.91
C TYR A 30 -0.43 -10.47 5.83
N GLN A 31 -0.75 -11.61 5.24
CA GLN A 31 -2.15 -12.02 5.12
C GLN A 31 -2.60 -12.79 6.36
N LEU A 32 -3.43 -12.13 7.18
CA LEU A 32 -3.92 -12.75 8.39
C LEU A 32 -5.30 -13.35 8.17
N SER A 33 -6.08 -12.70 7.31
CA SER A 33 -7.43 -13.17 7.01
C SER A 33 -7.92 -12.57 5.70
N PRO A 34 -8.94 -13.15 5.10
CA PRO A 34 -9.52 -12.65 3.83
C PRO A 34 -10.26 -11.31 3.99
N TYR A 35 -10.37 -10.88 5.24
CA TYR A 35 -11.06 -9.61 5.53
C TYR A 35 -10.08 -8.45 5.47
N ILE A 36 -9.42 -8.17 6.58
CA ILE A 36 -8.46 -7.07 6.63
C ILE A 36 -7.05 -7.58 6.37
N MET A 37 -6.23 -6.74 5.75
CA MET A 37 -4.85 -7.09 5.44
C MET A 37 -3.88 -6.11 6.08
N VAL A 38 -2.65 -6.56 6.31
CA VAL A 38 -1.63 -5.71 6.92
C VAL A 38 -0.58 -5.30 5.88
N LYS A 39 0.01 -4.12 6.07
CA LYS A 39 1.02 -3.63 5.15
C LYS A 39 2.12 -2.89 5.92
N ALA A 40 3.37 -3.28 5.68
CA ALA A 40 4.50 -2.66 6.36
C ALA A 40 5.65 -2.45 5.38
N GLY A 41 6.16 -1.23 5.33
CA GLY A 41 7.28 -0.91 4.43
C GLY A 41 7.93 0.41 4.82
N TYR A 42 8.85 0.88 3.97
CA TYR A 42 9.55 2.13 4.24
C TYR A 42 9.66 2.96 2.97
N GLY A 43 9.70 4.28 3.13
CA GLY A 43 9.80 5.19 1.99
C GLY A 43 11.19 5.84 1.94
N TRP A 44 11.54 6.35 0.78
CA TRP A 44 12.84 7.01 0.61
C TRP A 44 12.73 8.17 -0.37
N ASN A 45 13.60 9.17 -0.19
CA ASN A 45 13.59 10.34 -1.07
C ASN A 45 15.02 10.74 -1.43
N ASN A 46 15.18 11.96 -1.93
CA ASN A 46 16.49 12.46 -2.33
C ASN A 46 17.20 13.08 -1.12
N SER A 47 17.06 12.45 0.04
CA SER A 47 17.70 12.95 1.25
C SER A 47 17.61 11.92 2.37
N SER A 48 18.57 11.96 3.28
CA SER A 48 18.59 11.03 4.40
C SER A 48 17.20 10.88 5.00
N LEU A 49 16.42 11.95 4.94
CA LEU A 49 15.07 11.93 5.48
C LEU A 49 14.36 10.62 5.11
N ASN A 50 14.15 9.78 6.11
CA ASN A 50 13.49 8.49 5.88
C ASN A 50 12.02 8.57 6.28
N ARG A 51 11.22 7.64 5.77
CA ARG A 51 9.80 7.61 6.08
C ARG A 51 9.34 6.18 6.36
N PHE A 52 8.20 6.06 7.03
CA PHE A 52 7.66 4.74 7.35
C PHE A 52 6.15 4.69 7.09
N GLU A 53 5.65 3.51 6.78
CA GLU A 53 4.22 3.34 6.52
C GLU A 53 3.68 2.12 7.24
N PHE A 54 2.69 2.33 8.10
CA PHE A 54 2.09 1.23 8.86
C PHE A 54 0.57 1.35 8.86
N GLY A 55 -0.10 0.31 8.40
CA GLY A 55 -1.56 0.30 8.36
C GLY A 55 -2.09 -0.92 7.60
N GLY A 56 -3.38 -0.91 7.31
CA GLY A 56 -3.99 -2.02 6.58
C GLY A 56 -4.95 -1.51 5.52
N GLY A 57 -5.64 -2.43 4.86
CA GLY A 57 -6.59 -2.07 3.81
C GLY A 57 -7.79 -3.00 3.79
N LEU A 58 -8.69 -2.79 2.84
CA LEU A 58 -9.88 -3.62 2.73
C LEU A 58 -10.14 -4.00 1.27
N GLN A 59 -10.61 -5.22 1.06
CA GLN A 59 -10.90 -5.72 -0.28
C GLN A 59 -12.16 -6.58 -0.27
N TYR A 60 -12.72 -6.84 -1.45
CA TYR A 60 -13.93 -7.65 -1.57
C TYR A 60 -13.72 -8.78 -2.56
N LYS A 61 -14.67 -9.72 -2.59
CA LYS A 61 -14.58 -10.86 -3.50
C LYS A 61 -15.76 -10.85 -4.47
N VAL A 62 -15.53 -10.30 -5.66
CA VAL A 62 -16.57 -10.24 -6.69
C VAL A 62 -16.05 -10.80 -8.01
N THR A 63 -14.76 -10.67 -8.24
CA THR A 63 -14.15 -11.17 -9.46
C THR A 63 -12.80 -11.81 -9.13
N PRO A 64 -12.24 -12.60 -10.01
CA PRO A 64 -10.93 -13.26 -9.78
C PRO A 64 -9.91 -12.31 -9.16
N ASP A 65 -10.23 -11.01 -9.15
CA ASP A 65 -9.34 -10.00 -8.58
C ASP A 65 -9.75 -8.60 -9.05
N LEU A 66 -10.90 -8.14 -8.55
CA LEU A 66 -11.40 -6.82 -8.91
C LEU A 66 -12.34 -6.31 -7.82
N GLU A 67 -11.86 -5.35 -7.04
CA GLU A 67 -12.67 -4.80 -5.96
C GLU A 67 -12.06 -3.50 -5.44
N PRO A 68 -12.87 -2.62 -4.89
CA PRO A 68 -12.36 -1.32 -4.35
C PRO A 68 -11.39 -1.55 -3.19
N TYR A 69 -10.31 -0.78 -3.15
CA TYR A 69 -9.32 -0.92 -2.10
C TYR A 69 -9.22 0.35 -1.27
N ALA A 70 -9.23 0.18 0.05
CA ALA A 70 -9.14 1.32 0.96
C ALA A 70 -7.86 1.22 1.79
N TRP A 71 -7.38 2.37 2.27
CA TRP A 71 -6.17 2.39 3.08
C TRP A 71 -6.33 3.33 4.26
N ALA A 72 -5.69 2.98 5.38
CA ALA A 72 -5.76 3.80 6.58
C ALA A 72 -4.63 3.46 7.53
N GLY A 73 -3.89 4.48 7.97
CA GLY A 73 -2.77 4.27 8.88
C GLY A 73 -2.07 5.59 9.19
N ALA A 74 -0.84 5.50 9.68
CA ALA A 74 -0.06 6.68 10.01
C ALA A 74 1.33 6.61 9.39
N THR A 75 1.91 7.77 9.13
CA THR A 75 3.26 7.83 8.53
C THR A 75 4.28 8.28 9.57
N TYR A 76 5.35 7.52 9.71
CA TYR A 76 6.40 7.84 10.67
C TYR A 76 7.63 8.39 9.94
N ASN A 77 8.03 9.61 10.32
CA ASN A 77 9.19 10.24 9.69
C ASN A 77 10.41 10.11 10.60
N THR A 78 11.59 10.05 9.98
CA THR A 78 12.83 9.94 10.74
C THR A 78 12.93 11.05 11.78
N ASP A 79 12.31 12.18 11.49
CA ASP A 79 12.32 13.32 12.41
C ASP A 79 11.40 13.05 13.59
N ASN A 80 11.00 11.80 13.76
CA ASN A 80 10.12 11.42 14.86
C ASN A 80 8.75 12.06 14.68
N THR A 81 8.38 12.30 13.43
CA THR A 81 7.09 12.91 13.12
C THR A 81 6.04 11.84 12.80
N LEU A 82 4.87 11.97 13.42
CA LEU A 82 3.79 11.02 13.19
C LEU A 82 2.48 11.75 12.91
N VAL A 83 1.92 11.50 11.73
CA VAL A 83 0.67 12.14 11.34
C VAL A 83 -0.26 11.13 10.67
N PRO A 84 -1.55 11.37 10.68
CA PRO A 84 -2.55 10.46 10.05
C PRO A 84 -2.45 10.46 8.53
N ALA A 85 -3.01 9.43 7.90
CA ALA A 85 -2.99 9.34 6.45
C ALA A 85 -4.07 8.38 5.96
N ALA A 86 -4.74 8.75 4.86
CA ALA A 86 -5.79 7.92 4.31
C ALA A 86 -5.74 7.94 2.78
N GLY A 87 -6.29 6.90 2.17
CA GLY A 87 -6.31 6.80 0.71
C GLY A 87 -7.37 5.82 0.23
N ALA A 88 -7.93 6.08 -0.95
CA ALA A 88 -8.95 5.20 -1.50
C ALA A 88 -8.73 5.00 -3.00
N GLY A 89 -8.82 3.75 -3.43
CA GLY A 89 -8.63 3.43 -4.84
C GLY A 89 -9.30 2.11 -5.19
N PHE A 90 -8.59 1.28 -5.97
CA PHE A 90 -9.12 -0.02 -6.37
C PHE A 90 -8.01 -0.93 -6.87
N ARG A 91 -8.28 -2.24 -6.88
CA ARG A 91 -7.31 -3.21 -7.34
C ARG A 91 -7.81 -3.92 -8.59
N TYR A 92 -7.06 -3.78 -9.68
CA TYR A 92 -7.44 -4.41 -10.94
C TYR A 92 -6.52 -5.59 -11.24
N LYS A 93 -7.04 -6.57 -11.99
CA LYS A 93 -6.24 -7.74 -12.34
C LYS A 93 -5.57 -7.54 -13.69
N VAL A 94 -4.23 -7.58 -13.68
CA VAL A 94 -3.47 -7.40 -14.90
C VAL A 94 -2.96 -8.75 -15.41
N SER A 95 -1.95 -9.29 -14.72
CA SER A 95 -1.38 -10.58 -15.11
C SER A 95 -1.81 -11.67 -14.12
N PRO A 96 -1.67 -12.91 -14.50
CA PRO A 96 -2.06 -14.06 -13.63
C PRO A 96 -1.09 -14.26 -12.47
N GLU A 97 0.06 -13.61 -12.55
CA GLU A 97 1.07 -13.73 -11.50
C GLU A 97 1.45 -12.36 -10.94
N VAL A 98 0.90 -11.31 -11.54
CA VAL A 98 1.19 -9.94 -11.10
C VAL A 98 -0.10 -9.14 -10.98
N LYS A 99 -0.29 -8.49 -9.84
CA LYS A 99 -1.48 -7.67 -9.60
C LYS A 99 -1.13 -6.19 -9.67
N LEU A 100 -2.11 -5.37 -10.01
CA LEU A 100 -1.91 -3.93 -10.10
C LEU A 100 -2.83 -3.19 -9.13
N VAL A 101 -2.30 -2.15 -8.50
CA VAL A 101 -3.08 -1.37 -7.55
C VAL A 101 -2.81 0.13 -7.72
N VAL A 102 -3.81 0.95 -7.42
CA VAL A 102 -3.66 2.39 -7.52
C VAL A 102 -4.47 3.07 -6.43
N GLU A 103 -3.77 3.65 -5.49
CA GLU A 103 -4.41 4.34 -4.37
C GLU A 103 -4.19 5.85 -4.47
N TYR A 104 -5.19 6.61 -4.04
CA TYR A 104 -5.11 8.06 -4.08
C TYR A 104 -4.92 8.63 -2.68
N GLY A 105 -3.75 9.23 -2.44
CA GLY A 105 -3.46 9.81 -1.14
C GLY A 105 -4.36 11.02 -0.86
N TRP A 106 -4.90 11.08 0.35
CA TRP A 106 -5.77 12.18 0.74
C TRP A 106 -5.86 12.30 2.25
N ASN A 107 -6.41 13.42 2.72
CA ASN A 107 -6.54 13.64 4.15
C ASN A 107 -7.36 14.90 4.42
N ASN A 108 -8.00 14.95 5.59
CA ASN A 108 -8.81 16.11 5.95
C ASN A 108 -8.10 17.40 5.56
N SER A 109 -8.54 17.99 4.44
CA SER A 109 -7.94 19.24 3.97
C SER A 109 -6.42 19.18 4.09
N SER A 110 -5.77 18.63 3.06
CA SER A 110 -4.32 18.51 3.06
C SER A 110 -3.82 18.08 1.69
N LEU A 111 -2.52 18.25 1.46
CA LEU A 111 -1.92 17.86 0.18
C LEU A 111 -2.35 16.46 -0.22
N GLN A 112 -2.36 16.19 -1.51
CA GLN A 112 -2.76 14.89 -2.02
C GLN A 112 -1.73 14.36 -3.02
N PHE A 113 -1.73 13.05 -3.23
CA PHE A 113 -0.79 12.44 -4.16
C PHE A 113 -1.33 11.11 -4.67
N LEU A 114 -0.70 10.58 -5.71
CA LEU A 114 -1.12 9.30 -6.30
C LEU A 114 -0.01 8.26 -6.16
N GLN A 115 -0.41 7.00 -6.02
CA GLN A 115 0.55 5.92 -5.88
C GLN A 115 0.11 4.69 -6.65
N ALA A 116 1.04 4.10 -7.40
CA ALA A 116 0.73 2.90 -8.18
C ALA A 116 1.83 1.87 -8.01
N GLY A 117 1.44 0.62 -7.75
CA GLY A 117 2.40 -0.45 -7.57
C GLY A 117 1.81 -1.80 -7.93
N LEU A 118 2.46 -2.86 -7.48
CA LEU A 118 1.99 -4.22 -7.76
C LEU A 118 2.41 -5.18 -6.66
N SER A 119 1.85 -6.38 -6.68
CA SER A 119 2.17 -7.39 -5.67
C SER A 119 2.61 -8.70 -6.33
N TYR A 120 3.42 -9.47 -5.62
CA TYR A 120 3.91 -10.74 -6.14
C TYR A 120 4.04 -11.77 -5.01
N ARG A 121 3.21 -12.80 -5.06
CA ARG A 121 3.25 -13.84 -4.04
C ARG A 121 4.59 -14.58 -4.07
N ILE A 122 5.10 -14.91 -2.89
CA ILE A 122 6.38 -15.61 -2.79
C ILE A 122 6.15 -17.12 -2.70
N GLN A 123 5.42 -17.53 -1.66
CA GLN A 123 5.12 -18.95 -1.47
C GLN A 123 3.68 -19.14 -1.01
N PRO A 124 3.07 -20.26 -1.32
CA PRO A 124 1.65 -20.54 -0.91
C PRO A 124 1.53 -20.74 0.60
N MET A 1 -9.62 -19.99 -1.35
CA MET A 1 -9.18 -21.40 -1.58
C MET A 1 -8.11 -21.76 -0.55
N GLN A 2 -6.86 -21.81 -1.01
CA GLN A 2 -5.75 -22.15 -0.12
C GLN A 2 -5.33 -20.93 0.70
N ASP A 3 -4.04 -20.60 0.60
CA ASP A 3 -3.51 -19.45 1.34
C ASP A 3 -3.84 -19.55 2.83
N GLY A 4 -2.82 -19.85 3.63
CA GLY A 4 -3.03 -19.98 5.07
C GLY A 4 -2.54 -18.73 5.80
N PRO A 5 -2.80 -18.64 7.08
CA PRO A 5 -2.39 -17.48 7.91
C PRO A 5 -0.89 -17.46 8.18
N GLY A 6 -0.28 -16.28 8.04
CA GLY A 6 1.15 -16.14 8.27
C GLY A 6 1.91 -16.07 6.94
N THR A 7 1.17 -15.86 5.86
CA THR A 7 1.79 -15.77 4.53
C THR A 7 2.53 -14.44 4.38
N LEU A 8 3.42 -14.37 3.40
CA LEU A 8 4.19 -13.16 3.15
C LEU A 8 4.24 -12.86 1.65
N ASP A 9 4.07 -11.58 1.31
CA ASP A 9 4.10 -11.18 -0.09
C ASP A 9 4.91 -9.90 -0.26
N VAL A 10 5.48 -9.71 -1.45
CA VAL A 10 6.27 -8.53 -1.74
C VAL A 10 5.54 -7.63 -2.74
N PHE A 11 5.56 -6.32 -2.50
CA PHE A 11 4.90 -5.38 -3.38
C PHE A 11 5.57 -4.02 -3.35
N VAL A 12 5.62 -3.36 -4.50
CA VAL A 12 6.24 -2.04 -4.59
C VAL A 12 5.16 -0.98 -4.81
N ALA A 13 5.50 0.27 -4.47
CA ALA A 13 4.54 1.35 -4.63
C ALA A 13 5.29 2.67 -4.79
N ALA A 14 5.19 3.24 -5.98
CA ALA A 14 5.84 4.51 -6.27
C ALA A 14 4.80 5.53 -6.71
N GLY A 15 4.84 6.72 -6.10
CA GLY A 15 3.88 7.77 -6.43
C GLY A 15 4.60 9.10 -6.70
N TRP A 16 3.81 10.12 -7.04
CA TRP A 16 4.37 11.44 -7.32
C TRP A 16 3.55 12.51 -6.60
N ASN A 17 4.25 13.43 -5.93
CA ASN A 17 3.58 14.51 -5.21
C ASN A 17 3.62 15.80 -6.02
N THR A 18 2.55 16.58 -5.92
CA THR A 18 2.48 17.85 -6.64
C THR A 18 3.74 18.68 -6.43
N ASP A 19 4.48 18.34 -5.37
CA ASP A 19 5.71 19.05 -5.06
C ASP A 19 6.79 18.73 -6.10
N ASN A 20 6.39 18.08 -7.19
CA ASN A 20 7.33 17.72 -8.24
C ASN A 20 8.43 16.82 -7.69
N THR A 21 8.02 15.78 -6.96
CA THR A 21 8.99 14.86 -6.38
C THR A 21 8.49 13.42 -6.49
N ILE A 22 9.42 12.48 -6.65
CA ILE A 22 9.06 11.07 -6.77
C ILE A 22 9.32 10.34 -5.45
N GLU A 23 8.27 9.72 -4.91
CA GLU A 23 8.40 8.99 -3.66
C GLU A 23 8.44 7.48 -3.92
N ILE A 24 9.47 6.83 -3.38
CA ILE A 24 9.64 5.40 -3.56
C ILE A 24 9.31 4.65 -2.26
N THR A 25 8.49 3.62 -2.37
CA THR A 25 8.10 2.84 -1.19
C THR A 25 8.02 1.36 -1.55
N GLY A 26 8.54 0.51 -0.66
CA GLY A 26 8.50 -0.93 -0.88
C GLY A 26 8.60 -1.68 0.44
N GLY A 27 7.91 -2.82 0.52
CA GLY A 27 7.92 -3.63 1.73
C GLY A 27 7.19 -4.95 1.51
N ALA A 28 6.58 -5.47 2.57
CA ALA A 28 5.86 -6.73 2.47
C ALA A 28 4.52 -6.63 3.22
N THR A 29 3.68 -7.65 3.05
CA THR A 29 2.38 -7.68 3.70
C THR A 29 2.17 -9.00 4.43
N TYR A 30 1.46 -8.95 5.55
CA TYR A 30 1.18 -10.15 6.33
C TYR A 30 -0.26 -10.61 6.12
N GLN A 31 -0.42 -11.80 5.56
CA GLN A 31 -1.75 -12.35 5.32
C GLN A 31 -2.19 -13.23 6.47
N LEU A 32 -3.01 -12.67 7.36
CA LEU A 32 -3.51 -13.42 8.51
C LEU A 32 -4.89 -13.99 8.22
N SER A 33 -5.92 -13.20 8.52
CA SER A 33 -7.30 -13.63 8.29
C SER A 33 -7.87 -12.96 7.04
N PRO A 34 -8.94 -13.48 6.52
CA PRO A 34 -9.60 -12.93 5.30
C PRO A 34 -10.27 -11.58 5.58
N TYR A 35 -10.28 -11.19 6.84
CA TYR A 35 -10.90 -9.92 7.23
C TYR A 35 -10.03 -8.74 6.77
N ILE A 36 -9.19 -8.25 7.68
CA ILE A 36 -8.31 -7.14 7.36
C ILE A 36 -6.88 -7.62 7.11
N MET A 37 -6.18 -6.93 6.22
CA MET A 37 -4.80 -7.31 5.90
C MET A 37 -3.82 -6.34 6.55
N VAL A 38 -2.56 -6.77 6.68
CA VAL A 38 -1.53 -5.94 7.28
C VAL A 38 -0.57 -5.42 6.23
N LYS A 39 -0.14 -4.17 6.38
CA LYS A 39 0.79 -3.56 5.44
C LYS A 39 1.86 -2.76 6.16
N ALA A 40 3.12 -3.01 5.80
CA ALA A 40 4.23 -2.30 6.44
C ALA A 40 5.42 -2.22 5.49
N GLY A 41 6.05 -1.05 5.43
CA GLY A 41 7.20 -0.86 4.56
C GLY A 41 7.95 0.42 4.92
N TYR A 42 8.75 0.91 4.00
CA TYR A 42 9.54 2.13 4.23
C TYR A 42 9.47 3.04 3.01
N GLY A 43 9.84 4.30 3.20
CA GLY A 43 9.82 5.27 2.11
C GLY A 43 11.07 6.15 2.14
N TRP A 44 11.56 6.51 0.96
CA TRP A 44 12.75 7.35 0.87
C TRP A 44 12.88 7.93 -0.54
N ASN A 45 13.74 8.94 -0.68
CA ASN A 45 13.96 9.57 -1.97
C ASN A 45 15.29 10.30 -1.99
N ASN A 46 15.27 11.59 -1.68
CA ASN A 46 16.49 12.40 -1.67
C ASN A 46 16.51 13.32 -0.47
N SER A 47 17.10 12.87 0.63
CA SER A 47 17.17 13.67 1.84
C SER A 47 18.12 13.03 2.86
N SER A 48 17.69 12.98 4.11
CA SER A 48 18.50 12.39 5.16
C SER A 48 17.63 11.60 6.14
N LEU A 49 16.37 11.99 6.24
CA LEU A 49 15.43 11.31 7.13
C LEU A 49 14.73 10.17 6.41
N ASN A 50 13.80 9.52 7.10
CA ASN A 50 13.06 8.40 6.51
C ASN A 50 11.61 8.42 6.98
N ARG A 51 10.78 7.59 6.35
CA ARG A 51 9.37 7.52 6.72
C ARG A 51 8.88 6.08 6.70
N PHE A 52 8.32 5.63 7.81
CA PHE A 52 7.81 4.27 7.91
C PHE A 52 6.28 4.25 7.78
N GLU A 53 5.79 3.46 6.82
CA GLU A 53 4.35 3.36 6.60
C GLU A 53 3.79 2.15 7.33
N PHE A 54 2.77 2.36 8.15
CA PHE A 54 2.16 1.28 8.90
C PHE A 54 0.64 1.44 8.92
N GLY A 55 -0.07 0.37 8.55
CA GLY A 55 -1.53 0.40 8.53
C GLY A 55 -2.09 -0.94 8.06
N GLY A 56 -3.23 -0.89 7.38
CA GLY A 56 -3.87 -2.10 6.89
C GLY A 56 -4.66 -1.82 5.62
N GLY A 57 -4.82 -2.84 4.79
CA GLY A 57 -5.57 -2.70 3.54
C GLY A 57 -6.95 -3.32 3.65
N LEU A 58 -7.80 -3.04 2.68
CA LEU A 58 -9.16 -3.58 2.67
C LEU A 58 -9.52 -4.12 1.30
N GLN A 59 -10.02 -5.35 1.26
CA GLN A 59 -10.40 -5.98 0.00
C GLN A 59 -11.70 -6.77 0.16
N TYR A 60 -12.33 -7.09 -0.96
CA TYR A 60 -13.59 -7.84 -0.94
C TYR A 60 -13.48 -9.09 -1.81
N LYS A 61 -14.48 -9.96 -1.70
CA LYS A 61 -14.49 -11.20 -2.49
C LYS A 61 -15.70 -11.21 -3.42
N VAL A 62 -15.48 -10.85 -4.68
CA VAL A 62 -16.56 -10.83 -5.66
C VAL A 62 -16.08 -11.41 -6.98
N THR A 63 -14.82 -11.18 -7.31
CA THR A 63 -14.24 -11.68 -8.55
C THR A 63 -12.88 -12.30 -8.26
N PRO A 64 -12.35 -13.10 -9.15
CA PRO A 64 -11.02 -13.74 -8.94
C PRO A 64 -9.99 -12.77 -8.37
N ASP A 65 -10.32 -11.48 -8.39
CA ASP A 65 -9.44 -10.43 -7.88
C ASP A 65 -9.82 -9.08 -8.48
N LEU A 66 -10.99 -8.57 -8.09
CA LEU A 66 -11.46 -7.28 -8.60
C LEU A 66 -12.44 -6.66 -7.62
N GLU A 67 -12.00 -5.64 -6.90
CA GLU A 67 -12.87 -4.98 -5.93
C GLU A 67 -12.24 -3.65 -5.49
N PRO A 68 -13.03 -2.71 -5.00
CA PRO A 68 -12.50 -1.41 -4.52
C PRO A 68 -11.34 -1.61 -3.55
N TYR A 69 -10.49 -0.60 -3.44
CA TYR A 69 -9.35 -0.66 -2.54
C TYR A 69 -9.43 0.41 -1.45
N ALA A 70 -9.22 0.00 -0.21
CA ALA A 70 -9.28 0.93 0.92
C ALA A 70 -8.10 0.69 1.86
N TRP A 71 -7.32 1.73 2.10
CA TRP A 71 -6.17 1.63 3.01
C TRP A 71 -6.12 2.81 3.96
N ALA A 72 -5.52 2.59 5.13
CA ALA A 72 -5.42 3.64 6.13
C ALA A 72 -4.22 3.38 7.04
N GLY A 73 -3.51 4.44 7.41
CA GLY A 73 -2.35 4.30 8.27
C GLY A 73 -1.71 5.67 8.55
N ALA A 74 -0.46 5.65 8.98
CA ALA A 74 0.25 6.90 9.28
C ALA A 74 1.74 6.75 9.02
N THR A 75 2.40 7.85 8.70
CA THR A 75 3.83 7.84 8.44
C THR A 75 4.60 8.30 9.67
N TYR A 76 5.45 7.42 10.19
CA TYR A 76 6.23 7.73 11.38
C TYR A 76 7.71 7.88 11.03
N ASN A 77 8.27 9.06 11.28
CA ASN A 77 9.66 9.32 10.97
C ASN A 77 10.51 9.25 12.24
N THR A 78 11.77 8.85 12.08
CA THR A 78 12.68 8.74 13.21
C THR A 78 12.76 10.06 13.97
N ASP A 79 12.19 11.10 13.39
CA ASP A 79 12.21 12.42 14.02
C ASP A 79 11.04 12.56 15.00
N ASN A 80 10.42 11.43 15.32
CA ASN A 80 9.29 11.44 16.25
C ASN A 80 8.12 12.21 15.66
N THR A 81 7.92 12.08 14.35
CA THR A 81 6.83 12.77 13.67
C THR A 81 5.68 11.82 13.39
N LEU A 82 4.46 12.35 13.37
CA LEU A 82 3.28 11.55 13.11
C LEU A 82 2.39 12.22 12.07
N VAL A 83 2.02 11.46 11.04
CA VAL A 83 1.17 12.00 9.98
C VAL A 83 0.11 10.98 9.57
N PRO A 84 -1.01 10.94 10.25
CA PRO A 84 -2.11 9.98 9.94
C PRO A 84 -2.95 10.45 8.75
N ALA A 85 -3.17 9.54 7.81
CA ALA A 85 -3.96 9.85 6.63
C ALA A 85 -4.58 8.59 6.05
N ALA A 86 -5.38 8.75 5.00
CA ALA A 86 -6.02 7.60 4.36
C ALA A 86 -6.01 7.73 2.84
N GLY A 87 -6.33 6.65 2.16
CA GLY A 87 -6.36 6.64 0.70
C GLY A 87 -7.46 5.73 0.18
N ALA A 88 -7.96 6.03 -1.02
CA ALA A 88 -9.01 5.23 -1.62
C ALA A 88 -8.74 5.00 -3.10
N GLY A 89 -9.02 3.79 -3.57
CA GLY A 89 -8.80 3.45 -4.98
C GLY A 89 -9.46 2.13 -5.33
N PHE A 90 -8.81 1.36 -6.19
CA PHE A 90 -9.35 0.07 -6.61
C PHE A 90 -8.22 -0.90 -6.94
N ARG A 91 -8.52 -2.20 -6.82
CA ARG A 91 -7.52 -3.23 -7.09
C ARG A 91 -7.95 -4.05 -8.31
N TYR A 92 -7.20 -3.92 -9.39
CA TYR A 92 -7.50 -4.66 -10.62
C TYR A 92 -6.52 -5.81 -10.81
N LYS A 93 -6.97 -6.87 -11.48
CA LYS A 93 -6.14 -8.03 -11.73
C LYS A 93 -5.43 -7.91 -13.07
N VAL A 94 -4.09 -7.88 -13.04
CA VAL A 94 -3.31 -7.78 -14.26
C VAL A 94 -2.74 -9.14 -14.64
N SER A 95 -2.45 -9.96 -13.63
CA SER A 95 -1.90 -11.28 -13.87
C SER A 95 -2.25 -12.23 -12.72
N PRO A 96 -2.14 -13.52 -12.94
CA PRO A 96 -2.45 -14.53 -11.90
C PRO A 96 -1.44 -14.54 -10.76
N GLU A 97 -0.21 -14.10 -11.07
CA GLU A 97 0.85 -14.07 -10.08
C GLU A 97 1.14 -12.63 -9.64
N VAL A 98 0.57 -11.68 -10.37
CA VAL A 98 0.78 -10.27 -10.05
C VAL A 98 -0.54 -9.51 -10.07
N LYS A 99 -0.63 -8.43 -9.29
CA LYS A 99 -1.84 -7.62 -9.23
C LYS A 99 -1.49 -6.13 -9.31
N LEU A 100 -2.38 -5.36 -9.91
CA LEU A 100 -2.16 -3.92 -10.06
C LEU A 100 -2.98 -3.15 -9.03
N VAL A 101 -2.45 -2.02 -8.58
CA VAL A 101 -3.14 -1.20 -7.59
C VAL A 101 -2.98 0.28 -7.94
N VAL A 102 -4.06 1.04 -7.75
CA VAL A 102 -4.04 2.46 -8.03
C VAL A 102 -4.94 3.20 -7.05
N GLU A 103 -4.32 3.96 -6.16
CA GLU A 103 -5.06 4.71 -5.16
C GLU A 103 -4.34 6.02 -4.84
N TYR A 104 -5.13 7.05 -4.52
CA TYR A 104 -4.56 8.35 -4.18
C TYR A 104 -4.64 8.59 -2.68
N GLY A 105 -3.59 9.19 -2.13
CA GLY A 105 -3.56 9.47 -0.69
C GLY A 105 -3.93 10.93 -0.42
N TRP A 106 -4.64 11.16 0.68
CA TRP A 106 -5.05 12.51 1.05
C TRP A 106 -5.02 12.69 2.56
N ASN A 107 -4.94 13.94 2.99
CA ASN A 107 -4.89 14.24 4.42
C ASN A 107 -5.96 15.28 4.78
N ASN A 108 -6.12 15.54 6.07
CA ASN A 108 -7.10 16.51 6.53
C ASN A 108 -6.96 17.82 5.77
N SER A 109 -5.74 18.37 5.77
CA SER A 109 -5.48 19.61 5.07
C SER A 109 -4.03 19.67 4.60
N SER A 110 -3.76 19.04 3.45
CA SER A 110 -2.42 19.01 2.90
C SER A 110 -2.44 18.57 1.44
N LEU A 111 -1.35 18.82 0.74
CA LEU A 111 -1.27 18.45 -0.68
C LEU A 111 -1.56 16.97 -0.85
N GLN A 112 -2.08 16.61 -2.03
CA GLN A 112 -2.41 15.22 -2.32
C GLN A 112 -1.43 14.64 -3.34
N PHE A 113 -1.48 13.33 -3.51
CA PHE A 113 -0.59 12.65 -4.45
C PHE A 113 -1.22 11.36 -4.96
N LEU A 114 -0.63 10.80 -6.02
CA LEU A 114 -1.12 9.56 -6.60
C LEU A 114 -0.19 8.41 -6.28
N GLN A 115 -0.73 7.19 -6.24
CA GLN A 115 0.06 6.01 -5.94
C GLN A 115 -0.29 4.86 -6.89
N ALA A 116 0.73 4.18 -7.37
CA ALA A 116 0.52 3.05 -8.27
C ALA A 116 1.69 2.07 -8.20
N GLY A 117 1.39 0.79 -8.07
CA GLY A 117 2.43 -0.23 -7.98
C GLY A 117 1.88 -1.61 -8.31
N LEU A 118 2.64 -2.64 -7.92
CA LEU A 118 2.22 -4.02 -8.19
C LEU A 118 2.50 -4.90 -6.97
N SER A 119 1.89 -6.08 -6.96
CA SER A 119 2.07 -7.02 -5.86
C SER A 119 2.56 -8.37 -6.37
N TYR A 120 3.32 -9.08 -5.55
CA TYR A 120 3.85 -10.38 -5.93
C TYR A 120 3.88 -11.32 -4.73
N ARG A 121 3.31 -12.51 -4.91
CA ARG A 121 3.27 -13.50 -3.84
C ARG A 121 4.48 -14.44 -3.92
N ILE A 122 5.11 -14.68 -2.79
CA ILE A 122 6.28 -15.57 -2.74
C ILE A 122 5.84 -17.00 -2.45
N GLN A 123 4.74 -17.14 -1.73
CA GLN A 123 4.22 -18.47 -1.39
C GLN A 123 2.92 -18.74 -2.15
N PRO A 124 2.57 -19.99 -2.34
CA PRO A 124 1.33 -20.37 -3.06
C PRO A 124 0.07 -20.03 -2.26
N MET A 1 -4.99 -27.73 -2.69
CA MET A 1 -5.27 -26.31 -2.36
C MET A 1 -5.54 -26.17 -0.86
N GLN A 2 -4.62 -25.51 -0.15
CA GLN A 2 -4.77 -25.33 1.28
C GLN A 2 -4.08 -24.05 1.74
N ASP A 3 -4.64 -22.92 1.34
CA ASP A 3 -4.08 -21.62 1.71
C ASP A 3 -4.47 -21.24 3.14
N GLY A 4 -3.51 -21.33 4.05
CA GLY A 4 -3.77 -21.00 5.45
C GLY A 4 -3.29 -19.58 5.77
N PRO A 5 -3.53 -19.14 6.97
CA PRO A 5 -3.13 -17.78 7.43
C PRO A 5 -1.63 -17.68 7.69
N GLY A 6 -1.10 -16.46 7.62
CA GLY A 6 0.33 -16.25 7.85
C GLY A 6 1.07 -16.06 6.54
N THR A 7 0.31 -15.85 5.46
CA THR A 7 0.91 -15.65 4.14
C THR A 7 1.74 -14.38 4.10
N LEU A 8 2.72 -14.34 3.22
CA LEU A 8 3.59 -13.17 3.08
C LEU A 8 3.78 -12.83 1.61
N ASP A 9 3.71 -11.54 1.30
CA ASP A 9 3.86 -11.08 -0.08
C ASP A 9 4.67 -9.79 -0.12
N VAL A 10 5.23 -9.49 -1.30
CA VAL A 10 6.03 -8.29 -1.48
C VAL A 10 5.45 -7.45 -2.63
N PHE A 11 5.43 -6.14 -2.44
CA PHE A 11 4.89 -5.24 -3.45
C PHE A 11 5.59 -3.88 -3.40
N VAL A 12 5.70 -3.24 -4.56
CA VAL A 12 6.33 -1.93 -4.64
C VAL A 12 5.28 -0.86 -4.94
N ALA A 13 5.64 0.40 -4.69
CA ALA A 13 4.73 1.50 -4.94
C ALA A 13 5.51 2.78 -5.15
N ALA A 14 5.46 3.29 -6.37
CA ALA A 14 6.17 4.52 -6.74
C ALA A 14 5.24 5.43 -7.53
N GLY A 15 5.23 6.71 -7.18
CA GLY A 15 4.38 7.68 -7.87
C GLY A 15 4.96 9.09 -7.76
N TRP A 16 4.08 10.08 -7.81
CA TRP A 16 4.51 11.48 -7.72
C TRP A 16 3.39 12.34 -7.13
N ASN A 17 3.75 13.56 -6.73
CA ASN A 17 2.78 14.49 -6.16
C ASN A 17 2.73 15.78 -6.96
N THR A 18 1.55 16.37 -7.06
CA THR A 18 1.40 17.63 -7.80
C THR A 18 2.50 18.61 -7.42
N ASP A 19 3.08 18.42 -6.25
CA ASP A 19 4.15 19.30 -5.78
C ASP A 19 5.38 19.15 -6.68
N ASN A 20 5.27 18.33 -7.71
CA ASN A 20 6.38 18.10 -8.63
C ASN A 20 7.52 17.38 -7.93
N THR A 21 7.17 16.34 -7.17
CA THR A 21 8.18 15.56 -6.45
C THR A 21 7.87 14.07 -6.54
N ILE A 22 8.92 13.27 -6.72
CA ILE A 22 8.75 11.83 -6.82
C ILE A 22 9.13 11.14 -5.52
N GLU A 23 8.39 10.11 -5.14
CA GLU A 23 8.67 9.38 -3.90
C GLU A 23 8.55 7.88 -4.13
N ILE A 24 9.53 7.14 -3.61
CA ILE A 24 9.53 5.69 -3.76
C ILE A 24 9.07 5.01 -2.47
N THR A 25 8.32 3.93 -2.62
CA THR A 25 7.81 3.21 -1.44
C THR A 25 7.74 1.71 -1.74
N GLY A 26 8.00 0.90 -0.71
CA GLY A 26 7.96 -0.55 -0.87
C GLY A 26 7.81 -1.24 0.49
N GLY A 27 7.01 -2.31 0.51
CA GLY A 27 6.77 -3.04 1.74
C GLY A 27 6.28 -4.45 1.45
N ALA A 28 5.60 -5.05 2.42
CA ALA A 28 5.07 -6.40 2.26
C ALA A 28 3.72 -6.54 2.96
N THR A 29 2.87 -7.40 2.42
CA THR A 29 1.55 -7.62 2.99
C THR A 29 1.50 -8.96 3.74
N TYR A 30 0.58 -9.07 4.69
CA TYR A 30 0.45 -10.30 5.47
C TYR A 30 -1.01 -10.65 5.67
N GLN A 31 -1.40 -11.82 5.19
CA GLN A 31 -2.79 -12.28 5.32
C GLN A 31 -2.90 -13.34 6.40
N LEU A 32 -3.63 -13.03 7.47
CA LEU A 32 -3.80 -13.98 8.56
C LEU A 32 -5.04 -13.64 9.39
N SER A 33 -5.95 -12.87 8.79
CA SER A 33 -7.18 -12.47 9.48
C SER A 33 -8.39 -12.66 8.57
N PRO A 34 -9.57 -12.69 9.12
CA PRO A 34 -10.83 -12.87 8.36
C PRO A 34 -10.80 -12.13 7.02
N TYR A 35 -10.37 -10.87 7.05
CA TYR A 35 -10.30 -10.07 5.83
C TYR A 35 -9.50 -8.79 6.07
N ILE A 36 -8.63 -8.82 7.08
CA ILE A 36 -7.82 -7.65 7.40
C ILE A 36 -6.37 -7.87 6.98
N MET A 37 -5.89 -7.01 6.08
CA MET A 37 -4.51 -7.12 5.60
C MET A 37 -3.62 -6.09 6.28
N VAL A 38 -2.39 -6.48 6.58
CA VAL A 38 -1.44 -5.59 7.24
C VAL A 38 -0.36 -5.14 6.25
N LYS A 39 -0.22 -3.84 6.08
CA LYS A 39 0.77 -3.29 5.17
C LYS A 39 1.86 -2.54 5.94
N ALA A 40 3.12 -2.90 5.69
CA ALA A 40 4.23 -2.25 6.37
C ALA A 40 5.43 -2.12 5.43
N GLY A 41 5.97 -0.91 5.33
CA GLY A 41 7.11 -0.66 4.46
C GLY A 41 7.84 0.62 4.86
N TYR A 42 8.52 1.23 3.90
CA TYR A 42 9.26 2.46 4.16
C TYR A 42 9.22 3.38 2.95
N GLY A 43 9.54 4.65 3.16
CA GLY A 43 9.54 5.63 2.07
C GLY A 43 10.77 6.52 2.15
N TRP A 44 11.32 6.87 0.99
CA TRP A 44 12.49 7.72 0.94
C TRP A 44 12.59 8.43 -0.41
N ASN A 45 13.39 9.49 -0.46
CA ASN A 45 13.56 10.25 -1.69
C ASN A 45 14.85 11.05 -1.67
N ASN A 46 15.53 11.01 -0.52
CA ASN A 46 16.79 11.74 -0.37
C ASN A 46 17.51 11.29 0.90
N SER A 47 18.77 10.89 0.74
CA SER A 47 19.57 10.44 1.87
C SER A 47 19.48 11.44 3.03
N SER A 48 18.75 11.07 4.07
CA SER A 48 18.60 11.94 5.22
C SER A 48 17.82 11.25 6.33
N LEU A 49 16.49 11.38 6.28
CA LEU A 49 15.64 10.75 7.29
C LEU A 49 15.02 9.46 6.74
N ASN A 50 14.02 8.94 7.45
CA ASN A 50 13.36 7.72 7.03
C ASN A 50 11.88 7.76 7.39
N ARG A 51 11.03 7.47 6.41
CA ARG A 51 9.58 7.47 6.63
C ARG A 51 9.06 6.06 6.77
N PHE A 52 8.50 5.75 7.94
CA PHE A 52 7.96 4.42 8.20
C PHE A 52 6.43 4.44 8.09
N GLU A 53 5.90 3.65 7.18
CA GLU A 53 4.45 3.58 7.00
C GLU A 53 3.88 2.33 7.65
N PHE A 54 2.73 2.49 8.32
CA PHE A 54 2.08 1.37 9.00
C PHE A 54 0.57 1.53 8.95
N GLY A 55 -0.10 0.49 8.47
CA GLY A 55 -1.56 0.52 8.38
C GLY A 55 -2.11 -0.82 7.88
N GLY A 56 -3.36 -0.82 7.45
CA GLY A 56 -3.99 -2.04 6.95
C GLY A 56 -4.81 -1.76 5.70
N GLY A 57 -4.93 -2.76 4.84
CA GLY A 57 -5.68 -2.62 3.61
C GLY A 57 -7.04 -3.31 3.71
N LEU A 58 -8.01 -2.81 2.94
CA LEU A 58 -9.35 -3.39 2.95
C LEU A 58 -9.71 -3.94 1.58
N GLN A 59 -10.33 -5.12 1.56
CA GLN A 59 -10.73 -5.75 0.31
C GLN A 59 -12.17 -6.25 0.39
N TYR A 60 -12.76 -6.55 -0.76
CA TYR A 60 -14.15 -7.03 -0.81
C TYR A 60 -14.25 -8.30 -1.65
N LYS A 61 -15.17 -9.18 -1.26
CA LYS A 61 -15.37 -10.43 -1.99
C LYS A 61 -16.41 -10.26 -3.08
N VAL A 62 -15.96 -10.29 -4.33
CA VAL A 62 -16.87 -10.13 -5.46
C VAL A 62 -16.47 -11.06 -6.61
N THR A 63 -15.19 -11.07 -6.94
CA THR A 63 -14.69 -11.91 -8.02
C THR A 63 -13.37 -12.56 -7.61
N PRO A 64 -12.88 -13.51 -8.36
CA PRO A 64 -11.60 -14.21 -8.05
C PRO A 64 -10.51 -13.24 -7.61
N ASP A 65 -10.73 -11.94 -7.80
CA ASP A 65 -9.74 -10.93 -7.41
C ASP A 65 -10.09 -9.57 -8.01
N LEU A 66 -11.17 -8.96 -7.53
CA LEU A 66 -11.58 -7.65 -8.01
C LEU A 66 -12.42 -6.94 -6.97
N GLU A 67 -11.85 -5.94 -6.31
CA GLU A 67 -12.56 -5.20 -5.28
C GLU A 67 -11.84 -3.89 -4.95
N PRO A 68 -12.54 -2.91 -4.44
CA PRO A 68 -11.93 -1.60 -4.08
C PRO A 68 -10.86 -1.77 -2.99
N TYR A 69 -9.91 -0.85 -2.95
CA TYR A 69 -8.84 -0.92 -1.96
C TYR A 69 -8.87 0.30 -1.06
N ALA A 70 -8.78 0.06 0.25
CA ALA A 70 -8.80 1.14 1.23
C ALA A 70 -7.68 0.95 2.25
N TRP A 71 -6.81 1.95 2.36
CA TRP A 71 -5.69 1.88 3.31
C TRP A 71 -5.75 3.05 4.28
N ALA A 72 -5.51 2.76 5.56
CA ALA A 72 -5.53 3.80 6.58
C ALA A 72 -4.45 3.53 7.63
N GLY A 73 -3.71 4.58 7.98
CA GLY A 73 -2.65 4.44 8.97
C GLY A 73 -1.91 5.77 9.17
N ALA A 74 -0.71 5.70 9.72
CA ALA A 74 0.08 6.91 9.95
C ALA A 74 1.55 6.66 9.61
N THR A 75 2.26 7.73 9.30
CA THR A 75 3.68 7.63 8.94
C THR A 75 4.55 8.11 10.10
N TYR A 76 5.44 7.23 10.57
CA TYR A 76 6.32 7.57 11.68
C TYR A 76 7.69 7.98 11.15
N ASN A 77 8.04 9.26 11.33
CA ASN A 77 9.32 9.77 10.87
C ASN A 77 10.40 9.52 11.92
N THR A 78 11.63 9.34 11.46
CA THR A 78 12.75 9.10 12.37
C THR A 78 12.73 10.09 13.52
N ASP A 79 12.15 11.25 13.27
CA ASP A 79 12.06 12.30 14.30
C ASP A 79 10.92 12.01 15.26
N ASN A 80 10.51 10.75 15.33
CA ASN A 80 9.41 10.36 16.21
C ASN A 80 8.18 11.21 15.94
N THR A 81 8.00 11.59 14.68
CA THR A 81 6.85 12.40 14.31
C THR A 81 5.78 11.55 13.63
N LEU A 82 4.53 11.75 14.04
CA LEU A 82 3.42 10.99 13.47
C LEU A 82 2.64 11.85 12.48
N VAL A 83 2.17 11.22 11.41
CA VAL A 83 1.42 11.94 10.39
C VAL A 83 0.26 11.08 9.87
N PRO A 84 -0.87 11.09 10.55
CA PRO A 84 -2.06 10.29 10.13
C PRO A 84 -2.44 10.54 8.68
N ALA A 85 -2.60 9.46 7.92
CA ALA A 85 -2.97 9.58 6.51
C ALA A 85 -3.97 8.51 6.12
N ALA A 86 -4.64 8.70 4.99
CA ALA A 86 -5.62 7.74 4.52
C ALA A 86 -5.96 7.99 3.04
N GLY A 87 -6.12 6.91 2.29
CA GLY A 87 -6.43 7.02 0.87
C GLY A 87 -7.29 5.86 0.40
N ALA A 88 -7.51 5.77 -0.90
CA ALA A 88 -8.31 4.69 -1.47
C ALA A 88 -7.93 4.45 -2.92
N GLY A 89 -8.25 3.26 -3.42
CA GLY A 89 -7.93 2.92 -4.81
C GLY A 89 -8.71 1.69 -5.26
N PHE A 90 -8.23 1.06 -6.33
CA PHE A 90 -8.88 -0.13 -6.87
C PHE A 90 -7.85 -1.24 -7.10
N ARG A 91 -8.26 -2.48 -6.85
CA ARG A 91 -7.37 -3.62 -7.03
C ARG A 91 -7.89 -4.52 -8.15
N TYR A 92 -7.16 -4.54 -9.27
CA TYR A 92 -7.54 -5.35 -10.41
C TYR A 92 -6.37 -6.22 -10.86
N LYS A 93 -6.51 -7.53 -10.67
CA LYS A 93 -5.45 -8.46 -11.05
C LYS A 93 -5.34 -8.56 -12.57
N VAL A 94 -4.30 -7.96 -13.13
CA VAL A 94 -4.08 -8.00 -14.58
C VAL A 94 -3.72 -9.41 -15.03
N SER A 95 -2.52 -9.84 -14.67
CA SER A 95 -2.07 -11.19 -15.03
C SER A 95 -2.13 -12.12 -13.82
N PRO A 96 -2.09 -13.40 -14.04
CA PRO A 96 -2.15 -14.41 -12.94
C PRO A 96 -0.87 -14.45 -12.12
N GLU A 97 0.17 -13.76 -12.60
CA GLU A 97 1.45 -13.73 -11.90
C GLU A 97 1.68 -12.39 -11.22
N VAL A 98 1.08 -11.34 -11.76
CA VAL A 98 1.23 -10.00 -11.19
C VAL A 98 -0.12 -9.30 -11.09
N LYS A 99 -0.24 -8.38 -10.13
CA LYS A 99 -1.48 -7.63 -9.93
C LYS A 99 -1.20 -6.14 -10.00
N LEU A 100 -2.12 -5.40 -10.62
CA LEU A 100 -1.97 -3.95 -10.75
C LEU A 100 -2.88 -3.22 -9.76
N VAL A 101 -2.35 -2.15 -9.17
CA VAL A 101 -3.12 -1.37 -8.21
C VAL A 101 -2.89 0.13 -8.43
N VAL A 102 -3.89 0.94 -8.10
CA VAL A 102 -3.79 2.38 -8.25
C VAL A 102 -4.56 3.07 -7.15
N GLU A 103 -3.83 3.69 -6.24
CA GLU A 103 -4.44 4.39 -5.12
C GLU A 103 -3.79 5.75 -4.91
N TYR A 104 -4.56 6.69 -4.34
CA TYR A 104 -4.06 8.03 -4.07
C TYR A 104 -4.20 8.37 -2.59
N GLY A 105 -3.21 9.05 -2.04
CA GLY A 105 -3.24 9.42 -0.64
C GLY A 105 -3.85 10.81 -0.45
N TRP A 106 -4.57 10.99 0.65
CA TRP A 106 -5.21 12.27 0.93
C TRP A 106 -5.33 12.48 2.44
N ASN A 107 -5.55 13.73 2.84
CA ASN A 107 -5.68 14.05 4.26
C ASN A 107 -6.36 15.40 4.44
N ASN A 108 -6.88 15.65 5.64
CA ASN A 108 -7.56 16.90 5.94
C ASN A 108 -6.73 18.09 5.46
N SER A 109 -7.25 18.82 4.49
CA SER A 109 -6.55 19.98 3.96
C SER A 109 -5.09 19.64 3.68
N SER A 110 -4.86 18.90 2.59
CA SER A 110 -3.50 18.51 2.21
C SER A 110 -3.43 18.16 0.74
N LEU A 111 -2.23 18.18 0.18
CA LEU A 111 -2.04 17.85 -1.23
C LEU A 111 -2.33 16.37 -1.48
N GLN A 112 -2.78 16.07 -2.70
CA GLN A 112 -3.11 14.69 -3.06
C GLN A 112 -2.07 14.15 -4.04
N PHE A 113 -1.76 12.86 -3.92
CA PHE A 113 -0.79 12.22 -4.79
C PHE A 113 -1.32 10.88 -5.29
N LEU A 114 -0.77 10.41 -6.41
CA LEU A 114 -1.18 9.14 -6.98
C LEU A 114 0.03 8.27 -7.30
N GLN A 115 -0.10 6.96 -7.11
CA GLN A 115 1.00 6.04 -7.37
C GLN A 115 0.47 4.66 -7.72
N ALA A 116 1.30 3.89 -8.43
CA ALA A 116 0.93 2.54 -8.82
C ALA A 116 1.89 1.53 -8.20
N GLY A 117 1.37 0.36 -7.85
CA GLY A 117 2.19 -0.69 -7.24
C GLY A 117 1.86 -2.05 -7.81
N LEU A 118 2.82 -2.97 -7.72
CA LEU A 118 2.63 -4.33 -8.22
C LEU A 118 2.76 -5.34 -7.08
N SER A 119 1.76 -6.21 -6.94
CA SER A 119 1.78 -7.21 -5.89
C SER A 119 2.20 -8.58 -6.45
N TYR A 120 2.85 -9.37 -5.61
CA TYR A 120 3.30 -10.70 -6.02
C TYR A 120 3.32 -11.64 -4.82
N ARG A 121 2.41 -12.62 -4.84
CA ARG A 121 2.33 -13.58 -3.75
C ARG A 121 3.37 -14.68 -3.93
N ILE A 122 3.95 -15.13 -2.82
CA ILE A 122 4.96 -16.17 -2.86
C ILE A 122 4.31 -17.55 -2.68
N GLN A 123 4.60 -18.20 -1.55
CA GLN A 123 4.04 -19.51 -1.29
C GLN A 123 3.66 -19.63 0.19
N PRO A 124 2.66 -20.40 0.54
CA PRO A 124 2.22 -20.58 1.95
C PRO A 124 3.23 -21.39 2.76
N MET A 1 -10.07 -21.63 -0.44
CA MET A 1 -9.33 -21.58 0.84
C MET A 1 -8.22 -22.64 0.82
N GLN A 2 -6.99 -22.20 0.55
CA GLN A 2 -5.87 -23.12 0.50
C GLN A 2 -4.64 -22.51 1.20
N ASP A 3 -4.68 -21.19 1.38
CA ASP A 3 -3.57 -20.50 2.04
C ASP A 3 -3.89 -20.26 3.50
N GLY A 4 -2.92 -20.53 4.38
CA GLY A 4 -3.11 -20.34 5.80
C GLY A 4 -2.67 -18.95 6.23
N PRO A 5 -2.89 -18.61 7.47
CA PRO A 5 -2.51 -17.28 8.03
C PRO A 5 -1.00 -17.14 8.23
N GLY A 6 -0.52 -15.90 8.21
CA GLY A 6 0.90 -15.65 8.39
C GLY A 6 1.62 -15.58 7.05
N THR A 7 0.84 -15.48 5.97
CA THR A 7 1.42 -15.41 4.63
C THR A 7 2.27 -14.16 4.48
N LEU A 8 3.17 -14.17 3.50
CA LEU A 8 4.04 -13.03 3.26
C LEU A 8 4.12 -12.73 1.77
N ASP A 9 4.01 -11.45 1.42
CA ASP A 9 4.08 -11.04 0.02
C ASP A 9 4.86 -9.75 -0.13
N VAL A 10 5.37 -9.51 -1.34
CA VAL A 10 6.14 -8.30 -1.61
C VAL A 10 5.45 -7.47 -2.69
N PHE A 11 5.51 -6.15 -2.55
CA PHE A 11 4.88 -5.26 -3.52
C PHE A 11 5.59 -3.92 -3.57
N VAL A 12 5.70 -3.36 -4.77
CA VAL A 12 6.34 -2.06 -4.95
C VAL A 12 5.30 -1.01 -5.30
N ALA A 13 5.60 0.25 -4.99
CA ALA A 13 4.68 1.34 -5.28
C ALA A 13 5.45 2.65 -5.39
N ALA A 14 5.48 3.18 -6.60
CA ALA A 14 6.16 4.44 -6.87
C ALA A 14 5.16 5.50 -7.32
N GLY A 15 5.18 6.66 -6.67
CA GLY A 15 4.26 7.73 -7.02
C GLY A 15 4.96 9.08 -7.01
N TRP A 16 4.19 10.15 -7.19
CA TRP A 16 4.74 11.49 -7.21
C TRP A 16 3.74 12.49 -6.63
N ASN A 17 4.25 13.65 -6.21
CA ASN A 17 3.39 14.68 -5.64
C ASN A 17 3.35 15.91 -6.54
N THR A 18 2.24 16.63 -6.52
CA THR A 18 2.09 17.82 -7.35
C THR A 18 3.28 18.76 -7.14
N ASP A 19 4.06 18.50 -6.11
CA ASP A 19 5.23 19.33 -5.82
C ASP A 19 6.33 19.08 -6.85
N ASN A 20 5.97 18.40 -7.93
CA ASN A 20 6.94 18.09 -8.98
C ASN A 20 8.10 17.27 -8.42
N THR A 21 7.77 16.26 -7.64
CA THR A 21 8.79 15.41 -7.04
C THR A 21 8.38 13.94 -7.14
N ILE A 22 9.37 13.05 -7.19
CA ILE A 22 9.10 11.63 -7.27
C ILE A 22 9.23 10.97 -5.91
N GLU A 23 8.46 9.90 -5.68
CA GLU A 23 8.51 9.20 -4.41
C GLU A 23 8.49 7.69 -4.65
N ILE A 24 9.12 6.96 -3.72
CA ILE A 24 9.18 5.50 -3.83
C ILE A 24 8.74 4.85 -2.52
N THR A 25 7.88 3.83 -2.64
CA THR A 25 7.39 3.13 -1.46
C THR A 25 7.42 1.62 -1.69
N GLY A 26 8.10 0.91 -0.80
CA GLY A 26 8.21 -0.54 -0.92
C GLY A 26 8.08 -1.21 0.44
N GLY A 27 7.46 -2.37 0.47
CA GLY A 27 7.28 -3.11 1.72
C GLY A 27 6.73 -4.51 1.46
N ALA A 28 6.11 -5.09 2.48
CA ALA A 28 5.54 -6.43 2.35
C ALA A 28 4.23 -6.53 3.11
N THR A 29 3.28 -7.27 2.54
CA THR A 29 1.97 -7.44 3.18
C THR A 29 1.88 -8.80 3.85
N TYR A 30 0.99 -8.92 4.84
CA TYR A 30 0.83 -10.18 5.56
C TYR A 30 -0.66 -10.55 5.63
N GLN A 31 -0.96 -11.78 5.24
CA GLN A 31 -2.35 -12.25 5.26
C GLN A 31 -2.63 -13.02 6.56
N LEU A 32 -3.38 -12.40 7.47
CA LEU A 32 -3.71 -13.04 8.73
C LEU A 32 -5.15 -13.56 8.71
N SER A 33 -6.06 -12.73 8.20
CA SER A 33 -7.46 -13.12 8.12
C SER A 33 -8.14 -12.43 6.94
N PRO A 34 -9.28 -12.93 6.53
CA PRO A 34 -10.04 -12.35 5.39
C PRO A 34 -10.64 -10.98 5.72
N TYR A 35 -10.63 -10.65 7.00
CA TYR A 35 -11.18 -9.36 7.45
C TYR A 35 -10.31 -8.21 6.97
N ILE A 36 -9.33 -7.83 7.79
CA ILE A 36 -8.43 -6.73 7.45
C ILE A 36 -7.02 -7.26 7.16
N MET A 37 -6.32 -6.60 6.25
CA MET A 37 -4.97 -7.00 5.91
C MET A 37 -3.94 -6.08 6.55
N VAL A 38 -2.76 -6.62 6.84
CA VAL A 38 -1.70 -5.84 7.46
C VAL A 38 -0.59 -5.53 6.46
N LYS A 39 0.02 -4.36 6.59
CA LYS A 39 1.09 -3.97 5.68
C LYS A 39 2.05 -3.01 6.38
N ALA A 40 3.34 -3.15 6.10
CA ALA A 40 4.34 -2.28 6.70
C ALA A 40 5.54 -2.13 5.76
N GLY A 41 5.93 -0.88 5.51
CA GLY A 41 7.06 -0.62 4.62
C GLY A 41 7.70 0.73 4.96
N TYR A 42 8.39 1.30 3.98
CA TYR A 42 9.06 2.58 4.17
C TYR A 42 8.87 3.47 2.95
N GLY A 43 9.08 4.78 3.15
CA GLY A 43 8.93 5.73 2.05
C GLY A 43 10.10 6.70 2.01
N TRP A 44 10.70 6.86 0.83
CA TRP A 44 11.83 7.76 0.67
C TRP A 44 11.48 8.91 -0.25
N ASN A 45 11.87 10.13 0.13
CA ASN A 45 11.58 11.31 -0.67
C ASN A 45 12.79 12.24 -0.71
N ASN A 46 13.96 11.69 -0.41
CA ASN A 46 15.19 12.47 -0.41
C ASN A 46 15.28 13.32 0.86
N SER A 47 14.24 13.24 1.69
CA SER A 47 14.22 14.00 2.93
C SER A 47 13.50 13.20 4.02
N SER A 48 13.08 13.91 5.09
CA SER A 48 12.39 13.26 6.19
C SER A 48 13.13 12.00 6.63
N LEU A 49 14.45 11.99 6.43
CA LEU A 49 15.26 10.85 6.81
C LEU A 49 14.63 9.54 6.32
N ASN A 50 13.76 8.97 7.15
CA ASN A 50 13.09 7.72 6.78
C ASN A 50 11.67 7.70 7.34
N ARG A 51 10.70 7.57 6.45
CA ARG A 51 9.29 7.53 6.86
C ARG A 51 8.77 6.09 6.85
N PHE A 52 8.34 5.62 8.02
CA PHE A 52 7.81 4.26 8.12
C PHE A 52 6.29 4.30 8.21
N GLU A 53 5.63 3.69 7.22
CA GLU A 53 4.18 3.65 7.19
C GLU A 53 3.65 2.32 7.74
N PHE A 54 2.65 2.41 8.61
CA PHE A 54 2.07 1.20 9.21
C PHE A 54 0.55 1.32 9.27
N GLY A 55 -0.14 0.30 8.78
CA GLY A 55 -1.60 0.29 8.78
C GLY A 55 -2.14 -1.00 8.19
N GLY A 56 -3.33 -0.92 7.59
CA GLY A 56 -3.94 -2.09 6.98
C GLY A 56 -4.74 -1.71 5.74
N GLY A 57 -4.98 -2.69 4.88
CA GLY A 57 -5.74 -2.45 3.65
C GLY A 57 -7.15 -3.01 3.75
N LEU A 58 -7.98 -2.73 2.75
CA LEU A 58 -9.36 -3.21 2.74
C LEU A 58 -9.70 -3.81 1.39
N GLN A 59 -10.27 -5.01 1.41
CA GLN A 59 -10.65 -5.70 0.18
C GLN A 59 -11.88 -6.57 0.41
N TYR A 60 -12.51 -7.00 -0.68
CA TYR A 60 -13.70 -7.83 -0.59
C TYR A 60 -13.53 -9.10 -1.44
N LYS A 61 -14.46 -10.04 -1.27
CA LYS A 61 -14.42 -11.30 -2.02
C LYS A 61 -15.65 -11.44 -2.90
N VAL A 62 -15.45 -11.74 -4.17
CA VAL A 62 -16.56 -11.89 -5.10
C VAL A 62 -16.07 -12.41 -6.45
N THR A 63 -14.84 -12.04 -6.82
CA THR A 63 -14.27 -12.47 -8.08
C THR A 63 -12.87 -13.03 -7.83
N PRO A 64 -12.30 -13.76 -8.77
CA PRO A 64 -10.94 -14.33 -8.61
C PRO A 64 -9.96 -13.33 -8.00
N ASP A 65 -10.38 -12.06 -7.95
CA ASP A 65 -9.56 -10.97 -7.39
C ASP A 65 -9.96 -9.64 -8.02
N LEU A 66 -11.05 -9.07 -7.53
CA LEU A 66 -11.55 -7.80 -8.03
C LEU A 66 -12.39 -7.10 -6.98
N GLU A 67 -11.85 -6.06 -6.37
CA GLU A 67 -12.57 -5.33 -5.34
C GLU A 67 -11.90 -3.98 -5.06
N PRO A 68 -12.63 -3.02 -4.56
CA PRO A 68 -12.06 -1.68 -4.22
C PRO A 68 -10.91 -1.80 -3.22
N TYR A 69 -10.02 -0.82 -3.24
CA TYR A 69 -8.87 -0.83 -2.33
C TYR A 69 -8.90 0.37 -1.40
N ALA A 70 -8.71 0.12 -0.11
CA ALA A 70 -8.72 1.20 0.88
C ALA A 70 -7.66 0.93 1.95
N TRP A 71 -6.83 1.94 2.21
CA TRP A 71 -5.77 1.81 3.21
C TRP A 71 -5.75 3.02 4.13
N ALA A 72 -5.36 2.80 5.38
CA ALA A 72 -5.29 3.88 6.35
C ALA A 72 -4.41 3.48 7.53
N GLY A 73 -3.62 4.42 8.03
CA GLY A 73 -2.74 4.14 9.16
C GLY A 73 -1.99 5.40 9.58
N ALA A 74 -0.89 5.21 10.31
CA ALA A 74 -0.08 6.33 10.77
C ALA A 74 1.38 6.12 10.41
N THR A 75 2.01 7.17 9.85
CA THR A 75 3.40 7.09 9.45
C THR A 75 4.26 7.94 10.38
N TYR A 76 5.14 7.29 11.14
CA TYR A 76 6.01 8.00 12.06
C TYR A 76 7.41 8.14 11.47
N ASN A 77 7.88 9.38 11.36
CA ASN A 77 9.20 9.66 10.81
C ASN A 77 10.27 9.50 11.89
N THR A 78 11.47 9.11 11.46
CA THR A 78 12.58 8.92 12.39
C THR A 78 12.68 10.11 13.34
N ASP A 79 12.00 11.20 13.00
CA ASP A 79 12.03 12.39 13.84
C ASP A 79 11.03 12.26 14.98
N ASN A 80 10.61 11.04 15.25
CA ASN A 80 9.65 10.79 16.32
C ASN A 80 8.40 11.65 16.13
N THR A 81 8.03 11.87 14.87
CA THR A 81 6.86 12.68 14.56
C THR A 81 5.81 11.85 13.82
N LEU A 82 4.58 11.86 14.31
CA LEU A 82 3.50 11.11 13.68
C LEU A 82 2.88 11.92 12.55
N VAL A 83 2.42 11.22 11.52
CA VAL A 83 1.81 11.89 10.36
C VAL A 83 0.70 11.03 9.78
N PRO A 84 -0.50 11.12 10.31
CA PRO A 84 -1.66 10.33 9.81
C PRO A 84 -1.86 10.50 8.31
N ALA A 85 -2.35 9.45 7.65
CA ALA A 85 -2.58 9.51 6.21
C ALA A 85 -3.55 8.42 5.78
N ALA A 86 -4.35 8.73 4.76
CA ALA A 86 -5.33 7.78 4.25
C ALA A 86 -5.58 8.01 2.76
N GLY A 87 -5.84 6.93 2.03
CA GLY A 87 -6.10 7.05 0.59
C GLY A 87 -7.08 5.98 0.13
N ALA A 88 -7.50 6.08 -1.13
CA ALA A 88 -8.43 5.12 -1.69
C ALA A 88 -8.03 4.75 -3.12
N GLY A 89 -8.35 3.53 -3.52
CA GLY A 89 -8.01 3.08 -4.87
C GLY A 89 -8.81 1.83 -5.24
N PHE A 90 -8.28 1.08 -6.21
CA PHE A 90 -8.94 -0.14 -6.66
C PHE A 90 -7.93 -1.24 -6.93
N ARG A 91 -8.38 -2.49 -6.88
CA ARG A 91 -7.50 -3.63 -7.11
C ARG A 91 -8.03 -4.46 -8.28
N TYR A 92 -7.30 -4.42 -9.40
CA TYR A 92 -7.70 -5.17 -10.59
C TYR A 92 -6.77 -6.37 -10.79
N LYS A 93 -7.33 -7.46 -11.30
CA LYS A 93 -6.56 -8.67 -11.54
C LYS A 93 -6.04 -8.71 -12.97
N VAL A 94 -4.74 -8.47 -13.14
CA VAL A 94 -4.14 -8.48 -14.47
C VAL A 94 -3.70 -9.90 -14.83
N SER A 95 -3.15 -10.61 -13.85
CA SER A 95 -2.69 -11.98 -14.09
C SER A 95 -2.63 -12.75 -12.77
N PRO A 96 -2.58 -14.05 -12.84
CA PRO A 96 -2.51 -14.91 -11.62
C PRO A 96 -1.14 -14.85 -10.95
N GLU A 97 -0.19 -14.22 -11.61
CA GLU A 97 1.17 -14.09 -11.06
C GLU A 97 1.44 -12.66 -10.63
N VAL A 98 0.77 -11.70 -11.26
CA VAL A 98 0.96 -10.30 -10.93
C VAL A 98 -0.38 -9.58 -10.79
N LYS A 99 -0.39 -8.52 -9.98
CA LYS A 99 -1.61 -7.75 -9.76
C LYS A 99 -1.33 -6.26 -9.88
N LEU A 100 -2.32 -5.51 -10.38
CA LEU A 100 -2.17 -4.07 -10.54
C LEU A 100 -2.93 -3.32 -9.46
N VAL A 101 -2.37 -2.19 -9.02
CA VAL A 101 -3.00 -1.39 -7.99
C VAL A 101 -2.88 0.09 -8.32
N VAL A 102 -3.90 0.86 -7.96
CA VAL A 102 -3.89 2.30 -8.22
C VAL A 102 -4.63 3.01 -7.10
N GLU A 103 -3.88 3.74 -6.29
CA GLU A 103 -4.47 4.48 -5.18
C GLU A 103 -3.81 5.84 -5.01
N TYR A 104 -4.56 6.79 -4.47
CA TYR A 104 -4.05 8.14 -4.26
C TYR A 104 -4.17 8.53 -2.78
N GLY A 105 -3.11 9.11 -2.24
CA GLY A 105 -3.11 9.53 -0.85
C GLY A 105 -3.89 10.82 -0.66
N TRP A 106 -4.70 10.87 0.40
CA TRP A 106 -5.49 12.06 0.67
C TRP A 106 -5.54 12.34 2.17
N ASN A 107 -5.76 13.60 2.53
CA ASN A 107 -5.83 13.99 3.94
C ASN A 107 -6.95 14.99 4.17
N ASN A 108 -7.26 15.25 5.43
CA ASN A 108 -8.31 16.20 5.77
C ASN A 108 -8.24 17.43 4.87
N SER A 109 -7.04 17.97 4.71
CA SER A 109 -6.84 19.15 3.87
C SER A 109 -5.36 19.37 3.60
N SER A 110 -4.86 18.73 2.54
CA SER A 110 -3.45 18.87 2.18
C SER A 110 -3.21 18.33 0.77
N LEU A 111 -2.02 18.61 0.24
CA LEU A 111 -1.67 18.13 -1.10
C LEU A 111 -1.81 16.62 -1.18
N GLN A 112 -2.30 16.14 -2.32
CA GLN A 112 -2.48 14.70 -2.52
C GLN A 112 -1.47 14.18 -3.53
N PHE A 113 -1.32 12.86 -3.58
CA PHE A 113 -0.37 12.24 -4.50
C PHE A 113 -0.95 10.96 -5.09
N LEU A 114 -0.44 10.57 -6.25
CA LEU A 114 -0.91 9.35 -6.91
C LEU A 114 0.14 8.25 -6.82
N GLN A 115 -0.31 7.03 -6.53
CA GLN A 115 0.60 5.90 -6.40
C GLN A 115 0.16 4.75 -7.30
N ALA A 116 1.12 4.15 -8.00
CA ALA A 116 0.82 3.02 -8.88
C ALA A 116 1.91 1.96 -8.78
N GLY A 117 1.50 0.71 -8.62
CA GLY A 117 2.46 -0.39 -8.50
C GLY A 117 1.77 -1.74 -8.66
N LEU A 118 2.46 -2.79 -8.22
CA LEU A 118 1.91 -4.14 -8.32
C LEU A 118 2.37 -4.99 -7.15
N SER A 119 1.76 -6.17 -7.01
CA SER A 119 2.10 -7.08 -5.92
C SER A 119 2.34 -8.48 -6.45
N TYR A 120 3.08 -9.28 -5.69
CA TYR A 120 3.37 -10.65 -6.10
C TYR A 120 3.35 -11.59 -4.89
N ARG A 121 2.64 -12.69 -5.01
CA ARG A 121 2.54 -13.66 -3.92
C ARG A 121 3.68 -14.69 -4.01
N ILE A 122 4.23 -15.06 -2.86
CA ILE A 122 5.32 -16.02 -2.83
C ILE A 122 4.77 -17.44 -2.82
N GLN A 123 4.41 -17.92 -1.64
CA GLN A 123 3.87 -19.27 -1.52
C GLN A 123 2.87 -19.34 -0.35
N PRO A 124 1.86 -20.18 -0.44
CA PRO A 124 0.85 -20.30 0.65
C PRO A 124 1.47 -20.20 2.04
N MET A 1 -7.31 -19.98 -0.18
CA MET A 1 -7.73 -21.41 -0.21
C MET A 1 -6.50 -22.29 -0.35
N GLN A 2 -5.52 -21.82 -1.10
CA GLN A 2 -4.28 -22.58 -1.30
C GLN A 2 -3.20 -22.10 -0.36
N ASP A 3 -3.57 -21.23 0.56
CA ASP A 3 -2.61 -20.69 1.53
C ASP A 3 -3.28 -20.45 2.88
N GLY A 4 -2.48 -20.37 3.93
CA GLY A 4 -3.01 -20.14 5.27
C GLY A 4 -2.77 -18.70 5.71
N PRO A 5 -3.25 -18.36 6.87
CA PRO A 5 -3.09 -16.98 7.43
C PRO A 5 -1.65 -16.69 7.87
N GLY A 6 -1.21 -15.46 7.65
CA GLY A 6 0.15 -15.08 8.04
C GLY A 6 1.11 -15.22 6.87
N THR A 7 0.55 -15.40 5.67
CA THR A 7 1.36 -15.55 4.47
C THR A 7 2.31 -14.36 4.31
N LEU A 8 3.34 -14.55 3.48
CA LEU A 8 4.31 -13.49 3.24
C LEU A 8 4.32 -13.11 1.76
N ASP A 9 4.21 -11.81 1.49
CA ASP A 9 4.20 -11.33 0.11
C ASP A 9 4.99 -10.02 0.00
N VAL A 10 5.40 -9.69 -1.22
CA VAL A 10 6.15 -8.46 -1.46
C VAL A 10 5.48 -7.63 -2.55
N PHE A 11 5.44 -6.32 -2.35
CA PHE A 11 4.82 -5.43 -3.32
C PHE A 11 5.51 -4.07 -3.34
N VAL A 12 5.64 -3.50 -4.53
CA VAL A 12 6.27 -2.20 -4.68
C VAL A 12 5.23 -1.15 -5.06
N ALA A 13 5.51 0.11 -4.73
CA ALA A 13 4.60 1.19 -5.04
C ALA A 13 5.35 2.50 -5.13
N ALA A 14 5.41 3.05 -6.34
CA ALA A 14 6.08 4.31 -6.57
C ALA A 14 5.08 5.38 -7.01
N GLY A 15 5.11 6.53 -6.34
CA GLY A 15 4.19 7.61 -6.68
C GLY A 15 4.90 8.96 -6.66
N TRP A 16 4.10 10.03 -6.63
CA TRP A 16 4.66 11.37 -6.62
C TRP A 16 3.68 12.34 -5.95
N ASN A 17 4.24 13.41 -5.36
CA ASN A 17 3.42 14.40 -4.68
C ASN A 17 3.36 15.70 -5.49
N THR A 18 2.25 16.41 -5.39
CA THR A 18 2.08 17.66 -6.11
C THR A 18 3.31 18.55 -5.93
N ASP A 19 4.13 18.21 -4.95
CA ASP A 19 5.34 18.98 -4.67
C ASP A 19 6.36 18.79 -5.78
N ASN A 20 5.93 18.20 -6.88
CA ASN A 20 6.82 17.96 -8.02
C ASN A 20 8.01 17.09 -7.59
N THR A 21 7.72 16.04 -6.83
CA THR A 21 8.77 15.14 -6.36
C THR A 21 8.30 13.69 -6.45
N ILE A 22 9.26 12.77 -6.48
CA ILE A 22 8.94 11.35 -6.57
C ILE A 22 8.95 10.72 -5.18
N GLU A 23 8.16 9.66 -5.00
CA GLU A 23 8.09 8.97 -3.72
C GLU A 23 8.09 7.46 -3.92
N ILE A 24 9.19 6.82 -3.54
CA ILE A 24 9.30 5.37 -3.68
C ILE A 24 8.98 4.68 -2.37
N THR A 25 8.16 3.64 -2.43
CA THR A 25 7.78 2.89 -1.24
C THR A 25 7.64 1.40 -1.55
N GLY A 26 8.09 0.57 -0.62
CA GLY A 26 8.01 -0.88 -0.81
C GLY A 26 8.21 -1.62 0.50
N GLY A 27 7.67 -2.82 0.59
CA GLY A 27 7.80 -3.62 1.81
C GLY A 27 7.13 -4.99 1.63
N ALA A 28 6.62 -5.53 2.74
CA ALA A 28 5.95 -6.84 2.70
C ALA A 28 4.52 -6.71 3.20
N THR A 29 3.74 -7.77 2.99
CA THR A 29 2.34 -7.77 3.43
C THR A 29 1.99 -9.11 4.04
N TYR A 30 1.24 -9.07 5.15
CA TYR A 30 0.82 -10.29 5.83
C TYR A 30 -0.65 -10.59 5.55
N GLN A 31 -0.90 -11.73 4.90
CA GLN A 31 -2.26 -12.12 4.57
C GLN A 31 -2.86 -12.96 5.70
N LEU A 32 -3.75 -12.35 6.47
CA LEU A 32 -4.39 -13.05 7.59
C LEU A 32 -5.78 -13.53 7.18
N SER A 33 -6.57 -12.63 6.61
CA SER A 33 -7.92 -12.98 6.19
C SER A 33 -8.39 -12.03 5.07
N PRO A 34 -9.42 -12.41 4.36
CA PRO A 34 -9.97 -11.57 3.25
C PRO A 34 -10.65 -10.31 3.77
N TYR A 35 -10.79 -10.23 5.09
CA TYR A 35 -11.44 -9.07 5.71
C TYR A 35 -10.49 -7.88 5.72
N ILE A 36 -9.36 -8.04 6.41
CA ILE A 36 -8.38 -6.97 6.51
C ILE A 36 -6.96 -7.54 6.41
N MET A 37 -6.06 -6.76 5.83
CA MET A 37 -4.67 -7.18 5.68
C MET A 37 -3.73 -6.13 6.26
N VAL A 38 -2.52 -6.57 6.64
CA VAL A 38 -1.53 -5.66 7.21
C VAL A 38 -0.41 -5.41 6.20
N LYS A 39 0.06 -4.16 6.16
CA LYS A 39 1.14 -3.80 5.25
C LYS A 39 2.12 -2.85 5.94
N ALA A 40 3.41 -3.19 5.85
CA ALA A 40 4.44 -2.36 6.47
C ALA A 40 5.69 -2.32 5.59
N GLY A 41 6.21 -1.12 5.36
CA GLY A 41 7.40 -0.96 4.54
C GLY A 41 8.14 0.32 4.90
N TYR A 42 8.85 0.89 3.93
CA TYR A 42 9.61 2.12 4.14
C TYR A 42 9.40 3.08 2.98
N GLY A 43 9.75 4.35 3.20
CA GLY A 43 9.60 5.37 2.17
C GLY A 43 10.84 6.26 2.11
N TRP A 44 11.17 6.71 0.91
CA TRP A 44 12.34 7.56 0.72
C TRP A 44 12.12 8.52 -0.45
N ASN A 45 12.90 9.59 -0.49
CA ASN A 45 12.78 10.57 -1.57
C ASN A 45 14.16 11.08 -1.98
N ASN A 46 14.56 12.21 -1.43
CA ASN A 46 15.87 12.79 -1.75
C ASN A 46 16.29 13.80 -0.68
N SER A 47 16.90 13.29 0.38
CA SER A 47 17.34 14.16 1.47
C SER A 47 18.26 13.40 2.42
N SER A 48 17.67 12.82 3.47
CA SER A 48 18.44 12.07 4.44
C SER A 48 17.53 11.54 5.55
N LEU A 49 16.24 11.84 5.45
CA LEU A 49 15.27 11.39 6.44
C LEU A 49 14.72 10.02 6.07
N ASN A 50 13.82 9.50 6.90
CA ASN A 50 13.21 8.19 6.65
C ASN A 50 11.72 8.23 6.95
N ARG A 51 10.96 7.38 6.27
CA ARG A 51 9.51 7.33 6.48
C ARG A 51 9.05 5.88 6.62
N PHE A 52 8.46 5.57 7.77
CA PHE A 52 7.97 4.22 8.03
C PHE A 52 6.47 4.14 7.84
N GLU A 53 6.03 3.30 6.91
CA GLU A 53 4.60 3.14 6.64
C GLU A 53 4.02 2.01 7.47
N PHE A 54 2.89 2.28 8.13
CA PHE A 54 2.24 1.27 8.95
C PHE A 54 0.72 1.44 8.91
N GLY A 55 0.03 0.40 8.45
CA GLY A 55 -1.43 0.45 8.37
C GLY A 55 -1.98 -0.80 7.71
N GLY A 56 -3.20 -0.71 7.21
CA GLY A 56 -3.83 -1.85 6.54
C GLY A 56 -4.92 -1.39 5.59
N GLY A 57 -5.48 -2.33 4.82
CA GLY A 57 -6.53 -2.00 3.87
C GLY A 57 -7.61 -3.07 3.87
N LEU A 58 -8.52 -2.98 2.90
CA LEU A 58 -9.61 -3.95 2.80
C LEU A 58 -9.95 -4.24 1.34
N GLN A 59 -10.48 -5.45 1.10
CA GLN A 59 -10.86 -5.86 -0.25
C GLN A 59 -12.24 -6.51 -0.23
N TYR A 60 -12.84 -6.66 -1.41
CA TYR A 60 -14.18 -7.26 -1.51
C TYR A 60 -14.15 -8.46 -2.45
N LYS A 61 -15.08 -9.38 -2.24
CA LYS A 61 -15.16 -10.58 -3.08
C LYS A 61 -16.31 -10.46 -4.08
N VAL A 62 -15.97 -10.17 -5.33
CA VAL A 62 -16.98 -10.04 -6.37
C VAL A 62 -16.55 -10.77 -7.64
N THR A 63 -15.26 -10.73 -7.92
CA THR A 63 -14.72 -11.38 -9.11
C THR A 63 -13.37 -12.03 -8.77
N PRO A 64 -12.87 -12.93 -9.58
CA PRO A 64 -11.57 -13.60 -9.32
C PRO A 64 -10.48 -12.63 -8.86
N ASP A 65 -10.76 -11.33 -8.96
CA ASP A 65 -9.80 -10.32 -8.55
C ASP A 65 -10.23 -8.93 -9.02
N LEU A 66 -11.30 -8.42 -8.45
CA LEU A 66 -11.80 -7.10 -8.82
C LEU A 66 -12.63 -6.53 -7.67
N GLU A 67 -12.06 -5.55 -6.96
CA GLU A 67 -12.76 -4.96 -5.84
C GLU A 67 -12.08 -3.65 -5.41
N PRO A 68 -12.81 -2.72 -4.87
CA PRO A 68 -12.22 -1.42 -4.41
C PRO A 68 -11.23 -1.67 -3.27
N TYR A 69 -10.19 -0.84 -3.21
CA TYR A 69 -9.17 -0.99 -2.17
C TYR A 69 -9.12 0.24 -1.27
N ALA A 70 -9.12 0.01 0.03
CA ALA A 70 -9.07 1.11 1.00
C ALA A 70 -7.76 1.05 1.78
N TRP A 71 -7.25 2.21 2.17
CA TRP A 71 -6.01 2.26 2.93
C TRP A 71 -6.07 3.34 4.00
N ALA A 72 -5.61 3.00 5.20
CA ALA A 72 -5.62 3.94 6.31
C ALA A 72 -4.50 3.63 7.29
N GLY A 73 -3.72 4.65 7.64
CA GLY A 73 -2.60 4.48 8.56
C GLY A 73 -1.87 5.79 8.78
N ALA A 74 -0.63 5.70 9.27
CA ALA A 74 0.17 6.88 9.52
C ALA A 74 1.63 6.64 9.14
N THR A 75 2.42 7.70 9.18
CA THR A 75 3.84 7.60 8.84
C THR A 75 4.70 8.32 9.88
N TYR A 76 5.59 7.57 10.52
CA TYR A 76 6.46 8.14 11.53
C TYR A 76 7.82 8.51 10.93
N ASN A 77 8.11 9.81 10.91
CA ASN A 77 9.37 10.28 10.36
C ASN A 77 10.44 10.33 11.44
N THR A 78 11.70 10.12 11.04
CA THR A 78 12.80 10.15 11.99
C THR A 78 12.71 11.37 12.90
N ASP A 79 11.92 12.36 12.49
CA ASP A 79 11.76 13.57 13.27
C ASP A 79 10.80 13.31 14.44
N ASN A 80 10.64 12.04 14.79
CA ASN A 80 9.75 11.67 15.89
C ASN A 80 8.38 12.31 15.70
N THR A 81 8.00 12.53 14.45
CA THR A 81 6.72 13.14 14.13
C THR A 81 5.77 12.12 13.51
N LEU A 82 4.47 12.29 13.78
CA LEU A 82 3.47 11.39 13.25
C LEU A 82 2.72 12.04 12.10
N VAL A 83 2.28 11.23 11.15
CA VAL A 83 1.54 11.75 9.98
C VAL A 83 0.35 10.83 9.67
N PRO A 84 -0.77 11.03 10.31
CA PRO A 84 -1.99 10.21 10.07
C PRO A 84 -2.79 10.69 8.87
N ALA A 85 -3.26 9.76 8.06
CA ALA A 85 -4.03 10.10 6.87
C ALA A 85 -4.79 8.88 6.35
N ALA A 86 -5.58 9.08 5.31
CA ALA A 86 -6.35 7.99 4.73
C ALA A 86 -6.63 8.26 3.25
N GLY A 87 -6.96 7.21 2.51
CA GLY A 87 -7.25 7.34 1.08
C GLY A 87 -7.98 6.12 0.55
N ALA A 88 -8.05 6.00 -0.77
CA ALA A 88 -8.73 4.87 -1.39
C ALA A 88 -8.07 4.51 -2.72
N GLY A 89 -8.46 3.38 -3.28
CA GLY A 89 -7.89 2.94 -4.56
C GLY A 89 -8.75 1.85 -5.18
N PHE A 90 -8.18 1.12 -6.14
CA PHE A 90 -8.90 0.06 -6.81
C PHE A 90 -7.95 -1.08 -7.19
N ARG A 91 -8.42 -2.31 -7.01
CA ARG A 91 -7.61 -3.48 -7.35
C ARG A 91 -8.11 -4.12 -8.64
N TYR A 92 -7.32 -4.00 -9.69
CA TYR A 92 -7.67 -4.58 -10.99
C TYR A 92 -6.72 -5.70 -11.36
N LYS A 93 -7.22 -6.66 -12.14
CA LYS A 93 -6.40 -7.79 -12.57
C LYS A 93 -5.76 -7.49 -13.92
N VAL A 94 -4.47 -7.80 -14.02
CA VAL A 94 -3.73 -7.58 -15.27
C VAL A 94 -2.91 -8.81 -15.63
N SER A 95 -2.02 -9.20 -14.73
CA SER A 95 -1.17 -10.37 -14.97
C SER A 95 -1.68 -11.57 -14.18
N PRO A 96 -1.26 -12.75 -14.55
CA PRO A 96 -1.68 -14.01 -13.86
C PRO A 96 -1.07 -14.16 -12.47
N GLU A 97 0.25 -13.97 -12.38
CA GLU A 97 0.95 -14.10 -11.11
C GLU A 97 1.20 -12.73 -10.48
N VAL A 98 0.79 -11.67 -11.18
CA VAL A 98 0.98 -10.31 -10.67
C VAL A 98 -0.30 -9.49 -10.83
N LYS A 99 -0.57 -8.65 -9.83
CA LYS A 99 -1.76 -7.81 -9.86
C LYS A 99 -1.37 -6.34 -9.83
N LEU A 100 -2.24 -5.48 -10.39
CA LEU A 100 -1.96 -4.05 -10.43
C LEU A 100 -2.85 -3.31 -9.42
N VAL A 101 -2.33 -2.23 -8.86
CA VAL A 101 -3.08 -1.44 -7.88
C VAL A 101 -2.86 0.05 -8.11
N VAL A 102 -3.89 0.85 -7.78
CA VAL A 102 -3.80 2.28 -7.94
C VAL A 102 -4.60 2.95 -6.84
N GLU A 103 -3.89 3.59 -5.93
CA GLU A 103 -4.53 4.29 -4.80
C GLU A 103 -3.94 5.67 -4.61
N TYR A 104 -4.73 6.57 -4.05
CA TYR A 104 -4.29 7.94 -3.80
C TYR A 104 -4.53 8.32 -2.33
N GLY A 105 -3.52 8.94 -1.71
CA GLY A 105 -3.63 9.34 -0.33
C GLY A 105 -3.96 10.82 -0.21
N TRP A 106 -4.60 11.20 0.88
CA TRP A 106 -4.97 12.60 1.10
C TRP A 106 -5.24 12.86 2.58
N ASN A 107 -5.24 14.13 2.97
CA ASN A 107 -5.47 14.50 4.36
C ASN A 107 -6.38 15.72 4.44
N ASN A 108 -6.92 15.98 5.62
CA ASN A 108 -7.80 17.12 5.82
C ASN A 108 -7.24 18.35 5.13
N SER A 109 -7.85 18.75 4.02
CA SER A 109 -7.40 19.92 3.28
C SER A 109 -5.88 19.94 3.19
N SER A 110 -5.34 19.28 2.18
CA SER A 110 -3.90 19.22 1.99
C SER A 110 -3.55 18.60 0.64
N LEU A 111 -2.35 18.89 0.15
CA LEU A 111 -1.91 18.34 -1.13
C LEU A 111 -2.20 16.85 -1.20
N GLN A 112 -2.50 16.36 -2.41
CA GLN A 112 -2.79 14.95 -2.60
C GLN A 112 -1.64 14.26 -3.35
N PHE A 113 -1.68 12.94 -3.39
CA PHE A 113 -0.64 12.17 -4.07
C PHE A 113 -1.22 10.90 -4.68
N LEU A 114 -0.50 10.33 -5.63
CA LEU A 114 -0.95 9.11 -6.29
C LEU A 114 0.21 8.12 -6.44
N GLN A 115 -0.07 6.84 -6.29
CA GLN A 115 0.96 5.82 -6.42
C GLN A 115 0.45 4.61 -7.20
N ALA A 116 1.31 4.06 -8.05
CA ALA A 116 0.94 2.89 -8.85
C ALA A 116 2.02 1.82 -8.71
N GLY A 117 1.58 0.58 -8.51
CA GLY A 117 2.52 -0.52 -8.35
C GLY A 117 1.83 -1.87 -8.55
N LEU A 118 2.48 -2.93 -8.09
CA LEU A 118 1.93 -4.27 -8.22
C LEU A 118 2.27 -5.12 -7.00
N SER A 119 1.63 -6.28 -6.89
CA SER A 119 1.86 -7.18 -5.76
C SER A 119 2.29 -8.56 -6.27
N TYR A 120 3.13 -9.23 -5.49
CA TYR A 120 3.61 -10.55 -5.86
C TYR A 120 3.62 -11.48 -4.65
N ARG A 121 3.41 -12.77 -4.89
CA ARG A 121 3.39 -13.74 -3.81
C ARG A 121 4.75 -14.44 -3.70
N ILE A 122 5.21 -14.61 -2.47
CA ILE A 122 6.50 -15.27 -2.23
C ILE A 122 6.34 -16.78 -2.26
N GLN A 123 5.50 -17.30 -1.37
CA GLN A 123 5.26 -18.74 -1.29
C GLN A 123 3.84 -19.06 -1.78
N PRO A 124 3.61 -20.28 -2.22
CA PRO A 124 2.26 -20.70 -2.71
C PRO A 124 1.25 -20.80 -1.59
N MET A 1 -9.33 -23.17 1.32
CA MET A 1 -8.25 -24.02 1.90
C MET A 1 -6.91 -23.56 1.35
N GLN A 2 -6.92 -23.00 0.15
CA GLN A 2 -5.69 -22.53 -0.48
C GLN A 2 -5.24 -21.21 0.16
N ASP A 3 -3.92 -21.00 0.17
CA ASP A 3 -3.36 -19.78 0.75
C ASP A 3 -4.07 -19.44 2.06
N GLY A 4 -3.55 -19.96 3.16
CA GLY A 4 -4.13 -19.70 4.47
C GLY A 4 -3.33 -18.66 5.23
N PRO A 5 -3.72 -18.38 6.45
CA PRO A 5 -3.03 -17.38 7.30
C PRO A 5 -1.51 -17.59 7.33
N GLY A 6 -0.77 -16.50 7.51
CA GLY A 6 0.69 -16.57 7.57
C GLY A 6 1.29 -16.38 6.18
N THR A 7 0.47 -15.90 5.25
CA THR A 7 0.93 -15.67 3.88
C THR A 7 1.86 -14.46 3.83
N LEU A 8 2.70 -14.41 2.79
CA LEU A 8 3.63 -13.29 2.64
C LEU A 8 3.79 -12.95 1.17
N ASP A 9 3.56 -11.68 0.83
CA ASP A 9 3.70 -11.23 -0.55
C ASP A 9 4.44 -9.90 -0.62
N VAL A 10 5.19 -9.69 -1.70
CA VAL A 10 5.95 -8.47 -1.88
C VAL A 10 5.28 -7.58 -2.91
N PHE A 11 5.29 -6.27 -2.68
CA PHE A 11 4.68 -5.34 -3.61
C PHE A 11 5.37 -3.98 -3.56
N VAL A 12 5.51 -3.35 -4.72
CA VAL A 12 6.13 -2.03 -4.80
C VAL A 12 5.08 -0.97 -5.12
N ALA A 13 5.35 0.26 -4.71
CA ALA A 13 4.43 1.35 -4.96
C ALA A 13 5.17 2.68 -4.96
N ALA A 14 5.23 3.30 -6.12
CA ALA A 14 5.90 4.58 -6.26
C ALA A 14 4.89 5.72 -6.29
N GLY A 15 5.07 6.70 -5.41
CA GLY A 15 4.16 7.84 -5.34
C GLY A 15 4.70 9.03 -6.11
N TRP A 16 3.84 10.00 -6.37
CA TRP A 16 4.24 11.19 -7.11
C TRP A 16 3.44 12.40 -6.63
N ASN A 17 4.14 13.43 -6.19
CA ASN A 17 3.49 14.65 -5.70
C ASN A 17 3.36 15.67 -6.82
N THR A 18 2.25 16.42 -6.80
CA THR A 18 2.01 17.43 -7.82
C THR A 18 3.20 18.38 -7.93
N ASP A 19 4.07 18.35 -6.92
CA ASP A 19 5.25 19.22 -6.91
C ASP A 19 6.31 18.68 -7.86
N ASN A 20 5.94 17.68 -8.65
CA ASN A 20 6.88 17.09 -9.60
C ASN A 20 7.96 16.31 -8.87
N THR A 21 7.61 15.76 -7.70
CA THR A 21 8.57 14.99 -6.91
C THR A 21 8.23 13.51 -6.96
N ILE A 22 9.27 12.68 -6.98
CA ILE A 22 9.07 11.23 -7.03
C ILE A 22 9.29 10.62 -5.65
N GLU A 23 8.52 9.58 -5.34
CA GLU A 23 8.63 8.91 -4.04
C GLU A 23 8.57 7.40 -4.22
N ILE A 24 9.58 6.71 -3.72
CA ILE A 24 9.64 5.26 -3.83
C ILE A 24 9.16 4.61 -2.53
N THR A 25 8.25 3.66 -2.64
CA THR A 25 7.73 2.97 -1.46
C THR A 25 7.54 1.49 -1.74
N GLY A 26 8.05 0.65 -0.84
CA GLY A 26 7.93 -0.79 -1.01
C GLY A 26 7.93 -1.50 0.34
N GLY A 27 7.52 -2.77 0.34
CA GLY A 27 7.47 -3.53 1.58
C GLY A 27 6.78 -4.88 1.36
N ALA A 28 6.13 -5.38 2.40
CA ALA A 28 5.42 -6.66 2.30
C ALA A 28 4.07 -6.59 3.00
N THR A 29 3.26 -7.62 2.81
CA THR A 29 1.95 -7.67 3.44
C THR A 29 1.68 -9.04 4.04
N TYR A 30 1.08 -9.06 5.23
CA TYR A 30 0.77 -10.32 5.90
C TYR A 30 -0.71 -10.63 5.81
N GLN A 31 -1.04 -11.76 5.21
CA GLN A 31 -2.44 -12.17 5.06
C GLN A 31 -2.83 -13.14 6.16
N LEU A 32 -3.60 -12.66 7.13
CA LEU A 32 -4.03 -13.51 8.24
C LEU A 32 -5.48 -13.94 8.03
N SER A 33 -6.37 -12.96 7.88
CA SER A 33 -7.79 -13.25 7.69
C SER A 33 -8.40 -12.25 6.71
N PRO A 34 -9.54 -12.57 6.16
CA PRO A 34 -10.24 -11.68 5.18
C PRO A 34 -10.81 -10.42 5.85
N TYR A 35 -10.73 -10.38 7.17
CA TYR A 35 -11.24 -9.24 7.92
C TYR A 35 -10.38 -8.00 7.66
N ILE A 36 -9.16 -8.01 8.19
CA ILE A 36 -8.25 -6.89 8.02
C ILE A 36 -6.86 -7.38 7.63
N MET A 37 -6.23 -6.67 6.69
CA MET A 37 -4.90 -7.05 6.24
C MET A 37 -3.84 -6.15 6.86
N VAL A 38 -2.63 -6.68 7.00
CA VAL A 38 -1.53 -5.91 7.59
C VAL A 38 -0.52 -5.51 6.51
N LYS A 39 -0.06 -4.26 6.58
CA LYS A 39 0.91 -3.77 5.61
C LYS A 39 1.94 -2.87 6.28
N ALA A 40 3.22 -3.12 5.97
CA ALA A 40 4.29 -2.32 6.56
C ALA A 40 5.44 -2.17 5.56
N GLY A 41 5.86 -0.92 5.34
CA GLY A 41 6.96 -0.65 4.41
C GLY A 41 7.66 0.65 4.76
N TYR A 42 8.52 1.10 3.86
CA TYR A 42 9.26 2.34 4.08
C TYR A 42 9.25 3.20 2.81
N GLY A 43 9.59 4.48 2.96
CA GLY A 43 9.61 5.39 1.83
C GLY A 43 10.86 6.27 1.86
N TRP A 44 11.38 6.59 0.68
CA TRP A 44 12.57 7.42 0.58
C TRP A 44 12.41 8.45 -0.53
N ASN A 45 12.85 9.68 -0.26
CA ASN A 45 12.75 10.76 -1.24
C ASN A 45 14.10 10.99 -1.91
N ASN A 46 14.67 12.16 -1.71
CA ASN A 46 15.96 12.51 -2.30
C ASN A 46 17.07 12.39 -1.26
N SER A 47 17.43 13.52 -0.65
CA SER A 47 18.47 13.53 0.36
C SER A 47 17.90 13.23 1.73
N SER A 48 18.49 12.25 2.41
CA SER A 48 18.03 11.85 3.74
C SER A 48 16.51 11.83 3.79
N LEU A 49 15.96 12.07 4.97
CA LEU A 49 14.50 12.08 5.15
C LEU A 49 13.94 10.69 4.90
N ASN A 50 13.40 10.08 5.95
CA ASN A 50 12.83 8.75 5.84
C ASN A 50 11.49 8.68 6.56
N ARG A 51 10.59 7.81 6.07
CA ARG A 51 9.29 7.66 6.69
C ARG A 51 8.87 6.19 6.71
N PHE A 52 8.00 5.85 7.67
CA PHE A 52 7.53 4.47 7.79
C PHE A 52 6.00 4.44 7.86
N GLU A 53 5.39 3.68 6.96
CA GLU A 53 3.93 3.58 6.93
C GLU A 53 3.47 2.29 7.60
N PHE A 54 2.54 2.42 8.53
CA PHE A 54 2.02 1.25 9.24
C PHE A 54 0.49 1.34 9.36
N GLY A 55 -0.19 0.31 8.87
CA GLY A 55 -1.65 0.29 8.93
C GLY A 55 -2.20 -1.01 8.34
N GLY A 56 -3.34 -0.92 7.68
CA GLY A 56 -3.96 -2.11 7.07
C GLY A 56 -4.69 -1.74 5.79
N GLY A 57 -5.27 -2.75 5.15
CA GLY A 57 -6.00 -2.53 3.91
C GLY A 57 -7.35 -3.24 3.93
N LEU A 58 -8.25 -2.84 3.04
CA LEU A 58 -9.58 -3.44 2.96
C LEU A 58 -9.89 -3.89 1.54
N GLN A 59 -10.44 -5.09 1.42
CA GLN A 59 -10.80 -5.64 0.11
C GLN A 59 -12.08 -6.46 0.19
N TYR A 60 -12.67 -6.75 -0.96
CA TYR A 60 -13.90 -7.52 -1.02
C TYR A 60 -13.73 -8.74 -1.91
N LYS A 61 -14.55 -9.77 -1.69
CA LYS A 61 -14.49 -10.99 -2.48
C LYS A 61 -15.71 -11.10 -3.39
N VAL A 62 -15.53 -10.75 -4.66
CA VAL A 62 -16.63 -10.81 -5.62
C VAL A 62 -16.16 -11.46 -6.93
N THR A 63 -14.89 -11.26 -7.26
CA THR A 63 -14.33 -11.82 -8.47
C THR A 63 -12.97 -12.45 -8.17
N PRO A 64 -12.45 -13.29 -9.03
CA PRO A 64 -11.12 -13.93 -8.81
C PRO A 64 -10.08 -12.94 -8.29
N ASP A 65 -10.41 -11.66 -8.32
CA ASP A 65 -9.49 -10.61 -7.84
C ASP A 65 -9.92 -9.25 -8.37
N LEU A 66 -11.02 -8.73 -7.83
CA LEU A 66 -11.53 -7.43 -8.23
C LEU A 66 -12.37 -6.82 -7.12
N GLU A 67 -11.82 -5.82 -6.45
CA GLU A 67 -12.54 -5.17 -5.35
C GLU A 67 -11.88 -3.85 -4.99
N PRO A 68 -12.61 -2.89 -4.48
CA PRO A 68 -12.05 -1.57 -4.07
C PRO A 68 -10.99 -1.74 -2.99
N TYR A 69 -10.00 -0.85 -2.98
CA TYR A 69 -8.93 -0.90 -1.99
C TYR A 69 -8.92 0.35 -1.12
N ALA A 70 -8.85 0.15 0.18
CA ALA A 70 -8.83 1.27 1.13
C ALA A 70 -7.74 1.06 2.18
N TRP A 71 -6.83 2.04 2.27
CA TRP A 71 -5.74 1.96 3.23
C TRP A 71 -5.85 3.07 4.27
N ALA A 72 -5.41 2.78 5.49
CA ALA A 72 -5.46 3.77 6.56
C ALA A 72 -4.48 3.42 7.67
N GLY A 73 -3.69 4.40 8.10
CA GLY A 73 -2.72 4.17 9.16
C GLY A 73 -2.02 5.48 9.56
N ALA A 74 -0.91 5.35 10.27
CA ALA A 74 -0.17 6.53 10.71
C ALA A 74 1.22 6.56 10.07
N THR A 75 1.68 7.76 9.73
CA THR A 75 2.99 7.91 9.11
C THR A 75 4.00 8.45 10.11
N TYR A 76 5.00 7.64 10.45
CA TYR A 76 6.02 8.04 11.40
C TYR A 76 7.27 8.52 10.67
N ASN A 77 7.53 9.82 10.72
CA ASN A 77 8.70 10.38 10.06
C ASN A 77 9.92 10.30 10.97
N THR A 78 11.10 10.17 10.38
CA THR A 78 12.33 10.08 11.15
C THR A 78 12.48 11.29 12.07
N ASP A 79 11.77 12.37 11.74
CA ASP A 79 11.83 13.59 12.54
C ASP A 79 11.03 13.41 13.83
N ASN A 80 10.82 12.16 14.22
CA ASN A 80 10.07 11.86 15.43
C ASN A 80 8.67 12.46 15.35
N THR A 81 8.15 12.59 14.13
CA THR A 81 6.82 13.15 13.93
C THR A 81 5.82 12.05 13.58
N LEU A 82 4.61 12.17 14.13
CA LEU A 82 3.57 11.18 13.89
C LEU A 82 2.26 11.87 13.51
N VAL A 83 1.78 11.58 12.30
CA VAL A 83 0.54 12.18 11.82
C VAL A 83 -0.31 11.14 11.10
N PRO A 84 -1.61 11.35 11.02
CA PRO A 84 -2.53 10.39 10.34
C PRO A 84 -2.32 10.38 8.83
N ALA A 85 -2.82 9.33 8.18
CA ALA A 85 -2.69 9.20 6.73
C ALA A 85 -3.63 8.14 6.20
N ALA A 86 -4.32 8.45 5.11
CA ALA A 86 -5.26 7.51 4.51
C ALA A 86 -5.52 7.87 3.06
N GLY A 87 -5.82 6.85 2.25
CA GLY A 87 -6.09 7.08 0.83
C GLY A 87 -7.08 6.04 0.29
N ALA A 88 -7.41 6.15 -0.98
CA ALA A 88 -8.35 5.22 -1.60
C ALA A 88 -7.85 4.80 -2.99
N GLY A 89 -8.29 3.64 -3.44
CA GLY A 89 -7.88 3.13 -4.75
C GLY A 89 -8.73 1.93 -5.16
N PHE A 90 -8.23 1.20 -6.16
CA PHE A 90 -8.94 0.02 -6.64
C PHE A 90 -7.97 -1.08 -7.01
N ARG A 91 -8.37 -2.33 -6.78
CA ARG A 91 -7.51 -3.47 -7.09
C ARG A 91 -8.04 -4.20 -8.32
N TYR A 92 -7.29 -4.10 -9.43
CA TYR A 92 -7.68 -4.75 -10.66
C TYR A 92 -6.72 -5.88 -11.00
N LYS A 93 -7.24 -6.95 -11.60
CA LYS A 93 -6.40 -8.09 -11.98
C LYS A 93 -5.87 -7.91 -13.39
N VAL A 94 -4.64 -8.40 -13.62
CA VAL A 94 -4.02 -8.30 -14.93
C VAL A 94 -3.42 -9.64 -15.33
N SER A 95 -2.85 -10.35 -14.35
CA SER A 95 -2.23 -11.65 -14.61
C SER A 95 -2.29 -12.52 -13.36
N PRO A 96 -2.11 -13.80 -13.51
CA PRO A 96 -2.14 -14.76 -12.37
C PRO A 96 -0.91 -14.63 -11.47
N GLU A 97 0.08 -13.86 -11.92
CA GLU A 97 1.31 -13.66 -11.16
C GLU A 97 1.56 -12.18 -10.92
N VAL A 98 1.07 -11.34 -11.82
CA VAL A 98 1.25 -9.89 -11.69
C VAL A 98 -0.08 -9.20 -11.41
N LYS A 99 -0.09 -8.36 -10.37
CA LYS A 99 -1.29 -7.63 -9.99
C LYS A 99 -1.09 -6.13 -10.18
N LEU A 100 -2.17 -5.43 -10.54
CA LEU A 100 -2.11 -3.99 -10.75
C LEU A 100 -2.96 -3.25 -9.73
N VAL A 101 -2.42 -2.17 -9.19
CA VAL A 101 -3.13 -1.38 -8.19
C VAL A 101 -2.94 0.11 -8.45
N VAL A 102 -3.94 0.91 -8.08
CA VAL A 102 -3.87 2.35 -8.27
C VAL A 102 -4.59 3.05 -7.12
N GLU A 103 -3.83 3.69 -6.27
CA GLU A 103 -4.39 4.41 -5.13
C GLU A 103 -3.67 5.75 -4.92
N TYR A 104 -4.41 6.72 -4.39
CA TYR A 104 -3.85 8.05 -4.13
C TYR A 104 -3.88 8.35 -2.64
N GLY A 105 -2.81 8.97 -2.15
CA GLY A 105 -2.72 9.32 -0.74
C GLY A 105 -3.34 10.69 -0.47
N TRP A 106 -4.03 10.81 0.66
CA TRP A 106 -4.67 12.08 1.01
C TRP A 106 -4.53 12.34 2.51
N ASN A 107 -4.53 13.61 2.89
CA ASN A 107 -4.42 13.99 4.29
C ASN A 107 -5.32 15.17 4.60
N ASN A 108 -5.57 15.40 5.88
CA ASN A 108 -6.42 16.51 6.31
C ASN A 108 -6.08 17.78 5.53
N SER A 109 -6.91 18.12 4.56
CA SER A 109 -6.69 19.31 3.75
C SER A 109 -5.21 19.44 3.38
N SER A 110 -4.85 18.93 2.20
CA SER A 110 -3.47 18.99 1.75
C SER A 110 -3.36 18.45 0.32
N LEU A 111 -2.28 18.81 -0.36
CA LEU A 111 -2.06 18.37 -1.72
C LEU A 111 -2.30 16.86 -1.84
N GLN A 112 -2.68 16.42 -3.04
CA GLN A 112 -2.94 15.01 -3.27
C GLN A 112 -1.85 14.39 -4.13
N PHE A 113 -1.66 13.08 -4.00
CA PHE A 113 -0.64 12.38 -4.77
C PHE A 113 -1.17 11.05 -5.29
N LEU A 114 -0.63 10.61 -6.43
CA LEU A 114 -1.05 9.35 -7.02
C LEU A 114 0.03 8.29 -6.86
N GLN A 115 -0.38 7.04 -6.69
CA GLN A 115 0.57 5.95 -6.52
C GLN A 115 0.17 4.75 -7.38
N ALA A 116 1.13 4.23 -8.13
CA ALA A 116 0.88 3.08 -9.00
C ALA A 116 1.97 2.02 -8.79
N GLY A 117 1.55 0.77 -8.71
CA GLY A 117 2.50 -0.32 -8.50
C GLY A 117 1.85 -1.68 -8.75
N LEU A 118 2.49 -2.74 -8.26
CA LEU A 118 1.97 -4.09 -8.45
C LEU A 118 2.36 -4.98 -7.27
N SER A 119 1.76 -6.16 -7.21
CA SER A 119 2.05 -7.11 -6.14
C SER A 119 2.47 -8.47 -6.71
N TYR A 120 3.18 -9.25 -5.91
CA TYR A 120 3.64 -10.56 -6.34
C TYR A 120 3.51 -11.57 -5.21
N ARG A 121 3.25 -12.82 -5.56
CA ARG A 121 3.12 -13.88 -4.56
C ARG A 121 4.36 -14.76 -4.53
N ILE A 122 4.87 -15.02 -3.34
CA ILE A 122 6.06 -15.85 -3.19
C ILE A 122 5.67 -17.32 -3.02
N GLN A 123 5.10 -17.65 -1.88
CA GLN A 123 4.68 -19.02 -1.59
C GLN A 123 3.15 -19.11 -1.57
N PRO A 124 2.61 -20.29 -1.80
CA PRO A 124 1.13 -20.49 -1.80
C PRO A 124 0.43 -19.66 -0.72
N MET A 1 -9.84 -19.29 1.65
CA MET A 1 -10.00 -19.79 0.25
C MET A 1 -8.65 -20.34 -0.23
N GLN A 2 -7.69 -19.46 -0.45
CA GLN A 2 -6.38 -19.89 -0.93
C GLN A 2 -5.49 -20.25 0.26
N ASP A 3 -4.45 -19.44 0.48
CA ASP A 3 -3.52 -19.69 1.58
C ASP A 3 -4.10 -19.18 2.89
N GLY A 4 -3.95 -19.96 3.95
CA GLY A 4 -4.47 -19.58 5.26
C GLY A 4 -3.59 -18.50 5.89
N PRO A 5 -3.91 -18.11 7.10
CA PRO A 5 -3.15 -17.07 7.84
C PRO A 5 -1.64 -17.33 7.81
N GLY A 6 -0.86 -16.26 7.80
CA GLY A 6 0.59 -16.39 7.78
C GLY A 6 1.13 -16.22 6.37
N THR A 7 0.29 -15.71 5.47
CA THR A 7 0.70 -15.51 4.08
C THR A 7 1.72 -14.38 3.99
N LEU A 8 2.62 -14.47 3.02
CA LEU A 8 3.65 -13.46 2.83
C LEU A 8 3.75 -13.07 1.35
N ASP A 9 3.67 -11.77 1.08
CA ASP A 9 3.74 -11.29 -0.29
C ASP A 9 4.57 -9.99 -0.36
N VAL A 10 5.18 -9.76 -1.50
CA VAL A 10 6.00 -8.56 -1.70
C VAL A 10 5.33 -7.63 -2.71
N PHE A 11 5.30 -6.35 -2.40
CA PHE A 11 4.68 -5.37 -3.30
C PHE A 11 5.33 -4.00 -3.15
N VAL A 12 5.49 -3.30 -4.27
CA VAL A 12 6.08 -1.98 -4.25
C VAL A 12 5.03 -0.92 -4.55
N ALA A 13 5.26 0.30 -4.08
CA ALA A 13 4.34 1.39 -4.30
C ALA A 13 5.06 2.72 -4.23
N ALA A 14 5.14 3.39 -5.36
CA ALA A 14 5.81 4.68 -5.44
C ALA A 14 4.79 5.82 -5.43
N GLY A 15 4.99 6.80 -4.57
CA GLY A 15 4.08 7.94 -4.48
C GLY A 15 4.55 9.09 -5.34
N TRP A 16 3.65 10.03 -5.60
CA TRP A 16 3.98 11.19 -6.42
C TRP A 16 3.20 12.42 -5.95
N ASN A 17 3.93 13.47 -5.61
CA ASN A 17 3.30 14.71 -5.15
C ASN A 17 3.30 15.76 -6.25
N THR A 18 2.24 16.57 -6.29
CA THR A 18 2.14 17.62 -7.30
C THR A 18 3.30 18.59 -7.19
N ASP A 19 3.97 18.58 -6.04
CA ASP A 19 5.10 19.47 -5.81
C ASP A 19 6.29 19.04 -6.67
N ASN A 20 6.05 18.13 -7.60
CA ASN A 20 7.11 17.64 -8.48
C ASN A 20 8.16 16.87 -7.68
N THR A 21 7.70 15.87 -6.93
CA THR A 21 8.61 15.07 -6.13
C THR A 21 8.22 13.59 -6.20
N ILE A 22 9.24 12.73 -6.27
CA ILE A 22 9.00 11.29 -6.35
C ILE A 22 9.22 10.64 -4.99
N GLU A 23 8.45 9.59 -4.71
CA GLU A 23 8.56 8.88 -3.44
C GLU A 23 8.50 7.37 -3.66
N ILE A 24 9.52 6.67 -3.20
CA ILE A 24 9.58 5.22 -3.35
C ILE A 24 9.31 4.53 -2.02
N THR A 25 8.44 3.52 -2.04
CA THR A 25 8.11 2.79 -0.83
C THR A 25 7.85 1.32 -1.15
N GLY A 26 8.44 0.44 -0.35
CA GLY A 26 8.27 -0.99 -0.56
C GLY A 26 8.18 -1.74 0.77
N GLY A 27 7.54 -2.89 0.76
CA GLY A 27 7.39 -3.69 1.97
C GLY A 27 6.78 -5.05 1.66
N ALA A 28 6.09 -5.62 2.63
CA ALA A 28 5.46 -6.93 2.45
C ALA A 28 4.05 -6.93 3.03
N THR A 29 3.16 -7.72 2.43
CA THR A 29 1.79 -7.80 2.88
C THR A 29 1.57 -9.08 3.68
N TYR A 30 1.09 -8.93 4.92
CA TYR A 30 0.84 -10.09 5.77
C TYR A 30 -0.66 -10.37 5.86
N GLN A 31 -1.07 -11.50 5.30
CA GLN A 31 -2.48 -11.88 5.31
C GLN A 31 -2.79 -12.76 6.52
N LEU A 32 -3.49 -12.19 7.50
CA LEU A 32 -3.85 -12.94 8.70
C LEU A 32 -5.25 -13.53 8.56
N SER A 33 -6.14 -12.79 7.92
CA SER A 33 -7.51 -13.26 7.73
C SER A 33 -8.10 -12.66 6.45
N PRO A 34 -9.17 -13.24 5.96
CA PRO A 34 -9.84 -12.75 4.72
C PRO A 34 -10.55 -11.42 4.93
N TYR A 35 -10.61 -10.97 6.19
CA TYR A 35 -11.27 -9.72 6.52
C TYR A 35 -10.36 -8.54 6.21
N ILE A 36 -9.49 -8.21 7.15
CA ILE A 36 -8.55 -7.10 6.98
C ILE A 36 -7.13 -7.61 6.79
N MET A 37 -6.35 -6.90 5.98
CA MET A 37 -4.98 -7.27 5.72
C MET A 37 -4.02 -6.34 6.44
N VAL A 38 -2.73 -6.70 6.45
CA VAL A 38 -1.72 -5.87 7.11
C VAL A 38 -0.51 -5.67 6.20
N LYS A 39 0.10 -4.50 6.29
CA LYS A 39 1.27 -4.20 5.46
C LYS A 39 2.22 -3.26 6.20
N ALA A 40 3.51 -3.39 5.92
CA ALA A 40 4.51 -2.54 6.57
C ALA A 40 5.76 -2.46 5.70
N GLY A 41 6.27 -1.24 5.52
CA GLY A 41 7.46 -1.03 4.71
C GLY A 41 8.15 0.29 5.09
N TYR A 42 9.09 0.71 4.25
CA TYR A 42 9.82 1.94 4.50
C TYR A 42 9.88 2.79 3.23
N GLY A 43 9.82 4.11 3.39
CA GLY A 43 9.87 5.03 2.27
C GLY A 43 11.19 5.81 2.25
N TRP A 44 11.70 6.07 1.06
CA TRP A 44 12.95 6.81 0.91
C TRP A 44 12.83 7.88 -0.16
N ASN A 45 13.54 8.98 0.02
CA ASN A 45 13.50 10.08 -0.94
C ASN A 45 14.67 11.04 -0.71
N ASN A 46 15.75 10.52 -0.13
CA ASN A 46 16.92 11.34 0.13
C ASN A 46 16.56 12.53 1.03
N SER A 47 16.67 12.33 2.34
CA SER A 47 16.36 13.39 3.29
C SER A 47 17.21 13.27 4.53
N SER A 48 16.57 13.28 5.69
CA SER A 48 17.29 13.17 6.96
C SER A 48 17.26 11.74 7.48
N LEU A 49 16.23 11.42 8.25
CA LEU A 49 16.10 10.08 8.81
C LEU A 49 15.42 9.15 7.79
N ASN A 50 14.09 9.20 7.73
CA ASN A 50 13.34 8.35 6.81
C ASN A 50 11.84 8.42 7.09
N ARG A 51 11.07 7.71 6.29
CA ARG A 51 9.63 7.69 6.45
C ARG A 51 9.13 6.26 6.63
N PHE A 52 8.47 6.00 7.77
CA PHE A 52 7.95 4.67 8.04
C PHE A 52 6.45 4.61 7.76
N GLU A 53 5.96 3.42 7.42
CA GLU A 53 4.54 3.26 7.13
C GLU A 53 4.03 1.94 7.72
N PHE A 54 2.88 2.00 8.37
CA PHE A 54 2.29 0.81 8.97
C PHE A 54 0.78 0.97 9.15
N GLY A 55 0.02 0.15 8.45
CA GLY A 55 -1.43 0.22 8.54
C GLY A 55 -2.08 -1.07 8.01
N GLY A 56 -3.27 -0.93 7.43
CA GLY A 56 -3.98 -2.08 6.90
C GLY A 56 -4.66 -1.74 5.58
N GLY A 57 -5.25 -2.74 4.94
CA GLY A 57 -5.94 -2.53 3.67
C GLY A 57 -7.31 -3.20 3.67
N LEU A 58 -8.12 -2.89 2.66
CA LEU A 58 -9.46 -3.45 2.56
C LEU A 58 -9.73 -3.92 1.13
N GLN A 59 -10.24 -5.15 1.01
CA GLN A 59 -10.54 -5.70 -0.31
C GLN A 59 -11.72 -6.68 -0.21
N TYR A 60 -12.30 -7.00 -1.36
CA TYR A 60 -13.43 -7.92 -1.40
C TYR A 60 -13.22 -8.99 -2.47
N LYS A 61 -13.92 -10.12 -2.32
CA LYS A 61 -13.81 -11.22 -3.27
C LYS A 61 -15.17 -11.54 -3.88
N VAL A 62 -15.44 -10.94 -5.04
CA VAL A 62 -16.70 -11.16 -5.74
C VAL A 62 -16.45 -11.52 -7.20
N THR A 63 -15.19 -11.45 -7.62
CA THR A 63 -14.82 -11.76 -8.98
C THR A 63 -13.40 -12.34 -8.99
N PRO A 64 -12.98 -12.98 -10.05
CA PRO A 64 -11.61 -13.57 -10.13
C PRO A 64 -10.55 -12.62 -9.57
N ASP A 65 -10.92 -11.35 -9.37
CA ASP A 65 -10.01 -10.34 -8.83
C ASP A 65 -10.49 -8.94 -9.20
N LEU A 66 -11.51 -8.46 -8.51
CA LEU A 66 -12.05 -7.13 -8.77
C LEU A 66 -12.77 -6.61 -7.54
N GLU A 67 -12.15 -5.65 -6.86
CA GLU A 67 -12.75 -5.08 -5.65
C GLU A 67 -12.10 -3.73 -5.31
N PRO A 68 -12.82 -2.85 -4.66
CA PRO A 68 -12.28 -1.52 -4.28
C PRO A 68 -11.10 -1.65 -3.31
N TYR A 69 -10.23 -0.65 -3.28
CA TYR A 69 -9.07 -0.67 -2.39
C TYR A 69 -9.13 0.48 -1.40
N ALA A 70 -8.90 0.16 -0.13
CA ALA A 70 -8.93 1.18 0.91
C ALA A 70 -7.83 0.90 1.94
N TRP A 71 -6.95 1.88 2.14
CA TRP A 71 -5.86 1.73 3.08
C TRP A 71 -5.70 2.98 3.95
N ALA A 72 -5.29 2.78 5.20
CA ALA A 72 -5.10 3.88 6.12
C ALA A 72 -4.21 3.46 7.29
N GLY A 73 -3.38 4.38 7.75
CA GLY A 73 -2.48 4.07 8.86
C GLY A 73 -1.72 5.33 9.31
N ALA A 74 -0.61 5.11 10.01
CA ALA A 74 0.20 6.21 10.51
C ALA A 74 1.58 6.19 9.85
N THR A 75 2.22 7.36 9.77
CA THR A 75 3.53 7.46 9.15
C THR A 75 4.43 8.37 9.98
N TYR A 76 5.64 7.89 10.26
CA TYR A 76 6.60 8.66 11.05
C TYR A 76 7.57 9.40 10.13
N ASN A 77 7.41 10.72 10.04
CA ASN A 77 8.28 11.53 9.20
C ASN A 77 9.70 11.53 9.74
N THR A 78 10.68 11.68 8.84
CA THR A 78 12.08 11.69 9.24
C THR A 78 12.28 12.62 10.43
N ASP A 79 11.44 13.65 10.51
CA ASP A 79 11.54 14.60 11.61
C ASP A 79 10.99 13.97 12.89
N ASN A 80 10.89 12.65 12.90
CA ASN A 80 10.38 11.94 14.07
C ASN A 80 8.99 12.45 14.44
N THR A 81 8.27 12.94 13.44
CA THR A 81 6.92 13.46 13.65
C THR A 81 5.88 12.49 13.11
N LEU A 82 4.66 12.60 13.62
CA LEU A 82 3.56 11.74 13.18
C LEU A 82 2.89 12.30 11.94
N VAL A 83 2.39 11.43 11.08
CA VAL A 83 1.72 11.85 9.86
C VAL A 83 0.61 10.87 9.49
N PRO A 84 -0.58 11.04 10.04
CA PRO A 84 -1.72 10.15 9.74
C PRO A 84 -2.45 10.53 8.46
N ALA A 85 -2.72 9.55 7.62
CA ALA A 85 -3.41 9.80 6.36
C ALA A 85 -4.22 8.58 5.93
N ALA A 86 -4.97 8.73 4.84
CA ALA A 86 -5.79 7.63 4.34
C ALA A 86 -6.06 7.82 2.85
N GLY A 87 -6.03 6.72 2.10
CA GLY A 87 -6.27 6.78 0.67
C GLY A 87 -7.15 5.61 0.22
N ALA A 88 -7.79 5.77 -0.93
CA ALA A 88 -8.67 4.73 -1.46
C ALA A 88 -8.69 4.78 -2.98
N GLY A 89 -8.75 3.61 -3.61
CA GLY A 89 -8.77 3.53 -5.06
C GLY A 89 -9.45 2.26 -5.54
N PHE A 90 -8.77 1.50 -6.38
CA PHE A 90 -9.32 0.25 -6.89
C PHE A 90 -8.22 -0.79 -7.07
N ARG A 91 -8.62 -2.05 -7.21
CA ARG A 91 -7.66 -3.14 -7.39
C ARG A 91 -8.10 -4.07 -8.51
N TYR A 92 -7.28 -4.18 -9.54
CA TYR A 92 -7.58 -5.03 -10.68
C TYR A 92 -6.36 -5.87 -11.06
N LYS A 93 -6.61 -7.04 -11.64
CA LYS A 93 -5.52 -7.92 -12.05
C LYS A 93 -5.10 -7.62 -13.50
N VAL A 94 -3.80 -7.56 -13.72
CA VAL A 94 -3.26 -7.29 -15.05
C VAL A 94 -2.67 -8.56 -15.65
N SER A 95 -2.09 -9.39 -14.80
CA SER A 95 -1.48 -10.63 -15.25
C SER A 95 -1.72 -11.74 -14.23
N PRO A 96 -1.55 -12.98 -14.63
CA PRO A 96 -1.77 -14.15 -13.73
C PRO A 96 -0.65 -14.29 -12.69
N GLU A 97 0.43 -13.56 -12.89
CA GLU A 97 1.57 -13.61 -11.96
C GLU A 97 1.83 -12.23 -11.35
N VAL A 98 1.13 -11.23 -11.85
CA VAL A 98 1.30 -9.87 -11.35
C VAL A 98 -0.06 -9.21 -11.10
N LYS A 99 -0.09 -8.26 -10.16
CA LYS A 99 -1.32 -7.55 -9.83
C LYS A 99 -1.08 -6.05 -9.83
N LEU A 100 -2.00 -5.31 -10.43
CA LEU A 100 -1.88 -3.86 -10.50
C LEU A 100 -2.80 -3.19 -9.48
N VAL A 101 -2.28 -2.14 -8.84
CA VAL A 101 -3.06 -1.42 -7.84
C VAL A 101 -2.85 0.08 -7.98
N VAL A 102 -3.88 0.85 -7.64
CA VAL A 102 -3.79 2.30 -7.72
C VAL A 102 -4.62 2.93 -6.61
N GLU A 103 -3.93 3.52 -5.65
CA GLU A 103 -4.58 4.16 -4.51
C GLU A 103 -4.46 5.68 -4.61
N TYR A 104 -5.43 6.39 -4.03
CA TYR A 104 -5.42 7.85 -4.04
C TYR A 104 -5.11 8.39 -2.65
N GLY A 105 -4.03 9.16 -2.55
CA GLY A 105 -3.63 9.73 -1.27
C GLY A 105 -4.50 10.95 -0.93
N TRP A 106 -5.03 10.97 0.29
CA TRP A 106 -5.87 12.08 0.72
C TRP A 106 -5.51 12.50 2.15
N ASN A 107 -5.60 13.80 2.41
CA ASN A 107 -5.27 14.32 3.73
C ASN A 107 -6.25 15.42 4.13
N ASN A 108 -6.30 15.72 5.42
CA ASN A 108 -7.19 16.77 5.91
C ASN A 108 -6.63 18.15 5.60
N SER A 109 -7.28 18.86 4.69
CA SER A 109 -6.84 20.19 4.30
C SER A 109 -5.34 20.21 4.07
N SER A 110 -4.88 19.40 3.12
CA SER A 110 -3.46 19.33 2.80
C SER A 110 -3.24 18.79 1.40
N LEU A 111 -2.01 18.91 0.91
CA LEU A 111 -1.69 18.41 -0.43
C LEU A 111 -2.01 16.93 -0.55
N GLN A 112 -2.33 16.50 -1.77
CA GLN A 112 -2.65 15.09 -2.02
C GLN A 112 -1.62 14.46 -2.94
N PHE A 113 -1.77 13.17 -3.19
CA PHE A 113 -0.84 12.46 -4.06
C PHE A 113 -1.43 11.12 -4.51
N LEU A 114 -0.86 10.56 -5.57
CA LEU A 114 -1.34 9.29 -6.11
C LEU A 114 -0.34 8.18 -5.80
N GLN A 115 -0.82 6.94 -5.82
CA GLN A 115 0.03 5.79 -5.55
C GLN A 115 -0.15 4.71 -6.62
N ALA A 116 0.95 4.33 -7.26
CA ALA A 116 0.90 3.31 -8.30
C ALA A 116 2.01 2.29 -8.10
N GLY A 117 1.66 1.02 -8.17
CA GLY A 117 2.65 -0.05 -8.00
C GLY A 117 2.06 -1.40 -8.37
N LEU A 118 2.73 -2.47 -7.93
CA LEU A 118 2.27 -3.82 -8.22
C LEU A 118 2.52 -4.75 -7.03
N SER A 119 1.94 -5.94 -7.08
CA SER A 119 2.10 -6.91 -6.00
C SER A 119 2.49 -8.27 -6.55
N TYR A 120 3.18 -9.07 -5.74
CA TYR A 120 3.60 -10.40 -6.16
C TYR A 120 3.39 -11.41 -5.04
N ARG A 121 2.88 -12.58 -5.40
CA ARG A 121 2.64 -13.63 -4.41
C ARG A 121 3.76 -14.66 -4.43
N ILE A 122 4.17 -15.09 -3.23
CA ILE A 122 5.25 -16.07 -3.13
C ILE A 122 4.72 -17.48 -3.42
N GLN A 123 3.61 -17.84 -2.78
CA GLN A 123 3.01 -19.15 -2.98
C GLN A 123 1.49 -19.05 -3.00
N PRO A 124 0.81 -19.98 -3.62
CA PRO A 124 -0.68 -19.97 -3.69
C PRO A 124 -1.33 -20.25 -2.34
N MET A 1 -5.43 -26.76 1.65
CA MET A 1 -5.30 -25.39 2.22
C MET A 1 -3.88 -24.88 1.97
N GLN A 2 -3.70 -24.15 0.88
CA GLN A 2 -2.39 -23.60 0.53
C GLN A 2 -2.30 -22.14 0.96
N ASP A 3 -3.26 -21.33 0.50
CA ASP A 3 -3.26 -19.92 0.85
C ASP A 3 -3.69 -19.72 2.30
N GLY A 4 -3.12 -20.51 3.20
CA GLY A 4 -3.45 -20.42 4.61
C GLY A 4 -3.03 -19.06 5.19
N PRO A 5 -3.31 -18.83 6.43
CA PRO A 5 -2.96 -17.56 7.12
C PRO A 5 -1.47 -17.46 7.41
N GLY A 6 -0.95 -16.23 7.40
CA GLY A 6 0.47 -16.01 7.67
C GLY A 6 1.26 -15.92 6.36
N THR A 7 0.55 -15.78 5.25
CA THR A 7 1.19 -15.68 3.95
C THR A 7 2.04 -14.42 3.86
N LEU A 8 2.96 -14.39 2.90
CA LEU A 8 3.83 -13.23 2.72
C LEU A 8 3.93 -12.86 1.24
N ASP A 9 3.83 -11.57 0.95
CA ASP A 9 3.90 -11.09 -0.42
C ASP A 9 4.73 -9.81 -0.50
N VAL A 10 5.43 -9.64 -1.62
CA VAL A 10 6.25 -8.45 -1.83
C VAL A 10 5.58 -7.50 -2.80
N PHE A 11 5.56 -6.22 -2.45
CA PHE A 11 4.94 -5.22 -3.32
C PHE A 11 5.62 -3.87 -3.17
N VAL A 12 5.63 -3.10 -4.25
CA VAL A 12 6.25 -1.77 -4.24
C VAL A 12 5.17 -0.70 -4.31
N ALA A 13 5.54 0.53 -3.94
CA ALA A 13 4.60 1.63 -3.98
C ALA A 13 5.34 2.96 -4.11
N ALA A 14 5.18 3.59 -5.25
CA ALA A 14 5.84 4.87 -5.51
C ALA A 14 4.83 6.00 -5.46
N GLY A 15 5.11 7.01 -4.63
CA GLY A 15 4.22 8.16 -4.50
C GLY A 15 4.63 9.29 -5.43
N TRP A 16 3.65 10.04 -5.91
CA TRP A 16 3.92 11.15 -6.81
C TRP A 16 3.08 12.37 -6.43
N ASN A 17 3.74 13.49 -6.17
CA ASN A 17 3.04 14.72 -5.80
C ASN A 17 2.98 15.68 -6.98
N THR A 18 1.89 16.43 -7.08
CA THR A 18 1.71 17.39 -8.16
C THR A 18 2.84 18.43 -8.14
N ASP A 19 3.61 18.42 -7.07
CA ASP A 19 4.72 19.36 -6.93
C ASP A 19 5.95 18.84 -7.66
N ASN A 20 5.75 17.83 -8.51
CA ASN A 20 6.86 17.26 -9.26
C ASN A 20 7.79 16.49 -8.34
N THR A 21 7.25 15.97 -7.25
CA THR A 21 8.04 15.21 -6.29
C THR A 21 7.85 13.71 -6.50
N ILE A 22 8.84 12.93 -6.09
CA ILE A 22 8.76 11.48 -6.23
C ILE A 22 9.30 10.79 -4.98
N GLU A 23 8.60 9.75 -4.54
CA GLU A 23 9.00 9.01 -3.36
C GLU A 23 8.87 7.51 -3.58
N ILE A 24 9.89 6.76 -3.19
CA ILE A 24 9.88 5.31 -3.36
C ILE A 24 9.59 4.62 -2.03
N THR A 25 8.75 3.59 -2.08
CA THR A 25 8.39 2.85 -0.88
C THR A 25 8.17 1.38 -1.19
N GLY A 26 8.63 0.51 -0.30
CA GLY A 26 8.48 -0.93 -0.50
C GLY A 26 8.34 -1.64 0.84
N GLY A 27 7.64 -2.78 0.83
CA GLY A 27 7.45 -3.56 2.05
C GLY A 27 6.84 -4.92 1.73
N ALA A 28 6.17 -5.50 2.72
CA ALA A 28 5.54 -6.80 2.54
C ALA A 28 4.15 -6.82 3.18
N THR A 29 3.22 -7.51 2.53
CA THR A 29 1.86 -7.61 3.03
C THR A 29 1.62 -8.97 3.67
N TYR A 30 1.04 -8.97 4.86
CA TYR A 30 0.76 -10.22 5.57
C TYR A 30 -0.73 -10.55 5.49
N GLN A 31 -1.04 -11.72 4.94
CA GLN A 31 -2.42 -12.16 4.82
C GLN A 31 -2.79 -13.14 5.93
N LEU A 32 -3.51 -12.65 6.92
CA LEU A 32 -3.92 -13.50 8.05
C LEU A 32 -5.37 -13.94 7.88
N SER A 33 -6.16 -13.11 7.19
CA SER A 33 -7.57 -13.43 6.97
C SER A 33 -8.19 -12.42 6.00
N PRO A 34 -9.33 -12.75 5.43
CA PRO A 34 -10.04 -11.85 4.47
C PRO A 34 -10.64 -10.63 5.17
N TYR A 35 -10.68 -10.67 6.50
CA TYR A 35 -11.23 -9.57 7.27
C TYR A 35 -10.45 -8.28 7.01
N ILE A 36 -9.20 -8.26 7.44
CA ILE A 36 -8.35 -7.08 7.26
C ILE A 36 -6.92 -7.50 6.96
N MET A 37 -6.26 -6.75 6.07
CA MET A 37 -4.87 -7.06 5.71
C MET A 37 -3.92 -6.09 6.41
N VAL A 38 -2.67 -6.53 6.59
CA VAL A 38 -1.67 -5.70 7.25
C VAL A 38 -0.41 -5.62 6.38
N LYS A 39 0.23 -4.45 6.39
CA LYS A 39 1.44 -4.25 5.61
C LYS A 39 2.33 -3.20 6.25
N ALA A 40 3.63 -3.30 6.01
CA ALA A 40 4.58 -2.34 6.56
C ALA A 40 5.85 -2.28 5.73
N GLY A 41 6.45 -1.09 5.64
CA GLY A 41 7.67 -0.92 4.87
C GLY A 41 8.36 0.40 5.22
N TYR A 42 9.18 0.90 4.30
CA TYR A 42 9.89 2.15 4.53
C TYR A 42 9.85 3.02 3.27
N GLY A 43 9.72 4.33 3.47
CA GLY A 43 9.67 5.27 2.35
C GLY A 43 10.95 6.09 2.28
N TRP A 44 11.55 6.14 1.09
CA TRP A 44 12.78 6.90 0.90
C TRP A 44 12.49 8.20 0.15
N ASN A 45 12.91 9.31 0.73
CA ASN A 45 12.69 10.62 0.12
C ASN A 45 13.89 11.00 -0.76
N ASN A 46 14.48 12.15 -0.47
CA ASN A 46 15.63 12.62 -1.24
C ASN A 46 16.79 11.64 -1.11
N SER A 47 17.31 11.49 0.10
CA SER A 47 18.42 10.59 0.35
C SER A 47 18.61 10.36 1.85
N SER A 48 18.45 11.44 2.62
CA SER A 48 18.60 11.34 4.07
C SER A 48 17.26 11.03 4.74
N LEU A 49 17.23 11.13 6.06
CA LEU A 49 16.00 10.85 6.80
C LEU A 49 15.46 9.47 6.46
N ASN A 50 14.52 8.99 7.26
CA ASN A 50 13.93 7.67 7.02
C ASN A 50 12.48 7.65 7.52
N ARG A 51 11.57 7.29 6.62
CA ARG A 51 10.15 7.21 6.97
C ARG A 51 9.73 5.77 7.19
N PHE A 52 8.63 5.59 7.92
CA PHE A 52 8.12 4.25 8.20
C PHE A 52 6.61 4.22 8.06
N GLU A 53 6.12 3.49 7.06
CA GLU A 53 4.69 3.39 6.83
C GLU A 53 4.12 2.17 7.55
N PHE A 54 2.91 2.30 8.08
CA PHE A 54 2.26 1.20 8.78
C PHE A 54 0.74 1.38 8.78
N GLY A 55 0.05 0.38 8.24
CA GLY A 55 -1.42 0.44 8.18
C GLY A 55 -1.98 -0.88 7.66
N GLY A 56 -3.25 -0.85 7.25
CA GLY A 56 -3.90 -2.05 6.73
C GLY A 56 -4.75 -1.72 5.50
N GLY A 57 -4.88 -2.69 4.61
CA GLY A 57 -5.67 -2.49 3.39
C GLY A 57 -7.03 -3.16 3.51
N LEU A 58 -7.88 -2.95 2.51
CA LEU A 58 -9.22 -3.53 2.51
C LEU A 58 -9.57 -4.07 1.12
N GLN A 59 -10.03 -5.32 1.08
CA GLN A 59 -10.40 -5.95 -0.19
C GLN A 59 -11.66 -6.79 -0.01
N TYR A 60 -12.28 -7.15 -1.13
CA TYR A 60 -13.49 -7.96 -1.11
C TYR A 60 -13.37 -9.15 -2.06
N LYS A 61 -13.87 -10.30 -1.63
CA LYS A 61 -13.82 -11.50 -2.45
C LYS A 61 -15.07 -11.61 -3.33
N VAL A 62 -14.87 -11.89 -4.61
CA VAL A 62 -15.99 -12.02 -5.54
C VAL A 62 -15.51 -12.52 -6.89
N THR A 63 -14.29 -12.16 -7.26
CA THR A 63 -13.72 -12.58 -8.54
C THR A 63 -12.29 -13.04 -8.32
N PRO A 64 -11.71 -13.75 -9.26
CA PRO A 64 -10.31 -14.23 -9.13
C PRO A 64 -9.37 -13.17 -8.56
N ASP A 65 -9.84 -11.92 -8.54
CA ASP A 65 -9.05 -10.80 -8.01
C ASP A 65 -9.58 -9.47 -8.56
N LEU A 66 -10.71 -9.02 -8.03
CA LEU A 66 -11.29 -7.75 -8.47
C LEU A 66 -12.18 -7.18 -7.36
N GLU A 67 -11.70 -6.13 -6.71
CA GLU A 67 -12.46 -5.50 -5.64
C GLU A 67 -11.89 -4.12 -5.30
N PRO A 68 -12.69 -3.24 -4.76
CA PRO A 68 -12.22 -1.87 -4.39
C PRO A 68 -11.08 -1.93 -3.38
N TYR A 69 -10.28 -0.87 -3.32
CA TYR A 69 -9.15 -0.81 -2.41
C TYR A 69 -9.31 0.32 -1.41
N ALA A 70 -9.10 0.01 -0.13
CA ALA A 70 -9.22 1.00 0.94
C ALA A 70 -8.20 0.73 2.03
N TRP A 71 -7.37 1.73 2.31
CA TRP A 71 -6.35 1.58 3.35
C TRP A 71 -6.27 2.84 4.22
N ALA A 72 -5.64 2.71 5.37
CA ALA A 72 -5.50 3.83 6.30
C ALA A 72 -4.37 3.56 7.30
N GLY A 73 -3.65 4.61 7.66
CA GLY A 73 -2.55 4.48 8.60
C GLY A 73 -1.80 5.79 8.76
N ALA A 74 -0.57 5.71 9.27
CA ALA A 74 0.24 6.90 9.47
C ALA A 74 1.71 6.62 9.15
N THR A 75 2.52 7.67 9.14
CA THR A 75 3.94 7.53 8.84
C THR A 75 4.78 8.17 9.94
N TYR A 76 5.67 7.38 10.54
CA TYR A 76 6.53 7.89 11.60
C TYR A 76 7.94 8.15 11.07
N ASN A 77 8.38 9.39 11.16
CA ASN A 77 9.71 9.76 10.69
C ASN A 77 10.72 9.70 11.83
N THR A 78 11.97 9.40 11.49
CA THR A 78 13.03 9.31 12.49
C THR A 78 12.98 10.52 13.42
N ASP A 79 12.41 11.62 12.94
CA ASP A 79 12.31 12.83 13.73
C ASP A 79 11.02 12.83 14.55
N ASN A 80 10.50 11.63 14.81
CA ASN A 80 9.26 11.51 15.59
C ASN A 80 8.15 12.34 14.96
N THR A 81 8.10 12.33 13.63
CA THR A 81 7.07 13.09 12.92
C THR A 81 5.88 12.21 12.58
N LEU A 82 4.69 12.62 13.01
CA LEU A 82 3.48 11.86 12.73
C LEU A 82 2.79 12.38 11.48
N VAL A 83 2.36 11.46 10.62
CA VAL A 83 1.67 11.84 9.39
C VAL A 83 0.48 10.93 9.12
N PRO A 84 -0.66 11.21 9.70
CA PRO A 84 -1.88 10.39 9.51
C PRO A 84 -2.65 10.77 8.25
N ALA A 85 -3.11 9.76 7.51
CA ALA A 85 -3.85 10.01 6.28
C ALA A 85 -4.57 8.75 5.83
N ALA A 86 -5.34 8.87 4.75
CA ALA A 86 -6.08 7.73 4.23
C ALA A 86 -6.11 7.77 2.70
N GLY A 87 -6.22 6.60 2.09
CA GLY A 87 -6.26 6.51 0.63
C GLY A 87 -7.31 5.51 0.18
N ALA A 88 -7.96 5.82 -0.95
CA ALA A 88 -8.98 4.94 -1.49
C ALA A 88 -8.86 4.83 -3.01
N GLY A 89 -8.91 3.61 -3.51
CA GLY A 89 -8.80 3.38 -4.95
C GLY A 89 -9.44 2.06 -5.34
N PHE A 90 -8.69 1.21 -6.04
CA PHE A 90 -9.20 -0.08 -6.47
C PHE A 90 -8.06 -1.02 -6.84
N ARG A 91 -8.37 -2.31 -6.94
CA ARG A 91 -7.38 -3.32 -7.28
C ARG A 91 -7.86 -4.17 -8.44
N TYR A 92 -7.22 -4.01 -9.60
CA TYR A 92 -7.60 -4.77 -10.79
C TYR A 92 -6.53 -5.81 -11.11
N LYS A 93 -6.95 -6.92 -11.72
CA LYS A 93 -6.01 -7.99 -12.08
C LYS A 93 -5.53 -7.81 -13.52
N VAL A 94 -4.27 -7.45 -13.67
CA VAL A 94 -3.69 -7.25 -14.99
C VAL A 94 -2.90 -8.48 -15.42
N SER A 95 -1.95 -8.90 -14.58
CA SER A 95 -1.13 -10.06 -14.89
C SER A 95 -1.61 -11.27 -14.09
N PRO A 96 -1.22 -12.46 -14.50
CA PRO A 96 -1.62 -13.71 -13.82
C PRO A 96 -0.94 -13.87 -12.46
N GLU A 97 0.36 -13.59 -12.41
CA GLU A 97 1.10 -13.72 -11.16
C GLU A 97 1.29 -12.35 -10.50
N VAL A 98 0.91 -11.30 -11.22
CA VAL A 98 1.04 -9.94 -10.69
C VAL A 98 -0.24 -9.14 -10.91
N LYS A 99 -0.53 -8.22 -10.00
CA LYS A 99 -1.72 -7.39 -10.10
C LYS A 99 -1.36 -5.92 -9.96
N LEU A 100 -2.14 -5.06 -10.62
CA LEU A 100 -1.89 -3.62 -10.56
C LEU A 100 -2.83 -2.95 -9.56
N VAL A 101 -2.32 -1.93 -8.88
CA VAL A 101 -3.13 -1.22 -7.89
C VAL A 101 -2.91 0.28 -8.02
N VAL A 102 -3.93 1.07 -7.68
CA VAL A 102 -3.84 2.51 -7.74
C VAL A 102 -4.66 3.13 -6.62
N GLU A 103 -3.95 3.71 -5.66
CA GLU A 103 -4.60 4.35 -4.52
C GLU A 103 -4.36 5.85 -4.54
N TYR A 104 -5.39 6.61 -4.19
CA TYR A 104 -5.28 8.06 -4.17
C TYR A 104 -5.15 8.58 -2.74
N GLY A 105 -4.02 9.22 -2.44
CA GLY A 105 -3.78 9.74 -1.11
C GLY A 105 -4.48 11.08 -0.90
N TRP A 106 -5.13 11.24 0.24
CA TRP A 106 -5.83 12.48 0.54
C TRP A 106 -6.00 12.65 2.06
N ASN A 107 -6.28 13.88 2.47
CA ASN A 107 -6.46 14.16 3.89
C ASN A 107 -7.13 15.52 4.09
N ASN A 108 -7.71 15.73 5.26
CA ASN A 108 -8.39 16.98 5.56
C ASN A 108 -7.53 18.17 5.12
N SER A 109 -7.97 18.84 4.06
CA SER A 109 -7.24 19.99 3.54
C SER A 109 -5.76 19.67 3.41
N SER A 110 -5.37 19.08 2.29
CA SER A 110 -3.98 18.74 2.05
C SER A 110 -3.76 18.36 0.59
N LEU A 111 -2.55 18.59 0.10
CA LEU A 111 -2.22 18.27 -1.28
C LEU A 111 -2.63 16.83 -1.62
N GLN A 112 -2.90 16.58 -2.89
CA GLN A 112 -3.31 15.24 -3.32
C GLN A 112 -2.20 14.58 -4.13
N PHE A 113 -2.09 13.27 -3.99
CA PHE A 113 -1.06 12.52 -4.72
C PHE A 113 -1.61 11.17 -5.19
N LEU A 114 -0.96 10.61 -6.21
CA LEU A 114 -1.38 9.33 -6.75
C LEU A 114 -0.37 8.24 -6.37
N GLN A 115 -0.88 7.11 -5.88
CA GLN A 115 -0.02 6.01 -5.49
C GLN A 115 -0.22 4.80 -6.40
N ALA A 116 0.88 4.34 -7.00
CA ALA A 116 0.82 3.19 -7.89
C ALA A 116 1.80 2.12 -7.43
N GLY A 117 1.33 0.88 -7.37
CA GLY A 117 2.18 -0.22 -6.92
C GLY A 117 1.79 -1.53 -7.60
N LEU A 118 2.42 -2.62 -7.16
CA LEU A 118 2.13 -3.94 -7.72
C LEU A 118 2.46 -5.02 -6.71
N SER A 119 1.55 -5.97 -6.53
CA SER A 119 1.75 -7.07 -5.60
C SER A 119 2.17 -8.34 -6.33
N TYR A 120 2.94 -9.18 -5.64
CA TYR A 120 3.40 -10.44 -6.23
C TYR A 120 3.59 -11.50 -5.15
N ARG A 121 2.72 -12.51 -5.17
CA ARG A 121 2.80 -13.58 -4.19
C ARG A 121 3.99 -14.48 -4.47
N ILE A 122 4.67 -14.90 -3.40
CA ILE A 122 5.84 -15.76 -3.54
C ILE A 122 5.43 -17.23 -3.40
N GLN A 123 4.29 -17.47 -2.77
CA GLN A 123 3.81 -18.83 -2.57
C GLN A 123 2.32 -18.92 -2.92
N PRO A 124 1.84 -20.09 -3.26
CA PRO A 124 0.40 -20.28 -3.62
C PRO A 124 -0.53 -20.12 -2.41
#